data_2XSJ
#
_entry.id   2XSJ
#
_cell.length_a   99.340
_cell.length_b   135.090
_cell.length_c   178.030
_cell.angle_alpha   90.00
_cell.angle_beta   90.00
_cell.angle_gamma   90.00
#
_symmetry.space_group_name_H-M   'P 21 21 21'
#
loop_
_entity.id
_entity.type
_entity.pdbx_description
1 polymer 'SULFITE REDUCTASE ALPHA SUBUNIT'
2 polymer 'SULFITE REDUCTASE BETA SUBUNIT'
3 polymer 'SULFUR RELAY PROTEIN, TUSE/DSRC/DSVC FAMILY'
4 non-polymer 'IRON/SULFUR CLUSTER'
5 non-polymer SIROHEME
6 non-polymer 'SULFITE ION'
7 water water
#
loop_
_entity_poly.entity_id
_entity_poly.type
_entity_poly.pdbx_seq_one_letter_code
_entity_poly.pdbx_strand_id
1 'polypeptide(L)'
;MAKHATPLLDQLQSGPWPSFVADIKEEAERRHSNQDNVEYQIPVDVCDDLLGILELKYSDGTTHWKHGGIVGVFGYGGGV
IGRYCDQPQMFPGVAHFHTVRVAQPAGMYYTTDFLKQLCDLWDMRGSGLTNMHGATGDIVLLGTTTPQLEEFYFELTHKM
NNDLGGSGSNLRTPASCLGDSRCEWACYDAQELCYQMTQEYQDELHRPAFPYKFKFKFDGCPNGCVASIARSDMSFIGTW
RDDIRIDQEAVAAYVGGEIQPNGGAHSGKDWGAFDIQKEVIDLCPTECMWMEDGKLQINNRECTRCMHCLNVMPRALRIG
NDRGLSILVGAKAPILDGAQMGSLLVPFIKVEDPYDEIKEIIEGIWEWWMEEGKNRERLGELIKRQGLAKAIAAVGLTPV
PQHVMEPRHNPYIFWKEKDVEGGWDRDIADYRKHHQR
;
A,D
2 'polypeptide(L)'
;MAFVSSGYNPEKPMENRISDIGPRHASDFFPPVIAKNKGQWLWHEICEPGILMHKAESGDEVYTVRCGGARLMSVGHIRE
ICAIADKFCGGHLRFTTRNNIEFMVTTLDEAKKLKEYLNAQKFEGGSFKFPVGGTGAGITNIVHTQGWVHCHTPATDASG
TVKVVLDELFEEFGQMRMPAQVRISMACCLNMCGAVHCSDIAILGYHRKPPVIDHEWLDNLCEIPLAVAACPVGAIRPTK
KEIVTEKGETKTVNTVAIKNERCMFCGNCYTMCPSLPLSDQTGDGLVIMAGGKVSNRISNPKFSKVVVAFIPNEPPRWPR
LASVIRQIVEAYAADARKYERVGDWAERIGWERFFEKCELDFSIHMIDDFRDPAYYTWRQTTNFKF
;
B,E
3 'polypeptide(L)'
;MAMIEFKGKSFEIDEDGFLLKFEDWGPEWAEYVKESEGISEITEAHQQILDFLQDYYKKNGIAPMVRILSKSTGYKLKQI
YELFPSGPGKGACKMAGLPKPTGCV
;
C,F
#
loop_
_chem_comp.id
_chem_comp.type
_chem_comp.name
_chem_comp.formula
SF4 non-polymer 'IRON/SULFUR CLUSTER' 'Fe4 S4'
SO3 non-polymer 'SULFITE ION' 'O3 S -2'
SRM non-polymer SIROHEME 'C42 H44 Fe N4 O16'
#
# COMPACT_ATOMS: atom_id res chain seq x y z
N ALA A 2 21.89 -48.94 -16.27
CA ALA A 2 21.85 -48.05 -15.05
C ALA A 2 20.95 -48.68 -13.98
N LYS A 3 21.01 -48.18 -12.75
CA LYS A 3 20.31 -48.85 -11.62
C LYS A 3 18.78 -48.80 -11.71
N HIS A 4 18.24 -47.63 -12.05
CA HIS A 4 16.80 -47.44 -12.13
C HIS A 4 16.30 -47.06 -13.53
N ALA A 5 15.13 -47.58 -13.88
CA ALA A 5 14.44 -47.09 -15.08
C ALA A 5 14.05 -45.62 -14.82
N THR A 6 14.34 -44.74 -15.77
CA THR A 6 13.90 -43.35 -15.64
C THR A 6 13.11 -42.84 -16.86
N PRO A 7 11.99 -43.51 -17.22
CA PRO A 7 11.25 -43.16 -18.46
C PRO A 7 10.80 -41.69 -18.56
N LEU A 8 10.39 -41.08 -17.45
CA LEU A 8 9.97 -39.67 -17.45
C LEU A 8 11.17 -38.73 -17.64
N LEU A 9 12.14 -38.81 -16.72
CA LEU A 9 13.40 -38.07 -16.81
C LEU A 9 14.13 -38.23 -18.14
N ASP A 10 14.01 -39.40 -18.78
CA ASP A 10 14.66 -39.62 -20.08
C ASP A 10 14.24 -38.59 -21.13
N GLN A 11 13.03 -38.05 -20.98
CA GLN A 11 12.50 -37.03 -21.92
C GLN A 11 13.28 -35.75 -21.84
N LEU A 12 13.98 -35.53 -20.73
CA LEU A 12 14.75 -34.31 -20.56
C LEU A 12 16.19 -34.41 -21.04
N GLN A 13 16.50 -35.47 -21.78
CA GLN A 13 17.83 -35.66 -22.34
C GLN A 13 17.94 -34.98 -23.70
N SER A 14 16.83 -34.82 -24.38
CA SER A 14 16.79 -34.17 -25.70
C SER A 14 16.53 -32.66 -25.54
N GLY A 15 16.46 -31.95 -26.67
CA GLY A 15 16.34 -30.51 -26.65
C GLY A 15 17.69 -29.86 -26.45
N PRO A 16 17.85 -28.63 -26.92
CA PRO A 16 19.15 -27.95 -27.02
C PRO A 16 19.82 -27.47 -25.70
N TRP A 17 19.04 -27.10 -24.67
CA TRP A 17 19.63 -26.60 -23.43
C TRP A 17 20.32 -27.71 -22.60
N PRO A 18 21.55 -27.44 -22.10
CA PRO A 18 22.31 -28.47 -21.41
C PRO A 18 21.44 -29.27 -20.42
N SER A 19 21.49 -30.59 -20.53
CA SER A 19 20.55 -31.43 -19.81
C SER A 19 21.09 -31.90 -18.46
N PHE A 20 20.50 -31.42 -17.37
CA PHE A 20 20.92 -31.89 -16.07
C PHE A 20 20.83 -33.42 -15.96
N VAL A 21 19.89 -34.01 -16.68
CA VAL A 21 19.75 -35.47 -16.71
C VAL A 21 20.93 -36.15 -17.42
N ALA A 22 21.31 -35.60 -18.56
CA ALA A 22 22.40 -36.15 -19.31
C ALA A 22 23.66 -36.13 -18.45
N ASP A 23 23.85 -35.02 -17.73
CA ASP A 23 25.03 -34.84 -16.91
C ASP A 23 25.03 -35.80 -15.70
N ILE A 24 23.94 -35.87 -14.94
CA ILE A 24 23.90 -36.77 -13.80
C ILE A 24 24.06 -38.25 -14.25
N LYS A 25 23.55 -38.59 -15.43
CA LYS A 25 23.76 -39.95 -15.95
C LYS A 25 25.24 -40.21 -16.20
N GLU A 26 25.92 -39.23 -16.80
CA GLU A 26 27.37 -39.30 -17.04
C GLU A 26 28.14 -39.49 -15.74
N GLU A 27 27.79 -38.72 -14.71
CA GLU A 27 28.50 -38.79 -13.44
C GLU A 27 28.26 -40.14 -12.80
N ALA A 28 27.00 -40.60 -12.82
CA ALA A 28 26.66 -41.94 -12.30
C ALA A 28 27.52 -43.00 -12.96
N GLU A 29 27.77 -42.83 -14.26
CA GLU A 29 28.55 -43.78 -15.04
C GLU A 29 30.04 -43.72 -14.68
N ARG A 30 30.58 -42.50 -14.53
CA ARG A 30 31.97 -42.33 -14.09
C ARG A 30 32.24 -42.92 -12.71
N ARG A 31 31.25 -42.89 -11.82
CA ARG A 31 31.38 -43.56 -10.52
C ARG A 31 31.40 -45.09 -10.64
N HIS A 32 30.49 -45.62 -11.45
CA HIS A 32 30.40 -47.06 -11.66
C HIS A 32 31.71 -47.57 -12.27
N SER A 33 32.20 -46.89 -13.31
CA SER A 33 33.49 -47.23 -13.94
C SER A 33 34.68 -47.08 -13.01
N ASN A 34 34.66 -46.02 -12.22
CA ASN A 34 35.74 -45.63 -11.33
C ASN A 34 37.13 -45.69 -11.96
N GLN A 35 37.30 -45.04 -13.10
CA GLN A 35 38.56 -45.13 -13.81
C GLN A 35 39.78 -44.73 -12.97
N ASP A 36 39.62 -43.82 -12.01
CA ASP A 36 40.76 -43.34 -11.23
C ASP A 36 40.99 -44.02 -9.86
N ASN A 37 40.30 -45.13 -9.62
CA ASN A 37 40.41 -45.86 -8.35
C ASN A 37 40.23 -44.99 -7.10
N VAL A 38 39.23 -44.12 -7.14
CA VAL A 38 38.86 -43.30 -5.98
C VAL A 38 38.14 -44.17 -4.95
N GLU A 39 38.59 -44.10 -3.70
CA GLU A 39 37.97 -44.85 -2.62
C GLU A 39 36.75 -44.09 -2.09
N TYR A 40 35.61 -44.26 -2.77
CA TYR A 40 34.42 -43.46 -2.52
C TYR A 40 33.94 -43.59 -1.09
N GLN A 41 33.70 -42.46 -0.46
CA GLN A 41 33.34 -42.43 0.95
C GLN A 41 31.83 -42.56 1.20
N ILE A 42 31.01 -42.19 0.23
CA ILE A 42 29.56 -42.43 0.28
C ILE A 42 29.13 -43.45 -0.81
N PRO A 43 27.85 -43.89 -0.81
CA PRO A 43 27.53 -44.95 -1.77
C PRO A 43 27.90 -44.62 -3.22
N VAL A 44 28.57 -45.56 -3.90
CA VAL A 44 28.91 -45.43 -5.31
C VAL A 44 27.72 -44.99 -6.16
N ASP A 45 26.57 -45.58 -5.84
CA ASP A 45 25.36 -45.46 -6.68
C ASP A 45 24.48 -44.28 -6.22
N VAL A 46 25.10 -43.32 -5.51
CA VAL A 46 24.42 -42.09 -5.05
C VAL A 46 23.66 -41.34 -6.17
N CYS A 47 24.31 -41.09 -7.30
CA CYS A 47 23.68 -40.44 -8.44
C CYS A 47 22.56 -41.28 -9.09
N ASP A 48 22.75 -42.61 -9.16
CA ASP A 48 21.68 -43.52 -9.65
C ASP A 48 20.46 -43.48 -8.73
N ASP A 49 20.70 -43.42 -7.43
CA ASP A 49 19.57 -43.33 -6.53
C ASP A 49 18.93 -41.94 -6.55
N LEU A 50 19.72 -40.90 -6.89
CA LEU A 50 19.16 -39.57 -6.99
C LEU A 50 18.20 -39.54 -8.17
N LEU A 51 18.64 -40.07 -9.31
CA LEU A 51 17.77 -40.14 -10.49
C LEU A 51 16.54 -40.99 -10.22
N GLY A 52 16.71 -42.07 -9.45
CA GLY A 52 15.60 -42.92 -9.08
C GLY A 52 14.53 -42.21 -8.25
N ILE A 53 14.95 -41.47 -7.25
CA ILE A 53 13.99 -40.84 -6.40
C ILE A 53 13.37 -39.64 -7.12
N LEU A 54 14.17 -38.94 -7.93
CA LEU A 54 13.64 -37.81 -8.68
C LEU A 54 12.56 -38.30 -9.65
N GLU A 55 12.84 -39.40 -10.35
CA GLU A 55 11.88 -40.06 -11.23
C GLU A 55 10.59 -40.40 -10.46
N LEU A 56 10.71 -40.97 -9.28
CA LEU A 56 9.52 -41.20 -8.46
C LEU A 56 8.74 -39.90 -8.19
N LYS A 57 9.46 -38.80 -7.96
CA LYS A 57 8.80 -37.50 -7.82
C LYS A 57 8.09 -37.06 -9.06
N TYR A 58 8.66 -37.35 -10.22
CA TYR A 58 8.06 -36.92 -11.47
C TYR A 58 6.80 -37.73 -11.68
N SER A 59 6.83 -38.99 -11.25
CA SER A 59 5.73 -39.93 -11.37
C SER A 59 4.59 -39.60 -10.44
N ASP A 60 4.89 -39.29 -9.19
CA ASP A 60 3.78 -39.08 -8.23
C ASP A 60 3.52 -37.61 -7.83
N GLY A 61 4.34 -36.71 -8.37
CA GLY A 61 4.11 -35.26 -8.30
C GLY A 61 4.34 -34.58 -6.95
N THR A 62 5.20 -35.17 -6.12
CA THR A 62 5.43 -34.67 -4.76
C THR A 62 6.88 -34.97 -4.39
N THR A 63 7.44 -34.21 -3.46
CA THR A 63 8.85 -34.36 -3.07
C THR A 63 9.06 -35.64 -2.22
N HIS A 64 10.27 -36.20 -2.26
CA HIS A 64 10.53 -37.42 -1.46
C HIS A 64 11.67 -37.20 -0.47
N TRP A 65 11.83 -35.95 -0.03
CA TRP A 65 12.76 -35.62 1.04
C TRP A 65 11.98 -35.45 2.34
N LYS A 66 12.42 -36.09 3.41
CA LYS A 66 11.80 -35.90 4.71
C LYS A 66 11.94 -34.43 5.08
N HIS A 67 11.12 -33.97 6.00
CA HIS A 67 11.24 -32.63 6.55
C HIS A 67 12.59 -32.37 7.24
N GLY A 68 13.23 -31.23 6.93
CA GLY A 68 14.34 -30.70 7.73
C GLY A 68 15.63 -31.52 7.81
N GLY A 69 16.35 -31.33 8.89
CA GLY A 69 17.62 -32.01 9.09
C GLY A 69 18.54 -31.09 9.85
N ILE A 70 19.15 -31.60 10.92
CA ILE A 70 20.09 -30.81 11.69
C ILE A 70 21.42 -31.56 11.77
N VAL A 71 22.32 -31.16 10.88
CA VAL A 71 23.66 -31.72 10.81
C VAL A 71 24.62 -30.57 10.65
N GLY A 72 25.88 -30.78 10.98
CA GLY A 72 26.87 -29.71 10.79
C GLY A 72 28.28 -30.10 11.21
N VAL A 73 29.11 -29.10 11.47
CA VAL A 73 30.46 -29.37 11.93
C VAL A 73 30.70 -28.62 13.23
N PHE A 74 31.47 -29.21 14.14
CA PHE A 74 31.72 -28.59 15.42
C PHE A 74 32.28 -27.17 15.27
N GLY A 75 31.83 -26.27 16.16
CA GLY A 75 32.27 -24.87 16.18
C GLY A 75 31.32 -23.95 15.42
N TYR A 76 30.47 -24.53 14.59
CA TYR A 76 29.63 -23.79 13.66
C TYR A 76 28.21 -24.21 13.89
N GLY A 77 27.28 -23.28 13.77
CA GLY A 77 25.87 -23.59 13.98
C GLY A 77 25.09 -23.58 12.69
N GLY A 78 25.76 -23.43 11.56
CA GLY A 78 25.17 -23.55 10.22
C GLY A 78 26.23 -23.84 9.16
N GLY A 79 25.81 -23.93 7.90
CA GLY A 79 26.75 -24.24 6.83
C GLY A 79 26.35 -25.47 6.03
N VAL A 80 25.65 -26.38 6.68
CA VAL A 80 25.24 -27.60 6.04
C VAL A 80 23.74 -27.74 6.17
N ILE A 81 23.08 -28.10 5.05
CA ILE A 81 21.65 -28.34 5.04
C ILE A 81 21.43 -29.85 4.98
N GLY A 82 21.11 -30.46 6.12
CA GLY A 82 20.87 -31.89 6.17
C GLY A 82 19.59 -32.31 5.45
N ARG A 83 19.63 -33.43 4.74
CA ARG A 83 18.46 -33.94 4.08
C ARG A 83 18.46 -35.47 4.03
N TYR A 84 17.29 -36.05 4.28
CA TYR A 84 17.10 -37.51 4.29
C TYR A 84 15.94 -37.88 3.38
N CYS A 85 16.19 -38.78 2.43
CA CYS A 85 15.12 -39.28 1.56
C CYS A 85 14.03 -39.98 2.40
N ASP A 86 12.79 -39.94 1.92
CA ASP A 86 11.67 -40.50 2.65
C ASP A 86 11.33 -41.92 2.19
N GLN A 87 12.19 -42.51 1.37
CA GLN A 87 12.12 -43.92 1.04
C GLN A 87 13.52 -44.54 1.06
N PRO A 88 14.15 -44.61 2.25
CA PRO A 88 15.54 -45.09 2.36
C PRO A 88 15.81 -46.54 1.91
N GLN A 89 14.80 -47.43 1.96
CA GLN A 89 14.97 -48.81 1.48
C GLN A 89 15.00 -48.90 -0.03
N MET A 90 14.12 -48.12 -0.69
CA MET A 90 14.09 -48.03 -2.14
C MET A 90 15.30 -47.29 -2.70
N PHE A 91 15.80 -46.32 -1.93
CA PHE A 91 16.90 -45.47 -2.43
C PHE A 91 17.97 -45.28 -1.38
N PRO A 92 18.66 -46.37 -1.00
CA PRO A 92 19.66 -46.25 0.08
C PRO A 92 20.84 -45.32 -0.25
N GLY A 93 21.06 -45.02 -1.53
CA GLY A 93 22.16 -44.14 -1.96
C GLY A 93 21.97 -42.66 -1.63
N VAL A 94 20.73 -42.28 -1.38
CA VAL A 94 20.42 -40.91 -0.95
C VAL A 94 19.72 -40.86 0.42
N ALA A 95 19.97 -41.91 1.21
CA ALA A 95 19.45 -42.00 2.58
C ALA A 95 19.89 -40.77 3.40
N HIS A 96 21.19 -40.46 3.33
CA HIS A 96 21.74 -39.17 3.73
C HIS A 96 22.10 -38.49 2.42
N PHE A 97 21.77 -37.21 2.29
CA PHE A 97 22.05 -36.47 1.08
C PHE A 97 22.20 -34.96 1.42
N HIS A 98 23.12 -34.65 2.33
CA HIS A 98 23.24 -33.29 2.84
C HIS A 98 23.95 -32.37 1.82
N THR A 99 23.64 -31.07 1.87
CA THR A 99 24.29 -30.08 1.01
C THR A 99 25.27 -29.25 1.84
N VAL A 100 26.49 -29.08 1.34
CA VAL A 100 27.48 -28.30 2.05
C VAL A 100 27.62 -27.00 1.29
N ARG A 101 27.46 -25.87 2.01
CA ARG A 101 27.61 -24.51 1.43
C ARG A 101 29.03 -24.01 1.63
N VAL A 102 29.68 -23.69 0.53
CA VAL A 102 31.12 -23.41 0.55
C VAL A 102 31.38 -21.99 0.08
N ALA A 103 32.10 -21.24 0.91
CA ALA A 103 32.33 -19.82 0.67
C ALA A 103 33.06 -19.57 -0.65
N GLN A 104 32.46 -18.70 -1.46
CA GLN A 104 32.91 -18.44 -2.82
C GLN A 104 33.73 -17.16 -2.89
N PRO A 105 34.69 -17.05 -3.83
CA PRO A 105 35.32 -15.76 -4.00
C PRO A 105 34.36 -14.76 -4.67
N ALA A 106 34.54 -13.47 -4.34
CA ALA A 106 33.67 -12.41 -4.75
C ALA A 106 33.77 -12.21 -6.24
N GLY A 107 32.65 -12.34 -6.95
CA GLY A 107 32.69 -12.15 -8.40
C GLY A 107 32.91 -13.48 -9.09
N MET A 108 33.08 -14.53 -8.28
CA MET A 108 33.15 -15.91 -8.77
C MET A 108 34.22 -16.15 -9.86
N TYR A 109 35.40 -15.53 -9.69
CA TYR A 109 36.56 -15.85 -10.49
C TYR A 109 37.27 -17.09 -9.92
N TYR A 110 37.70 -17.98 -10.80
CA TYR A 110 38.37 -19.21 -10.40
C TYR A 110 39.59 -19.50 -11.27
N THR A 111 40.58 -20.18 -10.69
CA THR A 111 41.60 -20.88 -11.46
C THR A 111 41.22 -22.36 -11.53
N THR A 112 41.63 -23.04 -12.59
CA THR A 112 41.37 -24.49 -12.71
C THR A 112 42.08 -25.32 -11.62
N ASP A 113 43.23 -24.83 -11.18
CA ASP A 113 43.97 -25.35 -10.01
C ASP A 113 43.02 -25.54 -8.82
N PHE A 114 42.32 -24.48 -8.46
CA PHE A 114 41.43 -24.47 -7.33
C PHE A 114 40.21 -25.37 -7.57
N LEU A 115 39.57 -25.24 -8.73
CA LEU A 115 38.39 -26.04 -9.06
C LEU A 115 38.67 -27.52 -9.14
N LYS A 116 39.78 -27.87 -9.79
CA LYS A 116 40.17 -29.28 -9.87
C LYS A 116 40.41 -29.91 -8.48
N GLN A 117 41.09 -29.16 -7.61
CA GLN A 117 41.34 -29.62 -6.27
C GLN A 117 40.04 -29.84 -5.52
N LEU A 118 39.07 -28.94 -5.70
CA LEU A 118 37.78 -29.08 -5.00
C LEU A 118 37.00 -30.26 -5.56
N CYS A 119 37.08 -30.47 -6.88
CA CYS A 119 36.48 -31.63 -7.51
C CYS A 119 37.06 -32.93 -7.01
N ASP A 120 38.39 -33.06 -6.93
CA ASP A 120 39.02 -34.24 -6.27
C ASP A 120 38.42 -34.51 -4.89
N LEU A 121 38.29 -33.46 -4.10
CA LEU A 121 37.81 -33.60 -2.76
C LEU A 121 36.37 -34.09 -2.77
N TRP A 122 35.52 -33.46 -3.56
CA TRP A 122 34.10 -33.76 -3.50
C TRP A 122 33.78 -35.11 -4.16
N ASP A 123 34.47 -35.42 -5.24
CA ASP A 123 34.43 -36.73 -5.90
C ASP A 123 34.61 -37.85 -4.86
N MET A 124 35.56 -37.70 -3.95
CA MET A 124 35.83 -38.72 -2.94
C MET A 124 34.83 -38.73 -1.79
N ARG A 125 34.52 -37.54 -1.26
CA ARG A 125 33.75 -37.44 0.00
C ARG A 125 32.27 -37.12 -0.18
N GLY A 126 31.86 -36.86 -1.42
CA GLY A 126 30.48 -36.52 -1.70
C GLY A 126 29.95 -37.22 -2.94
N SER A 127 28.93 -36.61 -3.52
CA SER A 127 28.16 -37.23 -4.55
C SER A 127 28.79 -37.00 -5.91
N GLY A 128 29.62 -35.98 -6.01
CA GLY A 128 30.12 -35.57 -7.32
C GLY A 128 29.18 -34.61 -8.03
N LEU A 129 28.15 -34.17 -7.30
CA LEU A 129 27.19 -33.17 -7.78
C LEU A 129 27.31 -31.84 -7.05
N THR A 130 27.06 -30.74 -7.76
CA THR A 130 27.18 -29.40 -7.23
C THR A 130 26.03 -28.52 -7.74
N ASN A 131 25.88 -27.34 -7.14
CA ASN A 131 25.30 -26.21 -7.87
C ASN A 131 26.36 -25.15 -7.95
N MET A 132 26.61 -24.64 -9.15
CA MET A 132 27.43 -23.47 -9.33
C MET A 132 26.57 -22.33 -9.91
N HIS A 133 26.07 -21.38 -9.10
CA HIS A 133 26.19 -21.38 -7.62
C HIS A 133 24.81 -21.29 -6.96
N GLY A 134 24.79 -21.31 -5.63
CA GLY A 134 23.59 -21.07 -4.88
C GLY A 134 23.15 -19.64 -5.07
N ALA A 135 21.85 -19.40 -4.97
CA ALA A 135 21.31 -18.06 -5.21
C ALA A 135 21.96 -16.98 -4.34
N THR A 136 22.30 -17.29 -3.08
CA THR A 136 22.97 -16.36 -2.16
C THR A 136 24.44 -16.16 -2.56
N GLY A 137 25.00 -17.08 -3.34
CA GLY A 137 26.42 -17.01 -3.79
C GLY A 137 27.30 -18.24 -3.52
N ASP A 138 26.92 -19.10 -2.59
CA ASP A 138 27.82 -20.18 -2.16
C ASP A 138 28.08 -21.16 -3.28
N ILE A 139 29.27 -21.74 -3.29
CA ILE A 139 29.51 -22.95 -4.03
C ILE A 139 28.69 -23.98 -3.29
N VAL A 140 27.85 -24.73 -3.99
CA VAL A 140 26.99 -25.72 -3.33
C VAL A 140 27.49 -27.11 -3.67
N LEU A 141 27.78 -27.90 -2.66
CA LEU A 141 28.13 -29.29 -2.89
C LEU A 141 26.96 -30.15 -2.45
N LEU A 142 26.34 -30.82 -3.42
CA LEU A 142 25.03 -31.46 -3.27
C LEU A 142 25.13 -32.95 -2.98
N GLY A 143 25.16 -33.33 -1.71
CA GLY A 143 24.97 -34.72 -1.36
C GLY A 143 26.18 -35.38 -0.77
N THR A 144 26.14 -35.54 0.55
CA THR A 144 27.06 -36.38 1.26
C THR A 144 26.40 -36.95 2.52
N THR A 145 27.16 -37.73 3.27
CA THR A 145 26.64 -38.36 4.49
C THR A 145 27.19 -37.62 5.70
N THR A 146 26.49 -37.80 6.82
CA THR A 146 26.86 -37.22 8.09
C THR A 146 28.32 -37.46 8.49
N PRO A 147 28.80 -38.74 8.46
CA PRO A 147 30.17 -38.97 8.99
C PRO A 147 31.24 -38.29 8.18
N GLN A 148 30.94 -37.97 6.93
CA GLN A 148 31.90 -37.35 6.02
C GLN A 148 31.96 -35.82 6.18
N LEU A 149 30.94 -35.23 6.80
CA LEU A 149 30.93 -33.76 7.02
C LEU A 149 32.25 -33.23 7.62
N GLU A 150 32.69 -33.80 8.76
CA GLU A 150 33.96 -33.36 9.39
C GLU A 150 35.18 -33.69 8.52
N GLU A 151 35.14 -34.82 7.80
CA GLU A 151 36.29 -35.23 7.01
C GLU A 151 36.52 -34.25 5.88
N PHE A 152 35.43 -33.90 5.19
CA PHE A 152 35.48 -32.96 4.07
C PHE A 152 35.91 -31.59 4.58
N TYR A 153 35.30 -31.18 5.69
CA TYR A 153 35.62 -29.91 6.30
C TYR A 153 37.12 -29.81 6.66
N PHE A 154 37.64 -30.86 7.29
CA PHE A 154 39.07 -30.94 7.58
C PHE A 154 39.95 -30.73 6.33
N GLU A 155 39.62 -31.39 5.23
CA GLU A 155 40.43 -31.24 4.00
C GLU A 155 40.21 -29.87 3.35
N LEU A 156 38.97 -29.40 3.30
CA LEU A 156 38.67 -28.08 2.77
C LEU A 156 39.52 -27.00 3.49
N THR A 157 39.52 -27.04 4.83
CA THR A 157 40.22 -26.01 5.59
C THR A 157 41.73 -26.19 5.51
N HIS A 158 42.19 -27.42 5.76
CA HIS A 158 43.64 -27.70 5.83
C HIS A 158 44.38 -27.67 4.49
N LYS A 159 43.79 -28.28 3.47
CA LYS A 159 44.44 -28.38 2.16
C LYS A 159 44.02 -27.28 1.21
N MET A 160 42.82 -26.72 1.37
CA MET A 160 42.32 -25.75 0.42
C MET A 160 42.22 -24.32 0.92
N ASN A 161 42.30 -24.13 2.24
CA ASN A 161 42.25 -22.80 2.83
C ASN A 161 40.92 -22.12 2.45
N ASN A 162 39.85 -22.87 2.52
CA ASN A 162 38.56 -22.33 2.23
C ASN A 162 37.65 -22.65 3.39
N ASP A 163 36.64 -21.80 3.60
CA ASP A 163 35.65 -21.99 4.67
C ASP A 163 34.25 -22.38 4.17
N LEU A 164 33.37 -22.73 5.10
CA LEU A 164 31.98 -22.89 4.79
C LEU A 164 31.26 -21.55 4.68
N GLY A 165 30.18 -21.56 3.92
CA GLY A 165 29.27 -20.42 3.87
C GLY A 165 28.23 -20.51 4.97
N GLY A 166 27.23 -19.64 4.94
CA GLY A 166 26.32 -19.51 6.09
C GLY A 166 24.95 -20.11 5.86
N SER A 167 24.28 -20.50 6.94
CA SER A 167 22.85 -20.83 6.90
C SER A 167 22.28 -20.67 8.29
N GLY A 168 20.95 -20.60 8.40
CA GLY A 168 20.34 -20.40 9.73
C GLY A 168 20.00 -18.95 10.04
N SER A 169 19.93 -18.61 11.35
CA SER A 169 19.57 -17.22 11.79
C SER A 169 20.83 -16.41 12.01
N ASN A 170 21.55 -16.22 10.93
CA ASN A 170 22.88 -15.72 10.99
C ASN A 170 23.10 -14.73 9.86
N LEU A 171 24.32 -14.19 9.76
CA LEU A 171 24.73 -13.51 8.56
C LEU A 171 25.04 -14.59 7.50
N ARG A 172 24.37 -14.46 6.36
CA ARG A 172 24.57 -15.39 5.27
C ARG A 172 25.76 -14.93 4.41
N THR A 173 26.19 -15.79 3.50
CA THR A 173 27.27 -15.48 2.61
C THR A 173 26.96 -14.21 1.80
N PRO A 174 27.82 -13.18 1.92
CA PRO A 174 27.64 -11.99 1.11
C PRO A 174 28.12 -12.21 -0.32
N ALA A 175 27.46 -11.57 -1.28
CA ALA A 175 27.83 -11.68 -2.67
C ALA A 175 27.92 -10.28 -3.26
N SER A 176 28.60 -10.17 -4.40
CA SER A 176 28.74 -8.91 -5.09
C SER A 176 28.66 -9.12 -6.61
N CYS A 177 28.45 -8.05 -7.36
CA CYS A 177 28.67 -8.10 -8.78
C CYS A 177 30.17 -8.17 -8.98
N LEU A 178 30.59 -8.39 -10.21
CA LEU A 178 32.00 -8.51 -10.49
C LEU A 178 32.72 -7.15 -10.32
N GLY A 179 31.95 -6.09 -10.04
CA GLY A 179 32.52 -4.78 -9.66
C GLY A 179 33.58 -4.27 -10.62
N ASP A 180 34.64 -3.67 -10.11
CA ASP A 180 35.65 -3.06 -11.00
C ASP A 180 36.68 -4.00 -11.61
N SER A 181 36.52 -5.31 -11.40
CA SER A 181 37.38 -6.27 -12.07
C SER A 181 37.18 -6.22 -13.57
N ARG A 182 35.93 -5.98 -14.02
CA ARG A 182 35.61 -6.01 -15.46
C ARG A 182 34.36 -5.23 -15.83
N CYS A 183 34.29 -3.99 -15.36
CA CYS A 183 33.17 -3.09 -15.62
C CYS A 183 33.60 -1.64 -15.45
N GLU A 184 33.21 -0.79 -16.39
CA GLU A 184 33.57 0.63 -16.35
C GLU A 184 32.67 1.46 -15.46
N TRP A 185 31.62 0.86 -14.90
CA TRP A 185 30.66 1.66 -14.09
C TRP A 185 30.79 1.48 -12.59
N ALA A 186 31.62 0.54 -12.15
CA ALA A 186 31.78 0.23 -10.72
C ALA A 186 32.18 1.47 -9.92
N CYS A 187 31.31 1.89 -8.99
CA CYS A 187 31.52 3.11 -8.24
C CYS A 187 32.38 2.90 -7.03
N TYR A 188 32.73 1.65 -6.74
CA TYR A 188 33.63 1.32 -5.65
C TYR A 188 34.04 -0.14 -5.83
N ASP A 189 35.06 -0.58 -5.11
CA ASP A 189 35.59 -1.95 -5.26
C ASP A 189 34.63 -2.92 -4.59
N ALA A 190 33.59 -3.30 -5.33
CA ALA A 190 32.51 -4.09 -4.75
C ALA A 190 33.01 -5.43 -4.21
N GLN A 191 33.94 -6.04 -4.92
CA GLN A 191 34.46 -7.34 -4.51
C GLN A 191 35.20 -7.23 -3.19
N GLU A 192 35.99 -6.15 -3.05
CA GLU A 192 36.80 -5.90 -1.85
C GLU A 192 35.96 -5.60 -0.62
N LEU A 193 34.96 -4.73 -0.76
CA LEU A 193 34.06 -4.47 0.35
C LEU A 193 33.33 -5.74 0.77
N CYS A 194 32.85 -6.49 -0.22
CA CYS A 194 32.18 -7.77 0.02
C CYS A 194 33.10 -8.74 0.77
N TYR A 195 34.32 -8.91 0.27
CA TYR A 195 35.35 -9.70 0.95
C TYR A 195 35.58 -9.22 2.37
N GLN A 196 35.83 -7.93 2.52
CA GLN A 196 36.25 -7.40 3.81
C GLN A 196 35.13 -7.52 4.88
N MET A 197 33.86 -7.36 4.46
CA MET A 197 32.73 -7.49 5.36
C MET A 197 32.54 -8.95 5.75
N THR A 198 32.80 -9.85 4.79
CA THR A 198 32.66 -11.28 5.01
C THR A 198 33.68 -11.69 6.08
N GLN A 199 34.90 -11.21 5.93
CA GLN A 199 35.95 -11.51 6.92
C GLN A 199 35.65 -10.89 8.29
N GLU A 200 35.24 -9.63 8.32
CA GLU A 200 34.94 -8.91 9.56
C GLU A 200 33.88 -9.61 10.43
N TYR A 201 32.90 -10.24 9.80
CA TYR A 201 31.78 -10.81 10.52
C TYR A 201 31.69 -12.34 10.41
N GLN A 202 32.85 -12.98 10.31
CA GLN A 202 32.92 -14.42 10.31
C GLN A 202 32.16 -15.05 11.50
N ASP A 203 32.23 -14.41 12.66
CA ASP A 203 31.56 -14.98 13.83
C ASP A 203 30.03 -14.96 13.68
N GLU A 204 29.49 -13.83 13.23
CA GLU A 204 28.05 -13.69 13.00
C GLU A 204 27.54 -14.62 11.87
N LEU A 205 28.45 -15.08 11.03
CA LEU A 205 28.10 -15.97 9.91
C LEU A 205 28.12 -17.43 10.34
N HIS A 206 29.08 -17.79 11.18
CA HIS A 206 29.22 -19.18 11.51
C HIS A 206 28.35 -19.62 12.66
N ARG A 207 28.03 -18.70 13.56
CA ARG A 207 27.28 -19.01 14.78
C ARG A 207 26.06 -18.11 14.83
N PRO A 208 24.91 -18.62 14.38
CA PRO A 208 23.67 -17.83 14.35
C PRO A 208 23.46 -17.10 15.69
N ALA A 209 23.41 -15.76 15.66
CA ALA A 209 23.16 -14.97 16.86
C ALA A 209 21.90 -14.10 16.76
N PHE A 210 21.20 -14.16 15.63
CA PHE A 210 20.19 -13.16 15.27
C PHE A 210 18.75 -13.68 15.42
N PRO A 211 17.76 -12.77 15.42
CA PRO A 211 16.38 -13.27 15.50
C PRO A 211 15.98 -14.09 14.29
N TYR A 212 16.70 -13.91 13.19
CA TYR A 212 16.39 -14.55 11.92
C TYR A 212 17.62 -14.40 11.03
N LYS A 213 17.51 -14.79 9.75
CA LYS A 213 18.60 -14.63 8.78
C LYS A 213 18.83 -13.16 8.41
N PHE A 214 20.04 -12.84 7.96
CA PHE A 214 20.36 -11.50 7.47
C PHE A 214 21.31 -11.65 6.28
N LYS A 215 21.06 -10.87 5.22
CA LYS A 215 21.95 -10.92 4.02
C LYS A 215 22.55 -9.58 3.60
N PHE A 216 23.79 -9.64 3.08
CA PHE A 216 24.50 -8.52 2.47
C PHE A 216 24.63 -8.77 0.97
N LYS A 217 24.43 -7.77 0.14
CA LYS A 217 24.84 -7.87 -1.24
C LYS A 217 25.39 -6.53 -1.72
N PHE A 218 26.34 -6.56 -2.64
CA PHE A 218 27.10 -5.39 -3.03
C PHE A 218 27.03 -5.16 -4.52
N ASP A 219 26.32 -4.11 -4.91
CA ASP A 219 26.15 -3.71 -6.28
C ASP A 219 27.08 -2.54 -6.56
N GLY A 220 27.88 -2.63 -7.63
CA GLY A 220 28.81 -1.56 -7.97
C GLY A 220 28.14 -0.28 -8.47
N CYS A 221 26.90 -0.40 -8.96
CA CYS A 221 26.19 0.76 -9.53
C CYS A 221 24.72 0.43 -9.55
N PRO A 222 23.88 1.39 -9.98
CA PRO A 222 22.40 1.10 -9.85
C PRO A 222 21.80 0.04 -10.79
N ASN A 223 22.55 -0.44 -11.80
CA ASN A 223 22.05 -1.54 -12.63
C ASN A 223 21.73 -2.79 -11.83
N GLY A 224 22.44 -3.01 -10.73
CA GLY A 224 22.02 -4.05 -9.78
C GLY A 224 22.32 -5.47 -10.24
N CYS A 225 23.50 -5.68 -10.83
CA CYS A 225 23.85 -6.98 -11.37
C CYS A 225 23.92 -8.13 -10.32
N VAL A 226 23.88 -7.82 -9.03
CA VAL A 226 23.76 -8.90 -8.06
C VAL A 226 22.38 -8.86 -7.34
N ALA A 227 21.54 -7.90 -7.75
CA ALA A 227 20.16 -7.79 -7.30
C ALA A 227 20.06 -7.58 -5.77
N SER A 228 20.99 -6.81 -5.22
CA SER A 228 21.00 -6.52 -3.78
C SER A 228 19.71 -5.87 -3.28
N ILE A 229 19.07 -5.04 -4.12
CA ILE A 229 17.87 -4.32 -3.68
C ILE A 229 16.67 -5.23 -3.45
N ALA A 230 16.72 -6.45 -3.97
CA ALA A 230 15.59 -7.38 -3.82
C ALA A 230 15.97 -8.56 -2.96
N ARG A 231 17.27 -8.74 -2.71
CA ARG A 231 17.74 -10.03 -2.20
C ARG A 231 18.75 -9.90 -1.06
N SER A 232 18.76 -8.78 -0.36
CA SER A 232 19.60 -8.64 0.82
C SER A 232 18.93 -7.74 1.83
N ASP A 233 19.05 -8.09 3.09
CA ASP A 233 18.49 -7.27 4.17
C ASP A 233 19.16 -5.91 4.21
N MET A 234 20.43 -5.88 3.84
CA MET A 234 21.20 -4.65 3.74
C MET A 234 21.87 -4.61 2.37
N SER A 235 21.53 -3.59 1.62
CA SER A 235 21.85 -3.52 0.21
C SER A 235 22.76 -2.31 0.00
N PHE A 236 23.90 -2.53 -0.65
CA PHE A 236 24.90 -1.50 -0.84
C PHE A 236 25.06 -1.27 -2.32
N ILE A 237 24.64 -0.10 -2.78
CA ILE A 237 24.56 0.17 -4.20
C ILE A 237 25.32 1.43 -4.54
N GLY A 238 26.31 1.31 -5.43
CA GLY A 238 27.23 2.40 -5.73
C GLY A 238 26.57 3.56 -6.44
N THR A 239 27.07 4.78 -6.23
CA THR A 239 26.80 5.92 -7.13
C THR A 239 27.93 6.89 -7.10
N TRP A 240 27.67 8.05 -7.69
CA TRP A 240 28.51 9.20 -7.65
C TRP A 240 27.60 10.40 -7.35
N ARG A 241 28.19 11.52 -6.99
CA ARG A 241 27.39 12.67 -6.62
C ARG A 241 27.82 13.93 -7.35
N ASP A 242 28.84 13.82 -8.19
CA ASP A 242 29.25 14.92 -9.04
C ASP A 242 28.70 14.69 -10.47
N ASP A 243 29.29 15.36 -11.47
CA ASP A 243 28.78 15.34 -12.85
C ASP A 243 29.14 14.07 -13.64
N ILE A 244 28.21 13.59 -14.47
CA ILE A 244 28.53 12.65 -15.53
C ILE A 244 29.62 13.26 -16.45
N ARG A 245 30.63 12.47 -16.81
CA ARG A 245 31.68 12.99 -17.71
C ARG A 245 31.35 12.72 -19.19
N ILE A 246 31.31 13.77 -19.99
CA ILE A 246 30.89 13.65 -21.38
C ILE A 246 32.07 13.88 -22.32
N ASP A 247 32.34 12.91 -23.18
CA ASP A 247 33.26 13.07 -24.30
C ASP A 247 32.43 13.45 -25.54
N GLN A 248 32.48 14.72 -25.91
CA GLN A 248 31.62 15.23 -26.97
C GLN A 248 31.91 14.62 -28.33
N GLU A 249 33.18 14.31 -28.59
CA GLU A 249 33.58 13.69 -29.84
C GLU A 249 32.88 12.33 -30.00
N ALA A 250 32.84 11.56 -28.91
CA ALA A 250 32.17 10.25 -28.94
C ALA A 250 30.66 10.41 -29.07
N VAL A 251 30.12 11.46 -28.47
CA VAL A 251 28.71 11.77 -28.69
C VAL A 251 28.44 11.90 -30.19
N ALA A 252 29.27 12.69 -30.88
CA ALA A 252 29.06 12.99 -32.31
C ALA A 252 29.20 11.72 -33.15
N ALA A 253 30.03 10.81 -32.67
CA ALA A 253 30.24 9.54 -33.36
C ALA A 253 29.01 8.62 -33.24
N TYR A 254 28.36 8.60 -32.07
CA TYR A 254 27.08 7.91 -31.93
C TYR A 254 26.05 8.51 -32.86
N VAL A 255 25.90 9.83 -32.77
CA VAL A 255 24.93 10.54 -33.58
C VAL A 255 25.18 10.25 -35.06
N GLY A 256 26.46 10.09 -35.42
CA GLY A 256 26.85 9.91 -36.83
C GLY A 256 26.77 8.48 -37.33
N GLY A 257 26.34 7.56 -36.48
CA GLY A 257 26.22 6.17 -36.86
C GLY A 257 27.52 5.35 -36.78
N GLU A 258 28.56 5.89 -36.16
CA GLU A 258 29.86 5.17 -36.06
C GLU A 258 30.01 4.25 -34.83
N ILE A 259 29.10 4.33 -33.86
CA ILE A 259 29.15 3.45 -32.72
C ILE A 259 27.75 2.94 -32.43
N GLN A 260 27.60 1.63 -32.34
CA GLN A 260 26.33 1.03 -32.01
C GLN A 260 25.94 1.44 -30.59
N PRO A 261 24.68 1.86 -30.39
CA PRO A 261 24.15 2.22 -29.05
C PRO A 261 24.14 1.03 -28.14
N ASN A 262 24.31 1.26 -26.82
CA ASN A 262 24.16 0.20 -25.81
C ASN A 262 25.16 -0.96 -26.02
N GLY A 263 26.34 -0.63 -26.56
CA GLY A 263 27.38 -1.62 -26.86
C GLY A 263 26.96 -2.65 -27.90
N GLY A 264 25.93 -2.33 -28.70
CA GLY A 264 25.41 -3.25 -29.70
C GLY A 264 24.42 -4.26 -29.13
N ALA A 265 23.89 -3.99 -27.94
CA ALA A 265 23.00 -4.93 -27.27
C ALA A 265 21.78 -5.32 -28.13
N HIS A 266 21.36 -4.42 -29.02
CA HIS A 266 20.14 -4.68 -29.77
C HIS A 266 20.40 -5.09 -31.24
N SER A 267 21.59 -5.58 -31.54
CA SER A 267 22.03 -5.71 -32.94
C SER A 267 21.25 -6.78 -33.71
N GLY A 268 20.54 -7.63 -32.98
CA GLY A 268 19.78 -8.72 -33.60
C GLY A 268 18.48 -8.29 -34.24
N LYS A 269 18.13 -7.00 -34.12
CA LYS A 269 16.88 -6.53 -34.67
C LYS A 269 17.10 -5.19 -35.33
N ASP A 270 16.27 -4.89 -36.32
CA ASP A 270 16.30 -3.58 -36.94
C ASP A 270 15.48 -2.59 -36.13
N TRP A 271 16.15 -1.69 -35.44
CA TRP A 271 15.47 -0.64 -34.71
C TRP A 271 15.67 0.72 -35.37
N GLY A 272 16.29 0.72 -36.54
CA GLY A 272 16.62 1.98 -37.24
C GLY A 272 17.98 2.47 -36.78
N ALA A 273 18.47 3.53 -37.41
CA ALA A 273 19.72 4.14 -36.99
C ALA A 273 19.50 4.80 -35.62
N PHE A 274 20.57 4.87 -34.83
CA PHE A 274 20.52 5.51 -33.53
C PHE A 274 19.97 6.91 -33.60
N ASP A 275 19.08 7.23 -32.68
CA ASP A 275 18.54 8.57 -32.60
C ASP A 275 18.65 9.05 -31.14
N ILE A 276 19.61 9.94 -30.89
CA ILE A 276 19.94 10.31 -29.52
C ILE A 276 18.75 10.99 -28.82
N GLN A 277 17.99 11.77 -29.58
CA GLN A 277 16.77 12.43 -29.06
C GLN A 277 15.75 11.42 -28.57
N LYS A 278 15.53 10.38 -29.37
CA LYS A 278 14.55 9.36 -29.07
C LYS A 278 14.98 8.34 -28.03
N GLU A 279 16.26 8.00 -28.02
CA GLU A 279 16.72 6.86 -27.25
C GLU A 279 17.35 7.26 -25.93
N VAL A 280 17.64 8.56 -25.80
CA VAL A 280 18.36 9.08 -24.64
C VAL A 280 17.61 10.28 -24.08
N ILE A 281 17.67 11.43 -24.76
CA ILE A 281 17.02 12.64 -24.27
C ILE A 281 15.57 12.41 -23.84
N ASP A 282 14.76 11.81 -24.72
CA ASP A 282 13.32 11.64 -24.43
C ASP A 282 12.96 10.56 -23.42
N LEU A 283 13.97 9.80 -22.97
CA LEU A 283 13.76 8.68 -22.08
C LEU A 283 14.31 8.96 -20.67
N CYS A 284 15.26 9.88 -20.57
CA CYS A 284 15.76 10.33 -19.26
C CYS A 284 14.57 10.58 -18.35
N PRO A 285 14.54 9.94 -17.16
CA PRO A 285 13.30 10.06 -16.40
C PRO A 285 13.06 11.43 -15.79
N THR A 286 14.10 12.26 -15.65
CA THR A 286 13.94 13.57 -15.00
C THR A 286 13.96 14.67 -16.03
N GLU A 287 14.03 14.25 -17.30
CA GLU A 287 14.10 15.17 -18.43
C GLU A 287 15.18 16.22 -18.27
N CYS A 288 16.40 15.81 -17.88
CA CYS A 288 17.46 16.76 -17.53
C CYS A 288 18.56 16.91 -18.60
N MET A 289 18.40 16.23 -19.73
CA MET A 289 19.34 16.27 -20.82
C MET A 289 18.74 17.03 -21.99
N TRP A 290 19.61 17.65 -22.77
CA TRP A 290 19.19 18.28 -24.02
C TRP A 290 20.39 18.43 -24.94
N MET A 291 20.15 18.43 -26.24
CA MET A 291 21.20 18.70 -27.22
C MET A 291 21.23 20.19 -27.52
N GLU A 292 22.42 20.78 -27.52
CA GLU A 292 22.63 22.20 -27.84
C GLU A 292 23.85 22.31 -28.79
N ASP A 293 23.61 22.78 -30.02
CA ASP A 293 24.67 22.89 -31.03
C ASP A 293 25.46 21.59 -31.25
N GLY A 294 24.76 20.46 -31.31
CA GLY A 294 25.43 19.18 -31.51
C GLY A 294 26.20 18.64 -30.31
N LYS A 295 26.07 19.29 -29.15
CA LYS A 295 26.66 18.81 -27.90
C LYS A 295 25.61 18.37 -26.87
N LEU A 296 25.85 17.26 -26.20
CA LEU A 296 24.96 16.80 -25.17
C LEU A 296 25.17 17.60 -23.88
N GLN A 297 24.09 18.13 -23.30
CA GLN A 297 24.16 18.83 -22.02
C GLN A 297 23.36 18.09 -20.99
N ILE A 298 23.89 18.02 -19.78
CA ILE A 298 23.18 17.38 -18.69
C ILE A 298 23.12 18.34 -17.53
N ASN A 299 21.93 18.54 -16.99
CA ASN A 299 21.74 19.27 -15.75
C ASN A 299 21.86 18.29 -14.60
N ASN A 300 23.09 18.01 -14.19
CA ASN A 300 23.37 16.96 -13.16
C ASN A 300 22.62 17.10 -11.83
N ARG A 301 22.29 18.34 -11.43
CA ARG A 301 21.59 18.51 -10.16
C ARG A 301 20.27 17.71 -10.16
N GLU A 302 19.72 17.55 -11.36
CA GLU A 302 18.42 16.91 -11.57
C GLU A 302 18.53 15.48 -12.10
N CYS A 303 19.74 14.95 -12.16
CA CYS A 303 19.96 13.55 -12.51
C CYS A 303 19.77 12.64 -11.31
N THR A 304 19.01 11.57 -11.45
CA THR A 304 18.84 10.63 -10.31
C THR A 304 19.75 9.43 -10.43
N ARG A 305 20.67 9.48 -11.40
CA ARG A 305 21.66 8.43 -11.63
C ARG A 305 21.08 7.09 -11.97
N CYS A 306 20.05 7.09 -12.82
CA CYS A 306 19.33 5.86 -13.15
C CYS A 306 20.14 4.92 -14.05
N MET A 307 21.16 5.47 -14.74
CA MET A 307 22.18 4.73 -15.56
C MET A 307 21.84 4.68 -17.05
N HIS A 308 20.58 5.00 -17.38
CA HIS A 308 20.11 4.85 -18.77
C HIS A 308 21.03 5.47 -19.85
N CYS A 309 21.37 6.74 -19.74
CA CYS A 309 22.19 7.36 -20.79
C CYS A 309 23.54 6.71 -20.84
N LEU A 310 24.10 6.36 -19.67
CA LEU A 310 25.39 5.67 -19.63
C LEU A 310 25.31 4.30 -20.28
N ASN A 311 24.24 3.56 -19.98
CA ASN A 311 24.05 2.25 -20.57
C ASN A 311 23.91 2.31 -22.10
N VAL A 312 23.31 3.40 -22.63
CA VAL A 312 23.16 3.59 -24.09
C VAL A 312 24.44 4.07 -24.75
N MET A 313 25.21 4.91 -24.07
CA MET A 313 26.44 5.42 -24.65
C MET A 313 27.68 5.19 -23.75
N PRO A 314 28.06 3.91 -23.54
CA PRO A 314 29.22 3.64 -22.69
C PRO A 314 30.50 4.32 -23.14
N ARG A 315 30.63 4.57 -24.44
CA ARG A 315 31.86 5.17 -24.97
C ARG A 315 31.88 6.69 -24.90
N ALA A 316 30.77 7.30 -24.46
CA ALA A 316 30.68 8.77 -24.45
C ALA A 316 30.39 9.34 -23.08
N LEU A 317 29.76 8.55 -22.24
CA LEU A 317 29.37 9.01 -20.92
C LEU A 317 29.95 8.13 -19.81
N ARG A 318 30.54 8.75 -18.80
CA ARG A 318 31.18 8.01 -17.70
C ARG A 318 30.65 8.46 -16.35
N ILE A 319 30.75 7.60 -15.34
CA ILE A 319 30.31 7.91 -13.97
C ILE A 319 31.14 9.08 -13.45
N GLY A 320 30.68 9.77 -12.41
CA GLY A 320 31.41 10.93 -11.92
C GLY A 320 32.62 10.51 -11.10
N ASN A 321 33.42 11.48 -10.67
CA ASN A 321 34.63 11.18 -9.92
C ASN A 321 34.47 11.17 -8.42
N ASP A 322 33.28 11.57 -7.96
CA ASP A 322 32.98 11.66 -6.55
C ASP A 322 32.04 10.51 -6.13
N ARG A 323 32.68 9.43 -5.68
CA ARG A 323 32.03 8.13 -5.64
C ARG A 323 31.79 7.59 -4.26
N GLY A 324 30.75 6.78 -4.15
CA GLY A 324 30.39 6.17 -2.89
C GLY A 324 29.30 5.15 -3.10
N LEU A 325 28.48 4.94 -2.09
CA LEU A 325 27.37 4.03 -2.22
C LEU A 325 26.17 4.45 -1.35
N SER A 326 24.99 3.96 -1.71
CA SER A 326 23.80 4.10 -0.87
C SER A 326 23.57 2.78 -0.17
N ILE A 327 22.92 2.84 0.99
CA ILE A 327 22.56 1.65 1.72
C ILE A 327 21.04 1.60 1.86
N LEU A 328 20.44 0.47 1.48
CA LEU A 328 19.00 0.33 1.54
C LEU A 328 18.70 -0.89 2.39
N VAL A 329 17.64 -0.81 3.20
CA VAL A 329 17.37 -1.85 4.20
C VAL A 329 16.03 -2.54 4.04
N GLY A 330 15.99 -3.82 4.38
CA GLY A 330 14.75 -4.55 4.54
C GLY A 330 14.20 -5.46 3.47
N ALA A 331 14.91 -5.62 2.34
CA ALA A 331 14.44 -6.54 1.28
C ALA A 331 14.19 -7.92 1.85
N LYS A 332 13.24 -8.64 1.27
CA LYS A 332 12.91 -9.98 1.74
C LYS A 332 11.80 -10.52 0.87
N ALA A 333 11.72 -11.86 0.81
CA ALA A 333 10.66 -12.58 0.12
C ALA A 333 9.36 -12.45 0.92
N PRO A 334 8.20 -12.83 0.34
CA PRO A 334 6.89 -12.63 0.97
C PRO A 334 6.72 -13.02 2.46
N ILE A 335 7.02 -14.26 2.87
CA ILE A 335 6.75 -14.62 4.25
C ILE A 335 7.50 -13.68 5.21
N LEU A 336 6.86 -13.18 6.27
CA LEU A 336 5.46 -13.39 6.60
C LEU A 336 4.57 -12.25 6.01
N ASP A 337 5.01 -11.00 6.16
CA ASP A 337 4.12 -9.86 5.95
C ASP A 337 4.13 -9.23 4.55
N GLY A 338 4.79 -9.88 3.60
CA GLY A 338 4.82 -9.41 2.20
C GLY A 338 6.24 -9.16 1.66
N ALA A 339 6.43 -9.32 0.36
CA ALA A 339 7.72 -9.01 -0.26
C ALA A 339 8.14 -7.58 0.02
N GLN A 340 9.42 -7.39 0.32
CA GLN A 340 9.98 -6.04 0.38
C GLN A 340 11.21 -5.95 -0.49
N MET A 341 11.44 -4.80 -1.07
CA MET A 341 12.77 -4.42 -1.58
C MET A 341 13.42 -3.45 -0.58
N GLY A 342 14.72 -3.21 -0.74
CA GLY A 342 15.42 -2.30 0.14
C GLY A 342 14.82 -0.90 0.08
N SER A 343 14.66 -0.29 1.25
CA SER A 343 14.27 1.12 1.36
C SER A 343 15.48 2.02 1.68
N LEU A 344 15.63 3.15 0.99
CA LEU A 344 16.77 4.03 1.21
C LEU A 344 16.91 4.42 2.67
N LEU A 345 18.13 4.20 3.21
CA LEU A 345 18.50 4.53 4.58
C LEU A 345 19.63 5.54 4.62
N VAL A 346 20.71 5.23 3.92
CA VAL A 346 21.84 6.15 3.80
C VAL A 346 22.00 6.49 2.36
N PRO A 347 21.73 7.76 1.99
CA PRO A 347 21.80 8.12 0.56
C PRO A 347 23.21 8.05 -0.02
N PHE A 348 24.22 8.43 0.76
CA PHE A 348 25.58 8.46 0.21
C PHE A 348 26.61 8.34 1.31
N ILE A 349 27.50 7.38 1.15
CA ILE A 349 28.60 7.25 2.09
C ILE A 349 29.86 6.88 1.31
N LYS A 350 30.99 7.40 1.77
CA LYS A 350 32.28 7.14 1.15
C LYS A 350 32.70 5.72 1.43
N VAL A 351 33.43 5.13 0.49
CA VAL A 351 33.92 3.77 0.66
C VAL A 351 35.45 3.78 0.74
N GLU A 352 35.99 3.43 1.89
CA GLU A 352 37.39 3.66 2.15
C GLU A 352 37.87 2.77 3.29
N ASP A 353 38.73 1.81 2.96
CA ASP A 353 39.29 0.90 3.94
C ASP A 353 39.78 1.70 5.12
N PRO A 354 39.47 1.27 6.36
CA PRO A 354 38.84 -0.01 6.74
C PRO A 354 37.30 -0.02 6.88
N TYR A 355 36.63 0.97 6.30
CA TYR A 355 35.16 0.95 6.16
C TYR A 355 34.43 1.14 7.47
N ASP A 356 35.05 1.87 8.40
CA ASP A 356 34.48 2.13 9.73
C ASP A 356 33.05 2.68 9.67
N GLU A 357 32.80 3.63 8.77
CA GLU A 357 31.51 4.23 8.66
C GLU A 357 30.44 3.22 8.27
N ILE A 358 30.77 2.36 7.30
CA ILE A 358 29.87 1.31 6.87
C ILE A 358 29.67 0.30 8.00
N LYS A 359 30.75 -0.13 8.64
CA LYS A 359 30.62 -0.97 9.84
C LYS A 359 29.72 -0.37 10.94
N GLU A 360 29.77 0.95 11.09
CA GLU A 360 28.94 1.65 12.07
C GLU A 360 27.44 1.53 11.77
N ILE A 361 27.08 1.62 10.49
CA ILE A 361 25.70 1.42 10.04
C ILE A 361 25.26 -0.03 10.25
N ILE A 362 26.11 -0.98 9.86
CA ILE A 362 25.76 -2.37 9.92
C ILE A 362 25.48 -2.69 11.37
N GLU A 363 26.40 -2.29 12.25
CA GLU A 363 26.30 -2.61 13.67
C GLU A 363 25.18 -1.83 14.41
N GLY A 364 24.89 -0.61 13.95
CA GLY A 364 23.74 0.13 14.48
C GLY A 364 22.44 -0.61 14.22
N ILE A 365 22.24 -1.04 12.99
CA ILE A 365 21.09 -1.83 12.61
C ILE A 365 21.02 -3.14 13.41
N TRP A 366 22.10 -3.92 13.43
CA TRP A 366 22.10 -5.17 14.21
C TRP A 366 21.79 -4.93 15.69
N GLU A 367 22.42 -3.93 16.29
CA GLU A 367 22.17 -3.70 17.71
C GLU A 367 20.68 -3.52 17.94
N TRP A 368 20.05 -2.68 17.13
CA TRP A 368 18.62 -2.47 17.22
C TRP A 368 17.84 -3.80 17.00
N TRP A 369 18.11 -4.47 15.91
CA TRP A 369 17.31 -5.61 15.49
C TRP A 369 17.48 -6.85 16.35
N MET A 370 18.70 -7.07 16.81
CA MET A 370 18.98 -8.17 17.72
C MET A 370 18.26 -8.00 19.06
N GLU A 371 17.99 -6.76 19.45
CA GLU A 371 17.32 -6.49 20.71
C GLU A 371 15.79 -6.53 20.57
N GLU A 372 15.28 -5.99 19.47
CA GLU A 372 13.85 -5.73 19.31
C GLU A 372 13.15 -6.79 18.48
N GLY A 373 13.94 -7.46 17.63
CA GLY A 373 13.41 -8.42 16.69
C GLY A 373 12.71 -9.58 17.38
N LYS A 374 11.55 -9.96 16.85
CA LYS A 374 10.82 -11.09 17.36
C LYS A 374 11.42 -12.32 16.72
N ASN A 375 11.00 -13.51 17.18
CA ASN A 375 11.51 -14.72 16.60
C ASN A 375 11.13 -14.77 15.16
N ARG A 376 12.10 -14.98 14.28
CA ARG A 376 11.83 -15.13 12.87
C ARG A 376 11.21 -13.87 12.22
N GLU A 377 11.51 -12.69 12.76
CA GLU A 377 11.14 -11.41 12.12
C GLU A 377 12.35 -10.87 11.32
N ARG A 378 12.20 -10.73 10.02
CA ARG A 378 13.23 -10.09 9.20
C ARG A 378 13.36 -8.63 9.58
N LEU A 379 14.54 -8.05 9.34
CA LEU A 379 14.75 -6.62 9.50
C LEU A 379 13.61 -5.80 8.87
N GLY A 380 13.23 -6.14 7.64
CA GLY A 380 12.24 -5.36 6.91
C GLY A 380 10.91 -5.36 7.62
N GLU A 381 10.57 -6.47 8.27
CA GLU A 381 9.34 -6.56 9.03
C GLU A 381 9.45 -5.79 10.35
N LEU A 382 10.64 -5.77 10.94
CA LEU A 382 10.90 -4.95 12.12
C LEU A 382 10.78 -3.48 11.75
N ILE A 383 11.20 -3.13 10.54
CA ILE A 383 11.07 -1.75 10.10
C ILE A 383 9.59 -1.39 9.91
N LYS A 384 8.79 -2.28 9.33
CA LYS A 384 7.34 -2.02 9.23
C LYS A 384 6.72 -1.95 10.61
N ARG A 385 7.17 -2.79 11.54
CA ARG A 385 6.52 -2.83 12.86
C ARG A 385 6.84 -1.59 13.69
N GLN A 386 8.12 -1.20 13.74
CA GLN A 386 8.52 -0.09 14.59
C GLN A 386 8.72 1.21 13.80
N GLY A 387 8.81 1.11 12.48
CA GLY A 387 8.85 2.31 11.62
C GLY A 387 10.22 2.67 11.09
N LEU A 388 10.26 3.26 9.89
CA LEU A 388 11.51 3.73 9.28
C LEU A 388 12.24 4.74 10.15
N ALA A 389 11.49 5.62 10.81
CA ALA A 389 12.11 6.60 11.68
C ALA A 389 13.03 5.96 12.69
N LYS A 390 12.66 4.79 13.21
CA LYS A 390 13.52 4.02 14.17
C LYS A 390 14.84 3.53 13.54
N ALA A 391 14.74 2.96 12.32
CA ALA A 391 15.94 2.57 11.56
C ALA A 391 16.86 3.76 11.32
N ILE A 392 16.28 4.91 10.98
CA ILE A 392 17.06 6.11 10.74
C ILE A 392 17.75 6.51 12.02
N ALA A 393 17.03 6.54 13.14
CA ALA A 393 17.65 6.86 14.44
C ALA A 393 18.75 5.84 14.80
N ALA A 394 18.49 4.55 14.53
CA ALA A 394 19.40 3.48 14.93
C ALA A 394 20.81 3.66 14.38
N VAL A 395 20.93 4.29 13.21
CA VAL A 395 22.23 4.51 12.58
C VAL A 395 22.73 5.97 12.72
N GLY A 396 22.10 6.71 13.64
CA GLY A 396 22.49 8.08 13.94
C GLY A 396 22.20 9.13 12.88
N LEU A 397 21.19 8.90 12.06
CA LEU A 397 20.80 9.89 11.07
C LEU A 397 19.53 10.64 11.45
N THR A 398 19.32 11.76 10.76
CA THR A 398 18.09 12.47 10.92
C THR A 398 17.30 12.34 9.62
N PRO A 399 15.97 12.28 9.70
CA PRO A 399 15.14 12.06 8.52
C PRO A 399 15.30 13.16 7.49
N VAL A 400 15.49 12.76 6.23
CA VAL A 400 15.55 13.71 5.12
C VAL A 400 14.49 13.29 4.06
N PRO A 401 14.02 14.24 3.22
CA PRO A 401 13.00 13.90 2.24
C PRO A 401 13.41 12.69 1.37
N GLN A 402 14.68 12.57 1.00
CA GLN A 402 15.15 11.37 0.29
C GLN A 402 14.80 10.03 0.93
N HIS A 403 14.52 10.01 2.24
CA HIS A 403 14.08 8.80 2.95
C HIS A 403 12.70 8.29 2.53
N VAL A 404 11.92 9.08 1.78
CA VAL A 404 10.61 8.61 1.37
C VAL A 404 10.40 8.83 -0.13
N MET A 405 9.62 7.96 -0.79
CA MET A 405 9.15 8.28 -2.12
C MET A 405 8.15 9.43 -2.00
N GLU A 406 7.31 9.33 -0.98
CA GLU A 406 6.34 10.37 -0.74
C GLU A 406 5.96 10.46 0.77
N PRO A 407 5.50 11.65 1.22
CA PRO A 407 5.04 11.77 2.59
C PRO A 407 3.74 11.01 2.78
N ARG A 408 3.45 10.63 4.00
CA ARG A 408 2.22 9.90 4.29
C ARG A 408 1.00 10.71 3.89
N HIS A 409 -0.07 10.04 3.48
CA HIS A 409 -1.32 10.72 3.31
C HIS A 409 -2.26 10.49 4.46
N ASN A 410 -2.16 9.37 5.14
CA ASN A 410 -3.02 9.22 6.29
C ASN A 410 -2.49 10.03 7.45
N PRO A 411 -3.33 10.83 8.09
CA PRO A 411 -2.72 11.70 9.10
C PRO A 411 -2.75 11.13 10.52
N TYR A 412 -2.40 9.86 10.67
CA TYR A 412 -2.31 9.27 12.02
C TYR A 412 -0.89 9.45 12.59
N ILE A 413 -0.54 10.70 12.85
CA ILE A 413 0.84 11.12 13.19
C ILE A 413 1.15 11.12 14.70
N PHE A 414 2.02 10.20 15.13
CA PHE A 414 2.50 10.17 16.52
C PHE A 414 3.40 11.36 16.86
N TRP A 415 3.27 11.83 18.09
CA TRP A 415 4.15 12.84 18.65
C TRP A 415 4.76 12.31 19.94
N LYS A 416 6.01 12.63 20.18
CA LYS A 416 6.62 12.38 21.46
C LYS A 416 6.20 13.49 22.42
N GLU A 417 5.85 13.10 23.65
CA GLU A 417 5.37 14.04 24.66
C GLU A 417 6.30 15.26 24.85
N LYS A 418 7.61 15.03 24.81
CA LYS A 418 8.58 16.11 25.07
C LYS A 418 8.55 17.18 23.98
N ASP A 419 7.94 16.85 22.84
CA ASP A 419 7.85 17.78 21.72
C ASP A 419 6.55 18.58 21.75
N VAL A 420 5.68 18.28 22.70
CA VAL A 420 4.37 18.92 22.76
C VAL A 420 4.28 19.82 24.00
N GLU A 421 4.03 21.11 23.76
CA GLU A 421 3.96 22.08 24.86
C GLU A 421 2.95 21.66 25.92
N GLY A 422 3.41 21.61 27.18
CA GLY A 422 2.57 21.26 28.31
C GLY A 422 2.49 19.77 28.59
N GLY A 423 2.89 18.94 27.61
CA GLY A 423 2.86 17.49 27.79
C GLY A 423 1.45 16.92 27.95
N TRP A 424 1.37 15.75 28.59
CA TRP A 424 0.14 14.96 28.58
C TRP A 424 -0.50 14.77 29.95
N ASP A 425 0.07 15.33 31.01
CA ASP A 425 -0.52 15.18 32.35
C ASP A 425 -1.70 16.14 32.49
N ARG A 426 -2.90 15.69 32.09
CA ARG A 426 -4.09 16.56 32.09
C ARG A 426 -5.17 16.02 33.00
N ASP A 427 -5.76 16.92 33.76
CA ASP A 427 -6.79 16.57 34.72
C ASP A 427 -8.14 17.01 34.14
N ILE A 428 -9.11 16.10 34.20
CA ILE A 428 -10.46 16.35 33.72
C ILE A 428 -11.12 17.52 34.44
N ALA A 429 -10.70 17.76 35.69
CA ALA A 429 -11.23 18.87 36.49
C ALA A 429 -10.83 20.23 35.92
N ASP A 430 -9.62 20.33 35.37
CA ASP A 430 -9.21 21.55 34.68
C ASP A 430 -10.11 21.79 33.47
N TYR A 431 -10.28 20.75 32.66
CA TYR A 431 -11.18 20.78 31.52
C TYR A 431 -12.63 21.19 31.89
N ARG A 432 -13.19 20.61 32.97
CA ARG A 432 -14.59 20.90 33.37
C ARG A 432 -14.79 22.32 33.91
N LYS A 433 -13.71 22.96 34.33
CA LYS A 433 -13.83 24.34 34.74
C LYS A 433 -14.22 25.26 33.56
N HIS A 434 -13.93 24.82 32.33
CA HIS A 434 -14.12 25.64 31.14
C HIS A 434 -15.26 25.12 30.25
N HIS A 435 -15.72 23.90 30.51
CA HIS A 435 -16.69 23.23 29.64
C HIS A 435 -17.68 22.40 30.44
N GLN A 436 -18.92 22.87 30.51
CA GLN A 436 -19.96 22.16 31.26
C GLN A 436 -20.33 20.83 30.60
N ARG A 437 -20.35 19.78 31.41
CA ARG A 437 -20.87 18.45 31.09
C ARG A 437 -22.30 18.56 30.51
N ALA B 2 37.20 -49.20 3.64
CA ALA B 2 36.76 -48.18 2.63
C ALA B 2 36.70 -46.76 3.21
N PHE B 3 36.15 -46.59 4.42
CA PHE B 3 36.35 -45.33 5.14
C PHE B 3 37.84 -44.94 5.12
N VAL B 4 38.13 -43.70 4.75
CA VAL B 4 39.50 -43.17 4.77
C VAL B 4 39.52 -41.86 5.54
N SER B 5 40.32 -41.80 6.60
CA SER B 5 40.37 -40.64 7.44
C SER B 5 41.15 -39.50 6.79
N SER B 6 40.71 -38.28 7.01
CA SER B 6 41.36 -37.08 6.48
C SER B 6 42.45 -36.56 7.40
N GLY B 7 42.56 -37.14 8.60
CA GLY B 7 43.43 -36.61 9.64
C GLY B 7 42.63 -36.04 10.80
N TYR B 8 41.32 -35.84 10.60
CA TYR B 8 40.42 -35.44 11.69
C TYR B 8 40.30 -36.53 12.75
N ASN B 9 40.31 -36.10 14.00
CA ASN B 9 40.23 -36.99 15.10
C ASN B 9 38.89 -36.83 15.83
N PRO B 10 37.93 -37.75 15.60
CA PRO B 10 36.63 -37.67 16.28
C PRO B 10 36.74 -37.74 17.80
N GLU B 11 37.83 -38.32 18.31
CA GLU B 11 38.10 -38.41 19.76
C GLU B 11 38.60 -37.08 20.34
N LYS B 12 39.08 -36.19 19.46
CA LYS B 12 39.62 -34.88 19.85
C LYS B 12 39.18 -33.80 18.86
N PRO B 13 37.87 -33.51 18.79
CA PRO B 13 37.34 -32.82 17.61
C PRO B 13 37.79 -31.36 17.43
N MET B 14 38.19 -30.72 18.53
CA MET B 14 38.53 -29.28 18.54
C MET B 14 40.03 -29.01 18.42
N GLU B 15 40.80 -30.08 18.22
CA GLU B 15 42.24 -29.97 18.09
C GLU B 15 42.54 -29.92 16.61
N ASN B 16 43.52 -29.11 16.22
CA ASN B 16 43.84 -28.91 14.80
C ASN B 16 42.67 -28.36 13.98
N ARG B 17 41.68 -27.75 14.65
CA ARG B 17 40.54 -27.19 13.93
C ARG B 17 40.86 -25.79 13.39
N ILE B 18 40.91 -25.66 12.06
CA ILE B 18 40.88 -24.36 11.41
C ILE B 18 39.42 -23.91 11.24
N SER B 19 39.12 -22.67 11.59
CA SER B 19 37.78 -22.10 11.39
C SER B 19 37.87 -20.59 11.22
N ASP B 20 36.75 -19.98 10.80
CA ASP B 20 36.63 -18.52 10.64
C ASP B 20 37.69 -17.92 9.72
N ILE B 21 37.94 -18.61 8.58
CA ILE B 21 38.92 -18.15 7.56
C ILE B 21 38.25 -17.53 6.31
N GLY B 22 36.96 -17.76 6.14
CA GLY B 22 36.18 -17.06 5.11
C GLY B 22 36.52 -17.55 3.71
N PRO B 23 36.01 -16.84 2.69
CA PRO B 23 36.27 -17.17 1.29
C PRO B 23 37.70 -16.84 0.95
N ARG B 24 38.19 -17.40 -0.16
CA ARG B 24 39.43 -16.88 -0.78
C ARG B 24 39.20 -15.46 -1.29
N HIS B 25 40.28 -14.68 -1.40
CA HIS B 25 40.23 -13.36 -2.04
C HIS B 25 40.20 -13.58 -3.57
N ALA B 26 39.35 -12.84 -4.29
CA ALA B 26 39.25 -12.97 -5.75
C ALA B 26 40.57 -12.79 -6.45
N SER B 27 41.46 -11.96 -5.91
CA SER B 27 42.78 -11.72 -6.56
C SER B 27 43.64 -12.99 -6.65
N ASP B 28 43.30 -14.02 -5.86
CA ASP B 28 43.93 -15.35 -6.04
C ASP B 28 43.70 -15.90 -7.45
N PHE B 29 42.65 -15.42 -8.13
CA PHE B 29 42.13 -16.11 -9.33
C PHE B 29 41.98 -15.30 -10.61
N PHE B 30 42.18 -13.99 -10.57
CA PHE B 30 42.00 -13.15 -11.76
C PHE B 30 42.93 -13.56 -12.91
N PRO B 31 42.46 -13.44 -14.16
CA PRO B 31 43.43 -13.53 -15.27
C PRO B 31 44.39 -12.35 -15.18
N PRO B 32 45.60 -12.48 -15.76
CA PRO B 32 46.56 -11.35 -15.68
C PRO B 32 45.99 -9.99 -16.19
N VAL B 33 45.24 -10.01 -17.29
CA VAL B 33 44.67 -8.79 -17.84
C VAL B 33 43.62 -8.12 -16.93
N ILE B 34 42.91 -8.93 -16.14
CA ILE B 34 41.95 -8.43 -15.16
C ILE B 34 42.70 -7.79 -14.00
N ALA B 35 43.67 -8.53 -13.45
CA ALA B 35 44.52 -8.04 -12.37
C ALA B 35 45.21 -6.72 -12.71
N LYS B 36 45.69 -6.57 -13.95
CA LYS B 36 46.40 -5.33 -14.37
C LYS B 36 45.49 -4.10 -14.47
N ASN B 37 44.25 -4.31 -14.90
CA ASN B 37 43.40 -3.23 -15.37
C ASN B 37 42.20 -2.94 -14.47
N LYS B 38 42.04 -3.79 -13.46
CA LYS B 38 40.97 -3.64 -12.47
C LYS B 38 40.88 -2.18 -12.04
N GLY B 39 39.68 -1.61 -12.06
CA GLY B 39 39.52 -0.23 -11.60
C GLY B 39 39.73 0.80 -12.69
N GLN B 40 40.22 0.39 -13.85
CA GLN B 40 40.63 1.31 -14.91
C GLN B 40 39.84 1.12 -16.20
N TRP B 41 38.70 0.47 -16.12
CA TRP B 41 37.93 0.16 -17.32
C TRP B 41 37.24 1.39 -17.83
N LEU B 42 37.11 1.47 -19.13
CA LEU B 42 36.77 2.70 -19.81
C LEU B 42 35.46 2.53 -20.54
N TRP B 43 35.30 1.39 -21.24
CA TRP B 43 34.06 1.08 -21.98
C TRP B 43 33.99 -0.38 -22.41
N HIS B 44 32.79 -0.81 -22.79
CA HIS B 44 32.59 -2.16 -23.29
C HIS B 44 31.73 -2.12 -24.56
N GLU B 45 31.69 -3.25 -25.28
CA GLU B 45 30.79 -3.45 -26.42
C GLU B 45 30.46 -4.94 -26.51
N ILE B 46 29.28 -5.29 -27.00
CA ILE B 46 28.99 -6.69 -27.29
C ILE B 46 29.41 -6.97 -28.74
N CYS B 47 30.40 -7.83 -28.94
CA CYS B 47 30.92 -8.05 -30.30
C CYS B 47 29.92 -8.82 -31.13
N GLU B 48 29.26 -9.77 -30.48
CA GLU B 48 28.26 -10.61 -31.12
C GLU B 48 27.68 -11.49 -30.01
N PRO B 49 26.54 -12.14 -30.29
CA PRO B 49 25.93 -12.96 -29.22
C PRO B 49 26.97 -13.77 -28.46
N GLY B 50 27.03 -13.57 -27.14
CA GLY B 50 27.90 -14.37 -26.28
C GLY B 50 29.35 -13.89 -26.15
N ILE B 51 29.71 -12.84 -26.90
CA ILE B 51 31.04 -12.28 -26.84
C ILE B 51 31.03 -10.81 -26.43
N LEU B 52 31.63 -10.54 -25.28
CA LEU B 52 31.82 -9.19 -24.73
C LEU B 52 33.25 -8.70 -24.89
N MET B 53 33.43 -7.41 -25.08
CA MET B 53 34.76 -6.84 -25.01
C MET B 53 34.78 -5.60 -24.09
N HIS B 54 35.83 -5.49 -23.26
CA HIS B 54 36.08 -4.31 -22.42
C HIS B 54 37.40 -3.64 -22.80
N LYS B 55 37.37 -2.30 -22.93
CA LYS B 55 38.59 -1.49 -23.11
C LYS B 55 39.01 -0.82 -21.84
N ALA B 56 40.29 -0.96 -21.49
CA ALA B 56 40.87 -0.30 -20.33
C ALA B 56 41.58 1.02 -20.69
N GLU B 57 41.81 1.83 -19.67
CA GLU B 57 42.55 3.06 -19.84
C GLU B 57 43.96 2.86 -20.48
N SER B 58 44.58 1.71 -20.23
CA SER B 58 45.90 1.41 -20.76
C SER B 58 45.88 1.15 -22.25
N GLY B 59 44.68 0.88 -22.80
CA GLY B 59 44.52 0.36 -24.16
C GLY B 59 44.24 -1.14 -24.18
N ASP B 60 44.54 -1.83 -23.07
CA ASP B 60 44.27 -3.26 -22.98
C ASP B 60 42.80 -3.58 -23.30
N GLU B 61 42.60 -4.72 -23.96
CA GLU B 61 41.31 -5.26 -24.27
C GLU B 61 41.18 -6.64 -23.62
N VAL B 62 39.97 -6.97 -23.12
CA VAL B 62 39.65 -8.33 -22.74
C VAL B 62 38.35 -8.78 -23.44
N TYR B 63 38.35 -10.01 -23.94
CA TYR B 63 37.17 -10.55 -24.58
C TYR B 63 36.63 -11.61 -23.71
N THR B 64 35.34 -11.52 -23.40
CA THR B 64 34.65 -12.51 -22.59
C THR B 64 33.65 -13.30 -23.45
N VAL B 65 33.65 -14.61 -23.28
CA VAL B 65 32.76 -15.48 -23.99
C VAL B 65 31.85 -16.14 -22.98
N ARG B 66 30.56 -15.88 -23.10
CA ARG B 66 29.59 -16.40 -22.13
C ARG B 66 28.82 -17.55 -22.73
N CYS B 67 28.64 -18.63 -21.97
CA CYS B 67 27.85 -19.78 -22.42
C CYS B 67 26.96 -20.25 -21.29
N GLY B 68 25.93 -21.01 -21.63
CA GLY B 68 24.91 -21.43 -20.66
C GLY B 68 25.44 -22.43 -19.65
N GLY B 69 24.83 -22.46 -18.48
CA GLY B 69 25.15 -23.48 -17.49
C GLY B 69 23.84 -23.96 -16.90
N ALA B 70 23.76 -25.27 -16.70
CA ALA B 70 22.58 -25.87 -16.04
C ALA B 70 22.54 -25.64 -14.50
N ARG B 71 23.57 -24.98 -13.96
CA ARG B 71 23.60 -24.63 -12.53
C ARG B 71 23.90 -25.88 -11.70
N LEU B 72 22.94 -26.80 -11.63
CA LEU B 72 23.22 -28.17 -11.20
C LEU B 72 24.23 -28.85 -12.18
N MET B 73 25.38 -29.25 -11.68
CA MET B 73 26.40 -29.91 -12.54
C MET B 73 27.32 -30.87 -11.78
N SER B 74 27.76 -31.90 -12.48
CA SER B 74 28.67 -32.90 -11.93
C SER B 74 30.10 -32.37 -11.86
N VAL B 75 30.94 -33.05 -11.08
CA VAL B 75 32.35 -32.72 -11.02
C VAL B 75 33.02 -32.96 -12.39
N GLY B 76 32.50 -33.94 -13.14
CA GLY B 76 33.00 -34.24 -14.48
C GLY B 76 32.76 -33.09 -15.44
N HIS B 77 31.64 -32.40 -15.26
CA HIS B 77 31.32 -31.20 -16.06
C HIS B 77 32.19 -30.01 -15.62
N ILE B 78 32.42 -29.85 -14.32
CA ILE B 78 33.39 -28.86 -13.89
C ILE B 78 34.78 -29.18 -14.50
N ARG B 79 35.21 -30.43 -14.43
CA ARG B 79 36.53 -30.75 -14.96
C ARG B 79 36.60 -30.45 -16.46
N GLU B 80 35.50 -30.67 -17.16
CA GLU B 80 35.47 -30.36 -18.57
C GLU B 80 35.60 -28.83 -18.79
N ILE B 81 34.91 -28.06 -17.96
CA ILE B 81 35.03 -26.60 -17.93
C ILE B 81 36.51 -26.15 -17.69
N CYS B 82 37.16 -26.79 -16.71
CA CYS B 82 38.61 -26.59 -16.50
C CYS B 82 39.50 -27.00 -17.71
N ALA B 83 39.27 -28.18 -18.27
CA ALA B 83 39.92 -28.54 -19.53
C ALA B 83 39.83 -27.39 -20.53
N ILE B 84 38.62 -26.91 -20.82
CA ILE B 84 38.44 -25.82 -21.78
C ILE B 84 39.27 -24.58 -21.35
N ALA B 85 39.14 -24.17 -20.10
CA ALA B 85 39.88 -23.04 -19.55
C ALA B 85 41.41 -23.21 -19.63
N ASP B 86 41.90 -24.42 -19.35
CA ASP B 86 43.35 -24.70 -19.45
C ASP B 86 43.87 -24.61 -20.89
N LYS B 87 43.05 -25.00 -21.85
CA LYS B 87 43.48 -25.04 -23.23
C LYS B 87 43.42 -23.66 -23.89
N PHE B 88 42.47 -22.83 -23.48
CA PHE B 88 42.15 -21.56 -24.15
C PHE B 88 42.38 -20.29 -23.32
N CYS B 89 42.43 -20.41 -21.98
CA CYS B 89 42.29 -19.26 -21.09
C CYS B 89 43.33 -19.19 -20.00
N GLY B 90 44.42 -19.94 -20.17
CA GLY B 90 45.51 -19.94 -19.20
C GLY B 90 45.07 -20.42 -17.85
N GLY B 91 43.97 -21.18 -17.82
CA GLY B 91 43.46 -21.77 -16.59
C GLY B 91 42.55 -20.90 -15.71
N HIS B 92 42.04 -19.79 -16.27
CA HIS B 92 41.12 -18.88 -15.59
C HIS B 92 39.71 -18.91 -16.19
N LEU B 93 38.71 -18.64 -15.34
CA LEU B 93 37.30 -18.56 -15.76
C LEU B 93 36.50 -17.97 -14.60
N ARG B 94 35.26 -17.58 -14.87
CA ARG B 94 34.33 -17.14 -13.84
C ARG B 94 32.91 -17.65 -14.14
N PHE B 95 32.03 -17.52 -13.15
CA PHE B 95 30.58 -17.73 -13.36
C PHE B 95 29.81 -16.44 -13.02
N THR B 96 28.66 -16.23 -13.67
CA THR B 96 27.90 -15.01 -13.50
C THR B 96 26.90 -15.12 -12.37
N THR B 97 26.30 -13.99 -12.03
CA THR B 97 25.25 -13.96 -11.03
C THR B 97 23.99 -14.71 -11.50
N ARG B 98 23.96 -15.08 -12.78
CA ARG B 98 22.84 -15.85 -13.34
C ARG B 98 23.25 -17.27 -13.69
N ASN B 99 24.45 -17.64 -13.24
CA ASN B 99 24.98 -18.99 -13.45
C ASN B 99 25.26 -19.33 -14.91
N ASN B 100 25.65 -18.33 -15.69
CA ASN B 100 26.30 -18.63 -16.93
C ASN B 100 27.80 -18.80 -16.65
N ILE B 101 28.52 -19.35 -17.60
CA ILE B 101 29.96 -19.50 -17.50
C ILE B 101 30.62 -18.49 -18.44
N GLU B 102 31.70 -17.85 -17.97
CA GLU B 102 32.46 -16.86 -18.72
C GLU B 102 33.96 -17.25 -18.80
N PHE B 103 34.53 -17.19 -20.03
CA PHE B 103 35.94 -17.48 -20.31
C PHE B 103 36.51 -16.25 -20.95
N MET B 104 37.68 -15.83 -20.47
CA MET B 104 38.32 -14.61 -20.97
C MET B 104 39.62 -14.85 -21.79
N VAL B 105 39.74 -14.14 -22.90
CA VAL B 105 40.90 -14.25 -23.79
C VAL B 105 41.30 -12.82 -24.21
N THR B 106 42.43 -12.68 -24.91
CA THR B 106 42.96 -11.35 -25.21
C THR B 106 42.64 -10.78 -26.60
N THR B 107 42.14 -11.60 -27.51
CA THR B 107 41.79 -11.08 -28.85
C THR B 107 40.43 -11.59 -29.35
N LEU B 108 39.78 -10.79 -30.19
CA LEU B 108 38.53 -11.19 -30.84
C LEU B 108 38.62 -12.54 -31.58
N ASP B 109 39.69 -12.75 -32.33
CA ASP B 109 39.86 -14.01 -33.06
C ASP B 109 39.91 -15.26 -32.14
N GLU B 110 40.58 -15.15 -30.98
CA GLU B 110 40.56 -16.20 -29.98
C GLU B 110 39.15 -16.37 -29.42
N ALA B 111 38.43 -15.26 -29.23
CA ALA B 111 37.07 -15.32 -28.71
C ALA B 111 36.14 -16.02 -29.71
N LYS B 112 36.28 -15.67 -31.00
CA LYS B 112 35.50 -16.32 -32.07
C LYS B 112 35.79 -17.80 -32.20
N LYS B 113 37.07 -18.18 -32.15
CA LYS B 113 37.45 -19.59 -32.14
C LYS B 113 36.92 -20.31 -30.92
N LEU B 114 36.93 -19.67 -29.76
CA LEU B 114 36.42 -20.31 -28.55
C LEU B 114 34.87 -20.49 -28.59
N LYS B 115 34.17 -19.48 -29.12
CA LYS B 115 32.71 -19.57 -29.28
C LYS B 115 32.39 -20.80 -30.13
N GLU B 116 33.14 -20.95 -31.23
CA GLU B 116 32.86 -22.00 -32.18
C GLU B 116 33.14 -23.38 -31.59
N TYR B 117 34.20 -23.48 -30.79
CA TYR B 117 34.55 -24.71 -30.11
C TYR B 117 33.47 -25.04 -29.07
N LEU B 118 33.15 -24.07 -28.21
CA LEU B 118 32.13 -24.24 -27.17
C LEU B 118 30.80 -24.73 -27.77
N ASN B 119 30.33 -24.08 -28.82
CA ASN B 119 29.04 -24.43 -29.45
C ASN B 119 29.00 -25.83 -30.05
N ALA B 120 30.17 -26.45 -30.22
CA ALA B 120 30.26 -27.75 -30.90
C ALA B 120 30.13 -28.90 -29.91
N GLN B 121 30.25 -28.58 -28.62
CA GLN B 121 30.21 -29.61 -27.60
C GLN B 121 28.77 -30.05 -27.24
N LYS B 122 28.51 -31.36 -27.27
CA LYS B 122 27.17 -31.91 -27.08
C LYS B 122 27.18 -33.02 -26.04
N PHE B 123 26.13 -33.15 -25.23
CA PHE B 123 25.94 -34.32 -24.38
C PHE B 123 25.33 -35.43 -25.23
N GLU B 124 25.43 -36.67 -24.76
CA GLU B 124 24.68 -37.78 -25.34
C GLU B 124 23.15 -37.48 -25.22
N GLY B 125 22.48 -37.38 -26.38
CA GLY B 125 21.09 -36.97 -26.44
C GLY B 125 20.95 -35.73 -27.28
N GLY B 126 22.06 -35.05 -27.47
CA GLY B 126 22.11 -33.91 -28.36
C GLY B 126 22.07 -32.53 -27.75
N SER B 127 21.99 -32.42 -26.42
CA SER B 127 21.91 -31.07 -25.82
C SER B 127 23.28 -30.42 -25.78
N PHE B 128 23.31 -29.13 -26.10
CA PHE B 128 24.53 -28.33 -26.05
C PHE B 128 25.15 -28.37 -24.66
N LYS B 129 26.45 -28.58 -24.57
CA LYS B 129 27.10 -28.58 -23.28
C LYS B 129 27.33 -27.15 -22.80
N PHE B 130 27.60 -26.25 -23.75
CA PHE B 130 28.03 -24.88 -23.47
C PHE B 130 27.52 -23.96 -24.56
N PRO B 131 26.18 -23.81 -24.68
CA PRO B 131 25.71 -23.00 -25.79
C PRO B 131 26.08 -21.53 -25.53
N VAL B 132 26.62 -20.87 -26.52
CA VAL B 132 27.12 -19.51 -26.32
C VAL B 132 26.00 -18.50 -26.50
N GLY B 133 25.89 -17.56 -25.56
CA GLY B 133 24.92 -16.48 -25.63
C GLY B 133 24.77 -15.80 -24.30
N GLY B 134 23.55 -15.31 -23.99
CA GLY B 134 23.23 -14.62 -22.74
C GLY B 134 23.57 -13.13 -22.67
N THR B 135 24.11 -12.55 -23.74
CA THR B 135 24.49 -11.14 -23.75
C THR B 135 23.45 -10.26 -24.44
N GLY B 136 23.41 -8.98 -24.07
CA GLY B 136 22.59 -8.02 -24.77
C GLY B 136 21.12 -8.31 -24.64
N ALA B 137 20.34 -7.88 -25.62
CA ALA B 137 18.87 -7.89 -25.52
C ALA B 137 18.24 -9.20 -26.03
N GLY B 138 18.46 -10.27 -25.28
CA GLY B 138 17.92 -11.55 -25.63
C GLY B 138 17.23 -12.12 -24.42
N ILE B 139 17.38 -13.43 -24.23
CA ILE B 139 16.83 -14.09 -23.07
C ILE B 139 17.98 -14.91 -22.48
N THR B 140 18.26 -14.70 -21.20
CA THR B 140 19.42 -15.32 -20.61
C THR B 140 19.03 -16.50 -19.73
N ASN B 141 19.96 -16.93 -18.88
CA ASN B 141 19.77 -18.09 -18.05
C ASN B 141 18.64 -17.85 -17.07
N ILE B 142 18.03 -18.94 -16.60
CA ILE B 142 16.97 -18.85 -15.62
C ILE B 142 17.47 -19.19 -14.22
N VAL B 143 17.50 -18.18 -13.37
CA VAL B 143 17.78 -18.37 -11.94
C VAL B 143 16.65 -19.20 -11.28
N HIS B 144 17.01 -20.20 -10.48
CA HIS B 144 16.03 -21.20 -10.02
C HIS B 144 16.49 -21.89 -8.73
N THR B 145 15.71 -22.87 -8.25
CA THR B 145 15.88 -23.35 -6.88
C THR B 145 16.12 -24.90 -6.75
N GLN B 146 15.74 -25.52 -5.64
CA GLN B 146 16.11 -26.91 -5.44
C GLN B 146 15.13 -27.93 -6.03
N GLY B 147 13.84 -27.57 -6.07
CA GLY B 147 12.80 -28.48 -6.55
C GLY B 147 12.86 -29.85 -5.90
N TRP B 148 12.50 -30.88 -6.66
CA TRP B 148 12.53 -32.23 -6.11
C TRP B 148 13.93 -32.85 -6.06
N VAL B 149 14.96 -32.11 -6.45
CA VAL B 149 16.33 -32.63 -6.34
C VAL B 149 16.78 -32.67 -4.86
N HIS B 150 16.33 -31.72 -4.02
CA HIS B 150 16.85 -31.63 -2.65
C HIS B 150 15.97 -31.05 -1.54
N CYS B 151 14.91 -30.32 -1.88
CA CYS B 151 14.13 -29.59 -0.88
C CYS B 151 12.84 -30.31 -0.43
N HIS B 152 12.44 -30.11 0.81
CA HIS B 152 11.21 -30.71 1.31
C HIS B 152 9.96 -29.82 1.15
N THR B 153 10.12 -28.56 0.79
CA THR B 153 8.92 -27.72 0.64
C THR B 153 8.49 -27.32 -0.79
N PRO B 154 9.06 -27.95 -1.86
CA PRO B 154 8.64 -27.63 -3.21
C PRO B 154 7.19 -28.06 -3.58
N ALA B 155 6.62 -27.36 -4.54
CA ALA B 155 5.34 -27.75 -5.11
C ALA B 155 5.55 -28.09 -6.58
N THR B 156 6.82 -28.18 -6.97
CA THR B 156 7.18 -28.40 -8.35
C THR B 156 8.70 -28.63 -8.47
N ASP B 157 9.20 -28.73 -9.68
CA ASP B 157 10.61 -29.08 -9.86
C ASP B 157 11.33 -27.98 -10.59
N ALA B 158 12.42 -27.54 -10.01
CA ALA B 158 13.17 -26.42 -10.56
C ALA B 158 13.93 -26.85 -11.84
N SER B 159 14.77 -27.86 -11.69
CA SER B 159 15.62 -28.33 -12.76
C SER B 159 14.85 -28.72 -14.04
N GLY B 160 13.76 -29.48 -13.88
CA GLY B 160 12.88 -29.85 -14.99
C GLY B 160 12.19 -28.67 -15.66
N THR B 161 11.44 -27.89 -14.88
CA THR B 161 10.76 -26.71 -15.44
C THR B 161 11.72 -25.76 -16.17
N VAL B 162 12.92 -25.58 -15.63
CA VAL B 162 13.89 -24.69 -16.26
C VAL B 162 14.35 -25.27 -17.61
N LYS B 163 14.61 -26.58 -17.62
CA LYS B 163 15.03 -27.25 -18.85
C LYS B 163 13.94 -27.07 -19.92
N VAL B 164 12.69 -27.32 -19.55
CA VAL B 164 11.55 -27.20 -20.48
C VAL B 164 11.45 -25.80 -21.10
N VAL B 165 11.54 -24.77 -20.25
CA VAL B 165 11.44 -23.42 -20.70
C VAL B 165 12.64 -22.96 -21.55
N LEU B 166 13.86 -23.26 -21.12
CA LEU B 166 15.05 -22.93 -21.95
C LEU B 166 15.11 -23.70 -23.31
N ASP B 167 14.66 -24.96 -23.36
CA ASP B 167 14.50 -25.63 -24.67
C ASP B 167 13.52 -24.84 -25.53
N GLU B 168 12.39 -24.44 -24.93
CA GLU B 168 11.35 -23.76 -25.64
C GLU B 168 11.85 -22.43 -26.24
N LEU B 169 12.69 -21.71 -25.48
CA LEU B 169 13.11 -20.36 -25.86
C LEU B 169 14.54 -20.31 -26.39
N PHE B 170 15.15 -21.49 -26.49
CA PHE B 170 16.54 -21.64 -26.81
C PHE B 170 17.10 -20.69 -27.84
N GLU B 171 16.41 -20.54 -28.96
CA GLU B 171 16.92 -19.69 -30.05
C GLU B 171 17.14 -18.23 -29.64
N GLU B 172 16.56 -17.78 -28.52
CA GLU B 172 16.74 -16.37 -28.07
C GLU B 172 17.96 -16.14 -27.16
N PHE B 173 18.57 -17.23 -26.68
CA PHE B 173 19.76 -17.18 -25.88
C PHE B 173 20.99 -16.68 -26.67
N GLY B 174 21.18 -17.22 -27.88
CA GLY B 174 22.25 -16.81 -28.75
C GLY B 174 21.89 -15.70 -29.74
N GLN B 175 20.88 -14.93 -29.38
CA GLN B 175 20.46 -13.83 -30.26
C GLN B 175 20.03 -12.67 -29.44
N MET B 176 20.07 -11.50 -30.06
CA MET B 176 19.70 -10.28 -29.37
C MET B 176 18.57 -9.54 -30.10
N ARG B 177 17.36 -10.09 -29.99
CA ARG B 177 16.17 -9.57 -30.72
C ARG B 177 15.09 -8.96 -29.82
N MET B 178 15.27 -8.97 -28.51
CA MET B 178 14.27 -8.45 -27.57
C MET B 178 14.34 -6.93 -27.38
N PRO B 179 13.25 -6.30 -26.90
CA PRO B 179 13.34 -4.88 -26.66
C PRO B 179 14.42 -4.56 -25.61
N ALA B 180 14.63 -5.54 -24.72
CA ALA B 180 15.57 -5.48 -23.62
C ALA B 180 15.77 -6.90 -23.13
N GLN B 181 16.90 -7.17 -22.47
CA GLN B 181 17.21 -8.50 -21.97
C GLN B 181 16.11 -8.96 -21.05
N VAL B 182 15.58 -10.16 -21.30
CA VAL B 182 14.49 -10.70 -20.51
C VAL B 182 15.03 -11.63 -19.43
N ARG B 183 14.70 -11.32 -18.17
CA ARG B 183 15.12 -12.17 -17.05
C ARG B 183 13.94 -13.00 -16.62
N ILE B 184 14.07 -14.32 -16.81
CA ILE B 184 13.09 -15.27 -16.35
C ILE B 184 13.68 -15.98 -15.16
N SER B 185 12.86 -16.15 -14.10
CA SER B 185 13.27 -16.82 -12.87
C SER B 185 12.26 -17.85 -12.43
N MET B 186 12.66 -18.71 -11.48
CA MET B 186 11.81 -19.78 -11.04
C MET B 186 12.07 -20.11 -9.56
N ALA B 187 11.01 -20.35 -8.80
CA ALA B 187 11.09 -20.86 -7.41
C ALA B 187 10.01 -21.91 -7.22
N CYS B 188 10.29 -22.94 -6.42
CA CYS B 188 9.40 -24.11 -6.32
C CYS B 188 8.40 -24.04 -5.17
N CYS B 189 8.53 -23.03 -4.33
CA CYS B 189 7.50 -22.69 -3.35
C CYS B 189 7.59 -21.19 -3.10
N LEU B 190 6.72 -20.64 -2.25
CA LEU B 190 6.70 -19.17 -2.15
C LEU B 190 7.67 -18.53 -1.14
N ASN B 191 8.55 -19.34 -0.54
CA ASN B 191 9.75 -18.80 0.05
C ASN B 191 10.53 -17.99 -0.99
N MET B 192 10.41 -18.36 -2.26
CA MET B 192 10.99 -17.60 -3.39
C MET B 192 12.47 -17.42 -3.27
N CYS B 193 13.22 -18.50 -3.18
CA CYS B 193 14.65 -18.41 -2.93
C CYS B 193 15.44 -17.93 -4.17
N GLY B 194 15.30 -16.67 -4.50
CA GLY B 194 16.01 -16.13 -5.64
C GLY B 194 15.25 -14.90 -6.06
N ALA B 195 14.80 -14.88 -7.30
CA ALA B 195 14.43 -13.62 -7.97
C ALA B 195 13.00 -13.60 -8.54
N VAL B 196 12.17 -14.54 -8.09
CA VAL B 196 10.79 -14.59 -8.56
C VAL B 196 10.00 -13.29 -8.33
N HIS B 197 10.16 -12.68 -7.17
CA HIS B 197 9.38 -11.50 -6.87
C HIS B 197 9.83 -10.28 -7.69
N CYS B 198 10.92 -10.41 -8.44
CA CYS B 198 11.55 -9.28 -9.11
C CYS B 198 12.09 -9.56 -10.54
N SER B 199 11.35 -10.34 -11.33
CA SER B 199 11.79 -10.73 -12.67
C SER B 199 10.78 -10.34 -13.74
N ASP B 200 11.27 -10.23 -14.98
CA ASP B 200 10.43 -9.92 -16.15
C ASP B 200 9.30 -10.92 -16.28
N ILE B 201 9.62 -12.20 -16.11
CA ILE B 201 8.63 -13.28 -16.07
C ILE B 201 9.13 -14.26 -15.03
N ALA B 202 8.23 -14.80 -14.22
CA ALA B 202 8.59 -15.63 -13.08
C ALA B 202 7.67 -16.84 -12.99
N ILE B 203 8.26 -18.00 -12.66
CA ILE B 203 7.54 -19.25 -12.50
C ILE B 203 7.63 -19.68 -11.03
N LEU B 204 6.46 -19.96 -10.43
CA LEU B 204 6.34 -20.15 -9.00
C LEU B 204 5.49 -21.38 -8.69
N GLY B 205 6.11 -22.36 -7.98
CA GLY B 205 5.40 -23.56 -7.53
C GLY B 205 4.33 -23.11 -6.56
N TYR B 206 3.08 -23.53 -6.79
CA TYR B 206 1.93 -23.10 -5.97
C TYR B 206 1.17 -24.32 -5.42
N HIS B 207 0.70 -24.26 -4.17
CA HIS B 207 -0.17 -25.31 -3.62
C HIS B 207 -1.62 -24.80 -3.66
N ARG B 208 -2.59 -25.73 -3.66
CA ARG B 208 -4.01 -25.30 -3.63
C ARG B 208 -4.88 -26.08 -2.64
N LYS B 209 -4.23 -26.68 -1.64
CA LYS B 209 -4.91 -27.49 -0.66
C LYS B 209 -4.29 -27.27 0.70
N PRO B 210 -5.13 -27.18 1.75
CA PRO B 210 -4.62 -26.99 3.12
C PRO B 210 -3.76 -28.16 3.61
N PRO B 211 -2.94 -27.93 4.65
CA PRO B 211 -2.16 -29.00 5.24
C PRO B 211 -3.01 -30.21 5.67
N VAL B 212 -2.42 -31.40 5.57
CA VAL B 212 -2.93 -32.61 6.18
C VAL B 212 -2.27 -32.74 7.55
N ILE B 213 -3.06 -32.68 8.60
CA ILE B 213 -2.48 -32.67 9.95
C ILE B 213 -2.17 -34.06 10.48
N ASP B 214 -0.92 -34.26 10.91
CA ASP B 214 -0.48 -35.52 11.50
C ASP B 214 -0.62 -35.44 13.02
N HIS B 215 -1.86 -35.50 13.50
CA HIS B 215 -2.17 -35.28 14.94
C HIS B 215 -1.37 -36.10 15.94
N GLU B 216 -1.12 -37.37 15.60
CA GLU B 216 -0.34 -38.23 16.47
C GLU B 216 1.03 -37.66 16.81
N TRP B 217 1.69 -37.03 15.84
CA TRP B 217 3.08 -36.62 16.04
C TRP B 217 3.30 -35.14 16.26
N LEU B 218 2.26 -34.32 16.06
CA LEU B 218 2.44 -32.86 16.02
C LEU B 218 3.10 -32.27 17.25
N ASP B 219 2.55 -32.52 18.44
CA ASP B 219 3.11 -31.95 19.66
C ASP B 219 4.54 -32.47 19.95
N ASN B 220 4.82 -33.74 19.61
CA ASN B 220 6.16 -34.28 19.81
C ASN B 220 7.19 -33.72 18.83
N LEU B 221 6.77 -33.34 17.63
CA LEU B 221 7.75 -32.92 16.62
C LEU B 221 7.76 -31.40 16.38
N CYS B 222 6.75 -30.71 16.90
CA CYS B 222 6.60 -29.28 16.64
C CYS B 222 6.51 -28.47 17.90
N GLU B 223 7.10 -27.28 17.83
CA GLU B 223 6.85 -26.21 18.75
C GLU B 223 5.54 -25.54 18.29
N ILE B 224 4.43 -25.94 18.92
CA ILE B 224 3.09 -25.55 18.48
C ILE B 224 2.90 -24.03 18.26
N PRO B 225 3.29 -23.20 19.23
CA PRO B 225 3.12 -21.74 19.02
C PRO B 225 3.91 -21.21 17.81
N LEU B 226 5.00 -21.89 17.41
CA LEU B 226 5.74 -21.46 16.24
C LEU B 226 4.92 -21.71 14.98
N ALA B 227 4.25 -22.85 14.95
CA ALA B 227 3.35 -23.20 13.88
C ALA B 227 2.17 -22.23 13.81
N VAL B 228 1.57 -21.92 14.96
CA VAL B 228 0.51 -20.94 15.01
C VAL B 228 0.97 -19.55 14.50
N ALA B 229 2.15 -19.09 14.92
CA ALA B 229 2.68 -17.77 14.52
C ALA B 229 3.18 -17.76 13.10
N ALA B 230 3.26 -18.94 12.50
CA ALA B 230 3.78 -19.12 11.14
C ALA B 230 2.80 -18.66 10.08
N CYS B 231 1.53 -18.52 10.44
CA CYS B 231 0.47 -18.23 9.48
C CYS B 231 0.24 -16.74 9.21
N PRO B 232 0.45 -16.29 7.98
CA PRO B 232 0.25 -14.85 7.65
C PRO B 232 -1.19 -14.36 7.80
N VAL B 233 -2.15 -15.28 7.78
CA VAL B 233 -3.58 -14.92 7.75
C VAL B 233 -4.37 -15.53 8.94
N GLY B 234 -3.66 -16.04 9.96
CA GLY B 234 -4.29 -16.46 11.23
C GLY B 234 -5.28 -17.62 11.22
N ALA B 235 -5.03 -18.56 10.31
CA ALA B 235 -5.90 -19.72 10.11
C ALA B 235 -5.66 -20.86 11.11
N ILE B 236 -4.58 -20.77 11.90
CA ILE B 236 -4.19 -21.83 12.82
C ILE B 236 -4.39 -21.40 14.27
N ARG B 237 -4.90 -22.32 15.08
CA ARG B 237 -5.08 -22.08 16.52
C ARG B 237 -4.70 -23.36 17.26
N PRO B 238 -4.17 -23.21 18.48
CA PRO B 238 -3.84 -24.39 19.29
C PRO B 238 -5.11 -25.04 19.83
N THR B 239 -5.09 -26.37 19.96
CA THR B 239 -6.27 -27.08 20.44
C THR B 239 -5.89 -28.41 21.04
N LYS B 240 -6.84 -29.02 21.74
CA LYS B 240 -6.71 -30.41 22.16
C LYS B 240 -7.63 -31.22 21.29
N LYS B 241 -7.37 -32.52 21.20
CA LYS B 241 -8.10 -33.41 20.31
C LYS B 241 -7.94 -34.87 20.73
N GLU B 242 -9.06 -35.59 20.78
CA GLU B 242 -9.05 -37.03 21.02
C GLU B 242 -8.80 -37.80 19.71
N ILE B 243 -7.72 -38.58 19.69
CA ILE B 243 -7.34 -39.33 18.49
C ILE B 243 -7.15 -40.80 18.77
N VAL B 244 -7.39 -41.61 17.74
CA VAL B 244 -6.96 -43.01 17.73
C VAL B 244 -5.61 -43.09 17.00
N THR B 245 -4.55 -43.42 17.74
CA THR B 245 -3.21 -43.62 17.17
C THR B 245 -3.18 -44.79 16.16
N GLU B 246 -2.12 -44.88 15.35
CA GLU B 246 -2.02 -45.99 14.39
C GLU B 246 -1.66 -47.33 15.09
N LYS B 247 -1.45 -47.26 16.41
CA LYS B 247 -1.34 -48.45 17.30
C LYS B 247 -2.70 -48.92 17.82
N GLY B 248 -3.70 -48.04 17.75
CA GLY B 248 -5.06 -48.36 18.25
C GLY B 248 -5.41 -47.75 19.61
N GLU B 249 -4.45 -47.09 20.25
CA GLU B 249 -4.65 -46.42 21.53
C GLU B 249 -5.47 -45.12 21.34
N THR B 250 -6.54 -44.94 22.11
CA THR B 250 -7.21 -43.62 22.22
C THR B 250 -6.51 -42.77 23.28
N LYS B 251 -6.14 -41.55 22.89
CA LYS B 251 -5.53 -40.59 23.79
C LYS B 251 -5.80 -39.19 23.29
N THR B 252 -5.71 -38.20 24.18
CA THR B 252 -5.91 -36.81 23.78
C THR B 252 -4.60 -36.02 23.80
N VAL B 253 -4.36 -35.29 22.73
CA VAL B 253 -3.07 -34.65 22.50
C VAL B 253 -3.28 -33.15 22.37
N ASN B 254 -2.22 -32.37 22.59
CA ASN B 254 -2.16 -31.02 22.05
C ASN B 254 -1.86 -31.08 20.56
N THR B 255 -2.53 -30.24 19.81
CA THR B 255 -2.34 -30.20 18.38
C THR B 255 -2.81 -28.82 17.90
N VAL B 256 -3.04 -28.69 16.60
CA VAL B 256 -3.63 -27.47 16.10
C VAL B 256 -4.90 -27.85 15.40
N ALA B 257 -5.73 -26.85 15.13
CA ALA B 257 -6.82 -26.96 14.13
C ALA B 257 -6.67 -25.84 13.07
N ILE B 258 -6.99 -26.16 11.82
CA ILE B 258 -6.86 -25.19 10.74
C ILE B 258 -8.24 -24.98 10.07
N LYS B 259 -8.72 -23.73 10.05
CA LYS B 259 -9.93 -23.39 9.30
C LYS B 259 -9.62 -23.40 7.80
N ASN B 260 -10.00 -24.48 7.13
CA ASN B 260 -9.79 -24.63 5.68
C ASN B 260 -10.11 -23.38 4.84
N GLU B 261 -11.24 -22.74 5.09
CA GLU B 261 -11.65 -21.61 4.24
C GLU B 261 -10.76 -20.39 4.47
N ARG B 262 -9.89 -20.49 5.45
CA ARG B 262 -9.01 -19.39 5.83
C ARG B 262 -7.55 -19.60 5.41
N CYS B 263 -7.23 -20.78 4.89
CA CYS B 263 -5.86 -21.12 4.54
C CYS B 263 -5.66 -20.77 3.08
N MET B 264 -4.50 -20.24 2.73
CA MET B 264 -4.19 -19.94 1.31
C MET B 264 -2.93 -20.66 0.84
N PHE B 265 -2.56 -21.71 1.57
CA PHE B 265 -1.68 -22.77 1.06
C PHE B 265 -0.21 -22.34 0.93
N CYS B 266 0.21 -21.34 1.70
CA CYS B 266 1.54 -20.80 1.53
C CYS B 266 2.61 -21.84 1.90
N GLY B 267 2.29 -22.72 2.84
CA GLY B 267 3.22 -23.78 3.22
C GLY B 267 4.12 -23.47 4.41
N ASN B 268 3.94 -22.29 4.99
CA ASN B 268 4.89 -21.84 6.01
C ASN B 268 4.77 -22.59 7.33
N CYS B 269 3.57 -23.06 7.64
CA CYS B 269 3.39 -23.87 8.83
C CYS B 269 4.12 -25.21 8.69
N TYR B 270 4.25 -25.72 7.46
CA TYR B 270 5.04 -26.94 7.25
C TYR B 270 6.52 -26.67 7.42
N THR B 271 6.98 -25.51 6.93
CA THR B 271 8.36 -25.12 7.15
C THR B 271 8.70 -25.21 8.63
N MET B 272 7.73 -24.84 9.49
CA MET B 272 7.93 -24.85 10.95
C MET B 272 7.58 -26.17 11.62
N CYS B 273 6.82 -27.01 10.93
CA CYS B 273 6.23 -28.13 11.62
C CYS B 273 6.08 -29.37 10.72
N PRO B 274 6.95 -30.38 10.93
CA PRO B 274 6.98 -31.61 10.13
C PRO B 274 5.64 -32.34 10.04
N SER B 275 4.74 -32.09 11.01
CA SER B 275 3.46 -32.77 11.03
C SER B 275 2.39 -32.02 10.25
N LEU B 276 2.79 -31.04 9.45
CA LEU B 276 1.82 -30.29 8.65
C LEU B 276 2.04 -30.34 7.13
N PRO B 277 2.38 -31.53 6.58
CA PRO B 277 2.73 -31.55 5.16
C PRO B 277 1.56 -31.10 4.28
N LEU B 278 1.84 -30.57 3.10
CA LEU B 278 0.74 -30.18 2.24
C LEU B 278 0.86 -30.51 0.76
N SER B 279 1.98 -31.10 0.34
CA SER B 279 2.22 -31.33 -1.08
C SER B 279 1.17 -32.28 -1.65
N ASP B 280 0.86 -32.13 -2.94
CA ASP B 280 -0.24 -32.86 -3.53
C ASP B 280 -0.06 -32.90 -5.02
N GLN B 281 -0.18 -34.09 -5.59
CA GLN B 281 0.04 -34.25 -7.03
C GLN B 281 -0.81 -33.32 -7.93
N THR B 282 -2.13 -33.32 -7.74
CA THR B 282 -3.05 -32.59 -8.65
C THR B 282 -3.34 -31.18 -8.16
N GLY B 283 -3.15 -30.94 -6.87
CA GLY B 283 -3.32 -29.62 -6.30
C GLY B 283 -2.17 -28.68 -6.64
N ASP B 284 -0.95 -29.22 -6.62
CA ASP B 284 0.27 -28.44 -6.83
C ASP B 284 0.44 -28.09 -8.28
N GLY B 285 0.89 -26.87 -8.55
CA GLY B 285 1.21 -26.51 -9.91
C GLY B 285 2.00 -25.23 -9.95
N LEU B 286 1.75 -24.43 -10.98
CA LEU B 286 2.52 -23.25 -11.17
C LEU B 286 1.68 -22.01 -11.29
N VAL B 287 2.19 -20.92 -10.72
CA VAL B 287 1.68 -19.57 -10.94
C VAL B 287 2.70 -18.88 -11.81
N ILE B 288 2.23 -18.07 -12.77
CA ILE B 288 3.13 -17.24 -13.54
C ILE B 288 2.98 -15.77 -13.16
N MET B 289 4.13 -15.08 -13.08
CA MET B 289 4.16 -13.68 -12.68
C MET B 289 4.98 -12.95 -13.69
N ALA B 290 4.80 -11.64 -13.82
CA ALA B 290 5.52 -10.89 -14.83
C ALA B 290 5.65 -9.46 -14.39
N GLY B 291 6.64 -8.76 -14.97
CA GLY B 291 6.72 -7.32 -14.92
C GLY B 291 7.58 -6.73 -13.82
N GLY B 292 8.33 -7.56 -13.10
CA GLY B 292 9.27 -7.09 -12.08
C GLY B 292 10.69 -6.86 -12.63
N LYS B 293 11.54 -6.22 -11.82
CA LYS B 293 12.92 -5.89 -12.23
C LYS B 293 13.68 -5.25 -11.07
N VAL B 294 15.00 -5.40 -11.07
CA VAL B 294 15.79 -4.82 -10.02
C VAL B 294 16.53 -3.54 -10.44
N SER B 295 16.81 -3.35 -11.71
CA SER B 295 17.59 -2.16 -12.12
C SER B 295 16.90 -0.85 -11.73
N ASN B 296 17.61 0.25 -11.82
CA ASN B 296 16.97 1.54 -11.63
C ASN B 296 16.90 2.29 -12.93
N ARG B 297 17.15 1.57 -14.04
CA ARG B 297 17.21 2.18 -15.34
C ARG B 297 15.85 2.72 -15.72
N ILE B 298 15.80 4.02 -16.01
CA ILE B 298 14.51 4.77 -16.31
C ILE B 298 13.42 4.67 -15.20
N SER B 299 12.88 3.46 -15.04
CA SER B 299 11.87 3.22 -14.05
C SER B 299 12.52 2.66 -12.78
N ASN B 300 11.80 2.79 -11.68
CA ASN B 300 12.23 2.21 -10.42
C ASN B 300 12.05 0.69 -10.38
N PRO B 301 12.83 -0.02 -9.56
CA PRO B 301 12.60 -1.47 -9.39
C PRO B 301 11.12 -1.79 -9.11
N LYS B 302 10.62 -2.90 -9.68
CA LYS B 302 9.22 -3.29 -9.69
C LYS B 302 9.07 -4.70 -9.15
N PHE B 303 7.95 -4.94 -8.49
CA PHE B 303 7.58 -6.27 -8.14
C PHE B 303 6.92 -6.93 -9.34
N SER B 304 7.05 -8.25 -9.46
CA SER B 304 6.34 -8.94 -10.52
C SER B 304 4.92 -9.24 -10.05
N LYS B 305 3.99 -9.28 -11.00
CA LYS B 305 2.57 -9.38 -10.68
C LYS B 305 1.98 -10.70 -11.18
N VAL B 306 0.98 -11.22 -10.47
CA VAL B 306 0.31 -12.46 -10.91
C VAL B 306 -0.40 -12.35 -12.30
N VAL B 307 -0.04 -13.18 -13.27
CA VAL B 307 -0.64 -13.07 -14.62
C VAL B 307 -1.23 -14.40 -15.12
N VAL B 308 -0.86 -15.50 -14.46
CA VAL B 308 -1.54 -16.77 -14.67
C VAL B 308 -1.79 -17.40 -13.29
N ALA B 309 -3.05 -17.66 -12.97
CA ALA B 309 -3.42 -18.21 -11.66
C ALA B 309 -2.95 -19.66 -11.46
N PHE B 310 -2.95 -20.45 -12.53
CA PHE B 310 -2.62 -21.86 -12.42
C PHE B 310 -2.28 -22.55 -13.73
N ILE B 311 -1.10 -23.15 -13.80
CA ILE B 311 -0.76 -24.12 -14.82
C ILE B 311 -0.46 -25.38 -14.02
N PRO B 312 -1.04 -26.53 -14.43
CA PRO B 312 -0.77 -27.78 -13.72
C PRO B 312 0.65 -28.24 -13.94
N ASN B 313 1.18 -28.98 -12.96
CA ASN B 313 2.41 -29.70 -13.16
C ASN B 313 2.20 -30.79 -14.21
N GLU B 314 3.08 -30.86 -15.19
CA GLU B 314 2.98 -31.92 -16.16
C GLU B 314 4.38 -32.50 -16.39
N PRO B 315 4.94 -33.19 -15.37
CA PRO B 315 6.28 -33.76 -15.57
C PRO B 315 6.20 -34.86 -16.65
N PRO B 316 7.23 -35.00 -17.50
CA PRO B 316 8.55 -34.34 -17.47
C PRO B 316 8.69 -33.13 -18.40
N ARG B 317 7.71 -32.90 -19.26
CA ARG B 317 7.86 -31.88 -20.28
C ARG B 317 7.07 -30.60 -20.10
N TRP B 318 6.20 -30.55 -19.09
CA TRP B 318 5.39 -29.33 -18.79
C TRP B 318 5.00 -28.50 -20.04
N PRO B 319 4.30 -29.12 -21.00
CA PRO B 319 4.07 -28.39 -22.26
C PRO B 319 3.20 -27.13 -22.13
N ARG B 320 2.22 -27.15 -21.24
CA ARG B 320 1.39 -25.95 -21.03
C ARG B 320 2.21 -24.78 -20.53
N LEU B 321 3.16 -25.06 -19.64
CA LEU B 321 4.14 -24.05 -19.20
C LEU B 321 4.96 -23.48 -20.37
N ALA B 322 5.63 -24.37 -21.11
CA ALA B 322 6.46 -23.95 -22.26
C ALA B 322 5.66 -23.05 -23.16
N SER B 323 4.43 -23.44 -23.39
CA SER B 323 3.57 -22.76 -24.32
C SER B 323 3.15 -21.37 -23.83
N VAL B 324 2.83 -21.26 -22.55
CA VAL B 324 2.48 -19.98 -21.94
C VAL B 324 3.64 -18.94 -21.88
N ILE B 325 4.84 -19.34 -21.46
CA ILE B 325 5.96 -18.42 -21.45
C ILE B 325 6.25 -17.88 -22.86
N ARG B 326 6.30 -18.77 -23.85
CA ARG B 326 6.55 -18.38 -25.21
C ARG B 326 5.53 -17.33 -25.64
N GLN B 327 4.28 -17.58 -25.28
CA GLN B 327 3.20 -16.72 -25.68
C GLN B 327 3.40 -15.32 -25.08
N ILE B 328 3.73 -15.27 -23.78
CA ILE B 328 4.08 -13.99 -23.13
C ILE B 328 5.28 -13.30 -23.81
N VAL B 329 6.39 -14.02 -23.92
CA VAL B 329 7.56 -13.51 -24.62
C VAL B 329 7.23 -12.97 -26.02
N GLU B 330 6.49 -13.74 -26.82
CA GLU B 330 6.19 -13.31 -28.22
C GLU B 330 5.39 -11.99 -28.32
N ALA B 331 4.42 -11.81 -27.41
CA ALA B 331 3.60 -10.61 -27.36
C ALA B 331 4.46 -9.40 -26.96
N TYR B 332 5.33 -9.61 -25.99
CA TYR B 332 6.26 -8.59 -25.53
C TYR B 332 7.26 -8.22 -26.64
N ALA B 333 7.93 -9.20 -27.23
CA ALA B 333 8.93 -8.89 -28.28
C ALA B 333 8.31 -8.15 -29.48
N ALA B 334 7.04 -8.43 -29.79
CA ALA B 334 6.41 -7.85 -30.95
C ALA B 334 5.94 -6.43 -30.65
N ASP B 335 5.48 -6.19 -29.42
CA ASP B 335 4.82 -4.92 -29.14
C ASP B 335 5.65 -3.85 -28.45
N ALA B 336 6.52 -4.26 -27.51
CA ALA B 336 7.20 -3.30 -26.65
C ALA B 336 8.19 -2.42 -27.38
N ARG B 337 8.44 -1.23 -26.85
CA ARG B 337 9.42 -0.31 -27.41
C ARG B 337 10.83 -0.64 -26.96
N LYS B 338 11.81 -0.16 -27.73
CA LYS B 338 13.20 -0.34 -27.38
C LYS B 338 13.46 0.08 -25.95
N TYR B 339 14.19 -0.76 -25.21
CA TYR B 339 14.63 -0.54 -23.80
C TYR B 339 13.57 -0.86 -22.74
N GLU B 340 12.33 -1.09 -23.16
CA GLU B 340 11.27 -1.42 -22.24
C GLU B 340 11.46 -2.81 -21.71
N ARG B 341 11.55 -2.95 -20.40
CA ARG B 341 11.44 -4.26 -19.76
C ARG B 341 9.98 -4.67 -19.79
N VAL B 342 9.70 -5.92 -19.46
CA VAL B 342 8.34 -6.43 -19.52
C VAL B 342 7.38 -5.60 -18.64
N GLY B 343 7.82 -5.23 -17.44
CA GLY B 343 7.02 -4.31 -16.59
C GLY B 343 6.85 -2.90 -17.14
N ASP B 344 7.87 -2.37 -17.80
CA ASP B 344 7.78 -1.06 -18.47
C ASP B 344 6.65 -1.06 -19.47
N TRP B 345 6.66 -2.10 -20.32
CA TRP B 345 5.71 -2.28 -21.36
C TRP B 345 4.30 -2.44 -20.77
N ALA B 346 4.15 -3.40 -19.86
CA ALA B 346 2.86 -3.72 -19.29
C ALA B 346 2.22 -2.49 -18.64
N GLU B 347 2.98 -1.75 -17.85
CA GLU B 347 2.42 -0.61 -17.14
C GLU B 347 2.05 0.53 -18.07
N ARG B 348 2.80 0.69 -19.17
CA ARG B 348 2.56 1.77 -20.11
C ARG B 348 1.27 1.50 -20.88
N ILE B 349 1.14 0.30 -21.45
CA ILE B 349 -0.04 0.04 -22.23
C ILE B 349 -1.25 -0.21 -21.31
N GLY B 350 -0.98 -0.49 -20.03
CA GLY B 350 -2.03 -0.86 -19.09
C GLY B 350 -2.13 -2.38 -18.96
N TRP B 351 -2.31 -2.86 -17.75
CA TRP B 351 -2.45 -4.29 -17.58
C TRP B 351 -3.68 -4.84 -18.33
N GLU B 352 -4.71 -4.01 -18.47
CA GLU B 352 -5.87 -4.41 -19.28
C GLU B 352 -5.43 -4.79 -20.70
N ARG B 353 -4.46 -4.07 -21.27
CA ARG B 353 -3.92 -4.44 -22.59
C ARG B 353 -2.87 -5.53 -22.58
N PHE B 354 -2.10 -5.67 -21.51
CA PHE B 354 -1.18 -6.81 -21.36
C PHE B 354 -1.94 -8.14 -21.46
N PHE B 355 -3.01 -8.26 -20.68
CA PHE B 355 -3.83 -9.47 -20.69
C PHE B 355 -4.44 -9.81 -22.05
N GLU B 356 -4.79 -8.79 -22.82
CA GLU B 356 -5.39 -8.99 -24.11
C GLU B 356 -4.29 -9.35 -25.14
N LYS B 357 -3.23 -8.55 -25.13
CA LYS B 357 -2.12 -8.74 -26.01
C LYS B 357 -1.49 -10.13 -25.82
N CYS B 358 -1.33 -10.56 -24.57
CA CYS B 358 -0.73 -11.87 -24.29
C CYS B 358 -1.74 -12.99 -24.30
N GLU B 359 -3.01 -12.65 -24.52
CA GLU B 359 -4.12 -13.60 -24.59
C GLU B 359 -4.25 -14.49 -23.36
N LEU B 360 -4.10 -13.88 -22.19
CA LEU B 360 -4.19 -14.57 -20.92
C LEU B 360 -5.55 -14.32 -20.30
N ASP B 361 -6.13 -15.33 -19.65
CA ASP B 361 -7.36 -15.18 -18.85
C ASP B 361 -7.13 -14.30 -17.63
N PHE B 362 -8.22 -13.70 -17.13
CA PHE B 362 -8.20 -12.91 -15.91
C PHE B 362 -9.28 -13.39 -14.97
N SER B 363 -8.98 -13.49 -13.69
CA SER B 363 -9.93 -13.98 -12.75
C SER B 363 -9.74 -13.35 -11.38
N ILE B 364 -10.69 -13.64 -10.50
CA ILE B 364 -10.67 -13.38 -9.06
C ILE B 364 -9.23 -13.46 -8.53
N HIS B 365 -8.50 -14.47 -8.97
CA HIS B 365 -7.15 -14.81 -8.44
C HIS B 365 -6.08 -13.72 -8.55
N MET B 366 -6.22 -12.85 -9.56
CA MET B 366 -5.29 -11.76 -9.81
C MET B 366 -5.53 -10.56 -8.90
N ILE B 367 -6.72 -10.47 -8.31
CA ILE B 367 -7.13 -9.27 -7.54
C ILE B 367 -6.59 -9.32 -6.11
N ASP B 368 -5.66 -8.42 -5.77
CA ASP B 368 -5.10 -8.39 -4.41
C ASP B 368 -6.17 -8.37 -3.32
N ASP B 369 -6.02 -9.22 -2.30
CA ASP B 369 -6.95 -9.19 -1.15
C ASP B 369 -6.23 -9.37 0.20
N PHE B 370 -4.92 -9.15 0.19
CA PHE B 370 -4.09 -9.25 1.38
C PHE B 370 -3.95 -7.90 2.12
N ARG B 371 -4.64 -7.79 3.27
CA ARG B 371 -4.55 -6.63 4.18
C ARG B 371 -4.82 -5.27 3.50
N ASP B 372 -4.53 -4.19 4.21
CA ASP B 372 -4.84 -2.84 3.74
C ASP B 372 -4.12 -2.48 2.44
N PRO B 373 -2.90 -3.01 2.20
CA PRO B 373 -2.26 -2.64 0.92
C PRO B 373 -3.04 -3.06 -0.33
N ALA B 374 -3.84 -4.12 -0.24
CA ALA B 374 -4.61 -4.59 -1.39
C ALA B 374 -5.33 -3.44 -2.11
N TYR B 375 -5.90 -2.52 -1.33
CA TYR B 375 -6.75 -1.46 -1.82
C TYR B 375 -6.06 -0.64 -2.93
N TYR B 376 -4.77 -0.37 -2.76
CA TYR B 376 -4.00 0.53 -3.64
C TYR B 376 -3.79 -0.08 -5.04
N THR B 377 -3.99 -1.39 -5.17
CA THR B 377 -3.80 -2.07 -6.44
C THR B 377 -5.05 -2.02 -7.31
N TRP B 378 -6.21 -1.65 -6.72
CA TRP B 378 -7.46 -1.52 -7.49
C TRP B 378 -7.44 -0.24 -8.30
N ARG B 379 -8.48 0.02 -9.08
CA ARG B 379 -8.43 1.15 -10.00
C ARG B 379 -9.21 2.34 -9.44
N GLN B 380 -8.50 3.28 -8.81
CA GLN B 380 -9.15 4.54 -8.36
C GLN B 380 -9.04 5.69 -9.38
N THR B 381 -9.65 5.47 -10.54
CA THR B 381 -9.61 6.41 -11.65
C THR B 381 -10.55 5.87 -12.71
N THR B 382 -11.02 6.73 -13.58
CA THR B 382 -11.82 6.30 -14.72
C THR B 382 -10.89 6.15 -15.95
N ASN B 383 -9.58 6.34 -15.73
CA ASN B 383 -8.60 6.07 -16.80
C ASN B 383 -8.40 4.58 -17.00
N PHE B 384 -9.18 3.98 -17.89
CA PHE B 384 -8.98 2.61 -18.27
C PHE B 384 -9.26 2.55 -19.74
N LYS B 385 -8.75 1.53 -20.43
CA LYS B 385 -9.10 1.33 -21.84
C LYS B 385 -10.17 0.24 -21.91
N PHE B 386 -11.08 0.33 -22.87
CA PHE B 386 -12.06 -0.73 -23.09
C PHE B 386 -11.40 -1.92 -23.79
N ALA C 2 14.15 -44.94 15.01
CA ALA C 2 15.11 -45.92 15.58
C ALA C 2 15.02 -45.93 17.11
N MET C 3 14.97 -47.14 17.68
CA MET C 3 15.07 -47.32 19.13
C MET C 3 16.52 -47.57 19.49
N ILE C 4 16.99 -46.97 20.58
CA ILE C 4 18.32 -47.29 21.12
C ILE C 4 18.24 -47.61 22.60
N GLU C 5 19.19 -48.40 23.09
CA GLU C 5 19.33 -48.69 24.54
C GLU C 5 20.60 -48.04 25.08
N PHE C 6 20.44 -47.31 26.19
CA PHE C 6 21.57 -46.77 26.93
C PHE C 6 21.34 -47.04 28.41
N LYS C 7 22.34 -47.67 29.05
CA LYS C 7 22.27 -48.07 30.48
C LYS C 7 20.89 -48.65 30.88
N GLY C 8 20.41 -49.64 30.14
CA GLY C 8 19.14 -50.32 30.46
C GLY C 8 17.86 -49.49 30.30
N LYS C 9 17.99 -48.18 30.08
CA LYS C 9 16.86 -47.36 29.63
C LYS C 9 16.84 -47.31 28.09
N SER C 10 15.66 -47.07 27.50
CA SER C 10 15.59 -46.98 26.03
C SER C 10 14.78 -45.78 25.47
N PHE C 11 15.28 -45.21 24.37
CA PHE C 11 14.72 -43.97 23.82
C PHE C 11 14.47 -44.09 22.32
N GLU C 12 13.39 -43.48 21.84
CA GLU C 12 13.17 -43.37 20.41
C GLU C 12 13.78 -42.06 19.83
N ILE C 13 14.60 -42.21 18.79
CA ILE C 13 15.37 -41.10 18.22
C ILE C 13 15.20 -40.97 16.69
N ASP C 14 15.36 -39.75 16.16
CA ASP C 14 15.39 -39.56 14.68
C ASP C 14 16.80 -39.76 14.09
N GLU C 15 16.92 -39.59 12.78
CA GLU C 15 18.21 -39.73 12.08
C GLU C 15 19.26 -38.77 12.62
N ASP C 16 18.82 -37.71 13.30
CA ASP C 16 19.73 -36.63 13.74
C ASP C 16 20.16 -36.75 15.18
N GLY C 17 19.59 -37.74 15.87
CA GLY C 17 19.91 -38.02 17.25
C GLY C 17 19.00 -37.33 18.24
N PHE C 18 17.92 -36.72 17.75
CA PHE C 18 16.98 -36.01 18.64
C PHE C 18 15.97 -36.95 19.28
N LEU C 19 15.56 -36.61 20.50
CA LEU C 19 14.52 -37.35 21.19
C LEU C 19 13.16 -37.07 20.55
N LEU C 20 12.53 -38.12 20.03
CA LEU C 20 11.23 -37.99 19.34
C LEU C 20 10.11 -37.54 20.26
N LYS C 21 10.15 -37.97 21.51
CA LYS C 21 9.06 -37.72 22.46
C LYS C 21 9.57 -37.17 23.79
N PHE C 22 9.21 -35.93 24.09
CA PHE C 22 9.70 -35.25 25.28
C PHE C 22 9.26 -35.91 26.58
N GLU C 23 8.06 -36.46 26.60
CA GLU C 23 7.57 -37.18 27.77
C GLU C 23 8.33 -38.49 28.00
N ASP C 24 9.02 -38.98 26.97
CA ASP C 24 9.85 -40.19 27.06
C ASP C 24 11.25 -39.88 27.62
N TRP C 25 11.43 -38.64 28.11
CA TRP C 25 12.72 -38.16 28.62
C TRP C 25 13.16 -38.92 29.88
N GLY C 26 14.47 -38.95 30.11
CA GLY C 26 15.03 -39.48 31.34
C GLY C 26 16.40 -38.91 31.64
N PRO C 27 16.84 -39.01 32.91
CA PRO C 27 18.14 -38.44 33.32
C PRO C 27 19.31 -39.03 32.56
N GLU C 28 19.09 -40.12 31.82
CA GLU C 28 20.15 -40.80 31.09
C GLU C 28 20.28 -40.26 29.69
N TRP C 29 19.23 -39.58 29.21
CA TRP C 29 19.23 -38.99 27.87
C TRP C 29 20.46 -38.13 27.59
N ALA C 30 20.68 -37.11 28.42
CA ALA C 30 21.84 -36.22 28.25
C ALA C 30 23.16 -37.03 28.15
N GLU C 31 23.31 -38.05 29.01
CA GLU C 31 24.52 -38.91 29.04
C GLU C 31 24.66 -39.77 27.79
N TYR C 32 23.55 -40.25 27.23
CA TYR C 32 23.60 -40.94 25.93
C TYR C 32 24.16 -40.04 24.83
N VAL C 33 23.70 -38.79 24.80
CA VAL C 33 24.03 -37.85 23.72
C VAL C 33 25.45 -37.31 23.79
N LYS C 34 25.90 -36.95 24.98
CA LYS C 34 27.08 -36.09 25.17
C LYS C 34 28.27 -36.42 24.27
N GLU C 35 28.50 -37.70 24.00
CA GLU C 35 29.61 -38.16 23.14
C GLU C 35 29.55 -37.57 21.73
N SER C 36 28.39 -37.71 21.09
CA SER C 36 28.19 -37.24 19.71
C SER C 36 28.15 -35.71 19.63
N GLU C 37 28.02 -35.06 20.77
CA GLU C 37 28.06 -33.60 20.81
C GLU C 37 29.37 -33.04 21.36
N GLY C 38 30.40 -33.88 21.44
CA GLY C 38 31.78 -33.45 21.79
C GLY C 38 32.01 -33.03 23.25
N ILE C 39 31.27 -33.64 24.16
CA ILE C 39 31.33 -33.28 25.57
C ILE C 39 31.84 -34.47 26.43
N SER C 40 32.95 -34.26 27.13
CA SER C 40 33.50 -35.23 28.09
C SER C 40 32.54 -35.46 29.26
N GLU C 41 32.29 -34.41 30.05
CA GLU C 41 31.38 -34.49 31.18
C GLU C 41 30.40 -33.31 31.18
N ILE C 42 29.20 -33.59 31.66
CA ILE C 42 28.18 -32.59 31.85
C ILE C 42 28.45 -31.86 33.16
N THR C 43 29.05 -30.68 33.05
CA THR C 43 29.37 -29.84 34.20
C THR C 43 28.13 -29.09 34.70
N GLU C 44 28.26 -28.31 35.79
CA GLU C 44 27.11 -27.53 36.33
C GLU C 44 26.61 -26.49 35.32
N ALA C 45 27.53 -25.96 34.52
CA ALA C 45 27.20 -24.93 33.53
C ALA C 45 26.37 -25.50 32.36
N HIS C 46 26.69 -26.73 31.94
CA HIS C 46 25.88 -27.42 30.96
C HIS C 46 24.50 -27.62 31.50
N GLN C 47 24.42 -28.03 32.77
CA GLN C 47 23.15 -28.35 33.43
C GLN C 47 22.22 -27.15 33.62
N GLN C 48 22.78 -25.98 33.91
CA GLN C 48 21.95 -24.79 34.05
C GLN C 48 21.26 -24.51 32.72
N ILE C 49 21.98 -24.79 31.63
CA ILE C 49 21.46 -24.54 30.31
C ILE C 49 20.38 -25.57 29.98
N LEU C 50 20.64 -26.84 30.27
CA LEU C 50 19.68 -27.89 29.98
C LEU C 50 18.39 -27.67 30.79
N ASP C 51 18.54 -27.41 32.08
CA ASP C 51 17.38 -27.19 32.93
C ASP C 51 16.57 -26.02 32.40
N PHE C 52 17.26 -24.98 31.95
CA PHE C 52 16.56 -23.79 31.49
C PHE C 52 15.75 -24.07 30.22
N LEU C 53 16.40 -24.73 29.26
CA LEU C 53 15.75 -25.16 28.03
C LEU C 53 14.50 -25.99 28.30
N GLN C 54 14.58 -26.92 29.27
CA GLN C 54 13.46 -27.82 29.61
C GLN C 54 12.31 -27.07 30.28
N ASP C 55 12.64 -26.23 31.25
CA ASP C 55 11.62 -25.41 31.93
C ASP C 55 10.91 -24.52 30.92
N TYR C 56 11.69 -23.90 30.04
CA TYR C 56 11.17 -22.99 29.06
C TYR C 56 10.25 -23.65 28.05
N TYR C 57 10.64 -24.83 27.58
CA TYR C 57 9.78 -25.65 26.76
C TYR C 57 8.52 -26.13 27.52
N LYS C 58 8.67 -26.66 28.73
CA LYS C 58 7.50 -27.04 29.55
C LYS C 58 6.47 -25.88 29.67
N LYS C 59 6.96 -24.66 29.92
CA LYS C 59 6.10 -23.48 30.13
C LYS C 59 5.51 -22.85 28.86
N ASN C 60 6.35 -22.73 27.82
CA ASN C 60 6.01 -21.94 26.62
C ASN C 60 5.73 -22.74 25.34
N GLY C 61 6.05 -24.03 25.35
CA GLY C 61 5.83 -24.89 24.19
C GLY C 61 6.74 -24.61 22.99
N ILE C 62 7.76 -23.79 23.22
CA ILE C 62 8.80 -23.48 22.21
C ILE C 62 10.17 -23.54 22.88
N ALA C 63 11.22 -23.65 22.06
CA ALA C 63 12.58 -23.34 22.48
C ALA C 63 12.70 -21.82 22.65
N PRO C 64 13.61 -21.35 23.52
CA PRO C 64 13.79 -19.92 23.65
C PRO C 64 14.69 -19.35 22.55
N MET C 65 14.49 -18.08 22.19
CA MET C 65 15.42 -17.40 21.28
C MET C 65 16.79 -17.39 21.93
N VAL C 66 17.85 -17.36 21.12
CA VAL C 66 19.22 -17.25 21.65
C VAL C 66 19.41 -16.03 22.55
N ARG C 67 18.76 -14.93 22.22
CA ARG C 67 18.85 -13.70 23.00
C ARG C 67 18.32 -13.97 24.43
N ILE C 68 17.26 -14.77 24.52
CA ILE C 68 16.53 -14.99 25.76
C ILE C 68 17.31 -15.99 26.61
N LEU C 69 17.88 -16.99 25.95
CA LEU C 69 18.73 -17.97 26.61
C LEU C 69 19.93 -17.29 27.28
N SER C 70 20.55 -16.35 26.57
CA SER C 70 21.67 -15.60 27.11
C SER C 70 21.28 -14.75 28.31
N LYS C 71 20.24 -13.94 28.15
CA LYS C 71 19.79 -13.05 29.20
C LYS C 71 19.25 -13.81 30.42
N SER C 72 18.80 -15.05 30.23
CA SER C 72 18.22 -15.81 31.32
C SER C 72 19.25 -16.62 32.07
N THR C 73 20.26 -17.16 31.37
CA THR C 73 21.25 -18.00 32.02
C THR C 73 22.56 -17.27 32.25
N GLY C 74 22.72 -16.10 31.63
CA GLY C 74 23.98 -15.34 31.69
C GLY C 74 25.14 -15.84 30.83
N TYR C 75 25.00 -16.97 30.15
CA TYR C 75 26.02 -17.40 29.22
C TYR C 75 25.90 -16.67 27.88
N LYS C 76 26.97 -15.98 27.51
CA LYS C 76 27.05 -15.36 26.18
C LYS C 76 27.21 -16.46 25.11
N LEU C 77 26.90 -16.11 23.86
CA LEU C 77 26.95 -17.08 22.78
C LEU C 77 28.29 -17.84 22.68
N LYS C 78 29.40 -17.12 22.81
CA LYS C 78 30.73 -17.70 22.74
C LYS C 78 30.94 -18.78 23.81
N GLN C 79 30.32 -18.59 24.98
CA GLN C 79 30.42 -19.53 26.09
C GLN C 79 29.54 -20.76 25.88
N ILE C 80 28.35 -20.53 25.33
CA ILE C 80 27.48 -21.63 24.91
C ILE C 80 28.23 -22.58 23.98
N TYR C 81 28.98 -22.03 23.02
CA TYR C 81 29.79 -22.81 22.08
C TYR C 81 30.98 -23.46 22.76
N GLU C 82 31.52 -22.79 23.79
CA GLU C 82 32.56 -23.40 24.61
C GLU C 82 32.02 -24.65 25.32
N LEU C 83 30.78 -24.59 25.81
CA LEU C 83 30.14 -25.70 26.49
C LEU C 83 29.60 -26.73 25.49
N PHE C 84 28.85 -26.25 24.50
CA PHE C 84 28.24 -27.10 23.48
C PHE C 84 28.76 -26.74 22.09
N PRO C 85 29.81 -27.44 21.62
CA PRO C 85 30.50 -27.13 20.36
C PRO C 85 29.64 -27.10 19.07
N SER C 86 28.46 -27.73 19.08
CA SER C 86 27.56 -27.71 17.91
C SER C 86 26.59 -26.50 17.97
N GLY C 87 26.63 -25.85 19.14
CA GLY C 87 25.83 -24.66 19.41
C GLY C 87 24.58 -25.00 20.19
N PRO C 88 23.73 -23.99 20.45
CA PRO C 88 22.51 -24.11 21.25
C PRO C 88 21.40 -25.02 20.66
N GLY C 89 21.33 -25.14 19.33
CA GLY C 89 20.31 -25.95 18.69
C GLY C 89 20.71 -27.41 18.72
N LYS C 90 21.68 -27.77 17.87
CA LYS C 90 22.15 -29.15 17.68
C LYS C 90 22.81 -29.79 18.94
N GLY C 91 23.44 -28.95 19.77
CA GLY C 91 24.00 -29.44 21.04
C GLY C 91 23.02 -29.37 22.19
N ALA C 92 22.84 -28.16 22.74
CA ALA C 92 22.04 -27.94 23.96
C ALA C 92 20.61 -28.47 23.83
N CYS C 93 19.87 -27.99 22.83
CA CYS C 93 18.50 -28.42 22.61
C CYS C 93 18.39 -29.95 22.44
N LYS C 94 19.30 -30.54 21.69
CA LYS C 94 19.31 -31.98 21.59
C LYS C 94 19.51 -32.61 22.98
N MET C 95 20.55 -32.18 23.68
CA MET C 95 20.87 -32.75 24.97
C MET C 95 19.76 -32.57 25.99
N ALA C 96 18.94 -31.54 25.79
CA ALA C 96 17.87 -31.22 26.74
C ALA C 96 16.65 -32.07 26.49
N GLY C 97 16.61 -32.72 25.34
CA GLY C 97 15.45 -33.53 24.95
C GLY C 97 14.34 -32.75 24.28
N LEU C 98 14.62 -31.52 23.85
CA LEU C 98 13.69 -30.74 23.03
C LEU C 98 13.55 -31.29 21.60
N PRO C 99 12.45 -30.91 20.91
CA PRO C 99 12.30 -31.23 19.50
C PRO C 99 13.35 -30.53 18.64
N LYS C 100 13.72 -31.18 17.56
CA LYS C 100 14.60 -30.63 16.53
C LYS C 100 14.14 -29.22 16.10
N PRO C 101 15.08 -28.25 16.06
CA PRO C 101 14.86 -26.92 15.47
C PRO C 101 14.40 -27.04 14.02
N THR C 102 13.50 -26.17 13.58
CA THR C 102 12.98 -26.22 12.22
C THR C 102 13.14 -24.85 11.54
N GLY C 103 12.67 -24.74 10.29
CA GLY C 103 12.82 -23.48 9.54
C GLY C 103 14.03 -23.55 8.62
N CYS C 104 14.44 -22.40 8.08
CA CYS C 104 15.55 -22.41 7.13
C CYS C 104 16.91 -22.38 7.82
N VAL C 105 17.22 -23.54 8.34
CA VAL C 105 18.33 -23.78 9.21
C VAL C 105 19.68 -23.71 8.48
N ALA D 2 -23.88 45.35 19.65
CA ALA D 2 -22.86 44.56 20.42
C ALA D 2 -23.29 44.23 21.86
N LYS D 3 -23.86 43.04 22.07
CA LYS D 3 -24.03 42.50 23.43
C LYS D 3 -22.66 42.08 24.08
N HIS D 4 -21.75 41.50 23.31
CA HIS D 4 -20.42 41.13 23.83
C HIS D 4 -19.28 41.88 23.14
N ALA D 5 -18.25 42.20 23.92
CA ALA D 5 -17.01 42.64 23.34
C ALA D 5 -16.49 41.48 22.44
N THR D 6 -16.09 41.79 21.20
CA THR D 6 -15.47 40.79 20.33
C THR D 6 -14.06 41.15 19.77
N PRO D 7 -13.10 41.55 20.64
CA PRO D 7 -11.85 42.15 20.10
C PRO D 7 -10.97 41.23 19.24
N LEU D 8 -11.06 39.91 19.41
CA LEU D 8 -10.29 38.99 18.54
C LEU D 8 -10.99 38.89 17.22
N LEU D 9 -12.28 38.51 17.27
CA LEU D 9 -13.12 38.42 16.07
C LEU D 9 -13.11 39.71 15.25
N ASP D 10 -13.06 40.86 15.92
CA ASP D 10 -12.98 42.16 15.22
C ASP D 10 -11.86 42.25 14.18
N GLN D 11 -10.78 41.49 14.37
CA GLN D 11 -9.64 41.53 13.41
C GLN D 11 -10.02 40.90 12.06
N LEU D 12 -11.08 40.09 12.06
CA LEU D 12 -11.53 39.45 10.82
C LEU D 12 -12.62 40.26 10.11
N GLN D 13 -12.79 41.52 10.53
CA GLN D 13 -13.66 42.42 9.80
C GLN D 13 -12.95 43.11 8.66
N SER D 14 -11.63 43.20 8.72
CA SER D 14 -10.87 43.86 7.66
C SER D 14 -10.36 42.84 6.65
N GLY D 15 -9.56 43.29 5.67
CA GLY D 15 -9.12 42.40 4.62
C GLY D 15 -10.24 42.20 3.59
N PRO D 16 -9.86 41.91 2.34
CA PRO D 16 -10.73 41.91 1.16
C PRO D 16 -11.80 40.79 1.07
N TRP D 17 -11.48 39.58 1.57
CA TRP D 17 -12.42 38.46 1.41
C TRP D 17 -13.67 38.70 2.25
N PRO D 18 -14.87 38.47 1.66
CA PRO D 18 -16.12 38.66 2.39
C PRO D 18 -15.99 38.19 3.84
N SER D 19 -16.29 39.05 4.80
CA SER D 19 -16.05 38.72 6.21
C SER D 19 -17.22 38.08 6.88
N PHE D 20 -17.11 36.81 7.26
CA PHE D 20 -18.22 36.21 7.99
C PHE D 20 -18.57 37.00 9.26
N VAL D 21 -17.57 37.67 9.84
CA VAL D 21 -17.83 38.47 11.04
C VAL D 21 -18.69 39.70 10.71
N ALA D 22 -18.35 40.41 9.64
CA ALA D 22 -19.11 41.59 9.31
C ALA D 22 -20.58 41.22 9.09
N ASP D 23 -20.78 40.07 8.45
CA ASP D 23 -22.08 39.61 8.03
C ASP D 23 -22.90 39.24 9.26
N ILE D 24 -22.33 38.40 10.12
CA ILE D 24 -23.06 38.00 11.30
C ILE D 24 -23.38 39.24 12.16
N LYS D 25 -22.44 40.18 12.26
CA LYS D 25 -22.72 41.44 12.96
C LYS D 25 -23.89 42.19 12.34
N GLU D 26 -23.91 42.24 11.00
CA GLU D 26 -25.02 42.88 10.31
C GLU D 26 -26.36 42.25 10.67
N GLU D 27 -26.39 40.92 10.82
CA GLU D 27 -27.64 40.17 11.01
C GLU D 27 -28.14 40.36 12.43
N ALA D 28 -27.21 40.37 13.38
CA ALA D 28 -27.51 40.68 14.78
C ALA D 28 -28.15 42.09 14.91
N GLU D 29 -27.66 43.05 14.13
CA GLU D 29 -28.22 44.41 14.14
C GLU D 29 -29.63 44.39 13.56
N ARG D 30 -29.83 43.69 12.45
CA ARG D 30 -31.17 43.58 11.85
C ARG D 30 -32.21 42.97 12.80
N ARG D 31 -31.83 41.95 13.58
CA ARG D 31 -32.74 41.33 14.54
C ARG D 31 -33.08 42.25 15.71
N HIS D 32 -32.06 43.02 16.14
CA HIS D 32 -32.19 44.02 17.18
C HIS D 32 -33.11 45.19 16.77
N SER D 33 -32.88 45.77 15.58
CA SER D 33 -33.76 46.79 15.00
C SER D 33 -35.15 46.24 14.72
N ASN D 34 -35.20 44.99 14.24
CA ASN D 34 -36.43 44.28 13.88
C ASN D 34 -37.41 45.12 13.10
N GLN D 35 -36.97 45.66 11.99
CA GLN D 35 -37.78 46.65 11.33
C GLN D 35 -38.91 46.10 10.44
N ASP D 36 -38.99 44.77 10.30
CA ASP D 36 -40.13 44.15 9.61
C ASP D 36 -41.12 43.50 10.60
N ASN D 37 -40.89 43.69 11.91
CA ASN D 37 -41.81 43.24 12.98
C ASN D 37 -42.06 41.74 13.08
N VAL D 38 -40.99 40.97 12.96
CA VAL D 38 -41.05 39.52 12.99
C VAL D 38 -41.20 39.04 14.45
N GLU D 39 -42.11 38.10 14.67
CA GLU D 39 -42.29 37.48 15.97
C GLU D 39 -41.19 36.44 16.12
N TYR D 40 -39.97 36.89 16.42
CA TYR D 40 -38.85 35.95 16.53
C TYR D 40 -39.20 34.81 17.48
N GLN D 41 -38.95 33.57 17.03
CA GLN D 41 -39.33 32.38 17.78
C GLN D 41 -38.21 31.85 18.68
N ILE D 42 -36.96 32.23 18.39
CA ILE D 42 -35.82 31.91 19.28
C ILE D 42 -35.24 33.22 19.82
N PRO D 43 -34.27 33.17 20.76
CA PRO D 43 -33.83 34.44 21.35
C PRO D 43 -33.43 35.46 20.30
N VAL D 44 -33.83 36.71 20.47
CA VAL D 44 -33.49 37.78 19.52
C VAL D 44 -31.97 37.93 19.35
N ASP D 45 -31.24 37.84 20.46
CA ASP D 45 -29.80 38.05 20.49
C ASP D 45 -29.00 36.74 20.20
N VAL D 46 -29.63 35.80 19.51
CA VAL D 46 -28.95 34.55 19.13
C VAL D 46 -27.61 34.80 18.41
N CYS D 47 -27.59 35.69 17.43
CA CYS D 47 -26.35 36.01 16.72
C CYS D 47 -25.30 36.68 17.58
N ASP D 48 -25.74 37.57 18.49
CA ASP D 48 -24.83 38.16 19.48
C ASP D 48 -24.16 37.09 20.30
N ASP D 49 -24.93 36.15 20.84
CA ASP D 49 -24.35 35.12 21.68
C ASP D 49 -23.49 34.15 20.88
N LEU D 50 -23.76 34.00 19.58
CA LEU D 50 -22.92 33.14 18.77
C LEU D 50 -21.56 33.81 18.63
N LEU D 51 -21.58 35.12 18.39
CA LEU D 51 -20.34 35.89 18.30
C LEU D 51 -19.57 35.89 19.62
N GLY D 52 -20.29 36.01 20.74
CA GLY D 52 -19.67 35.90 22.05
C GLY D 52 -19.01 34.56 22.35
N ILE D 53 -19.70 33.46 22.05
CA ILE D 53 -19.16 32.14 22.39
C ILE D 53 -18.00 31.82 21.48
N LEU D 54 -18.10 32.27 20.22
CA LEU D 54 -17.05 32.05 19.25
C LEU D 54 -15.79 32.83 19.64
N GLU D 55 -16.00 34.06 20.13
CA GLU D 55 -14.92 34.91 20.66
C GLU D 55 -14.26 34.21 21.86
N LEU D 56 -15.06 33.64 22.76
CA LEU D 56 -14.50 32.86 23.85
C LEU D 56 -13.60 31.75 23.30
N LYS D 57 -14.05 31.05 22.26
CA LYS D 57 -13.23 30.00 21.65
C LYS D 57 -11.92 30.51 21.08
N TYR D 58 -11.95 31.71 20.48
CA TYR D 58 -10.74 32.27 19.91
C TYR D 58 -9.77 32.58 21.04
N SER D 59 -10.35 33.00 22.17
CA SER D 59 -9.61 33.33 23.37
C SER D 59 -8.99 32.09 24.00
N ASP D 60 -9.78 31.03 24.23
CA ASP D 60 -9.20 29.88 24.92
C ASP D 60 -8.80 28.72 24.02
N GLY D 61 -8.98 28.88 22.71
CA GLY D 61 -8.50 27.91 21.71
C GLY D 61 -9.15 26.53 21.73
N THR D 62 -10.35 26.42 22.29
CA THR D 62 -11.08 25.16 22.32
C THR D 62 -12.54 25.42 22.03
N THR D 63 -13.22 24.42 21.48
CA THR D 63 -14.66 24.51 21.18
C THR D 63 -15.52 24.67 22.46
N HIS D 64 -16.68 25.28 22.34
CA HIS D 64 -17.56 25.45 23.49
C HIS D 64 -18.96 24.87 23.20
N TRP D 65 -19.02 23.89 22.31
CA TRP D 65 -20.25 23.09 22.13
C TRP D 65 -20.15 21.80 22.92
N LYS D 66 -21.22 21.44 23.64
CA LYS D 66 -21.24 20.17 24.38
C LYS D 66 -21.17 19.05 23.35
N HIS D 67 -20.83 17.85 23.80
CA HIS D 67 -20.79 16.72 22.89
C HIS D 67 -22.18 16.32 22.32
N GLY D 68 -22.29 16.19 21.01
CA GLY D 68 -23.44 15.51 20.40
C GLY D 68 -24.75 16.28 20.39
N GLY D 69 -25.86 15.54 20.56
CA GLY D 69 -27.20 16.09 20.49
C GLY D 69 -28.08 15.16 19.66
N ILE D 70 -29.24 14.77 20.20
CA ILE D 70 -30.19 13.92 19.51
C ILE D 70 -31.55 14.61 19.42
N VAL D 71 -31.81 15.27 18.30
CA VAL D 71 -33.08 15.94 18.09
C VAL D 71 -33.57 15.58 16.71
N GLY D 72 -34.83 15.86 16.42
CA GLY D 72 -35.34 15.60 15.08
C GLY D 72 -36.81 15.87 14.92
N VAL D 73 -37.37 15.45 13.80
CA VAL D 73 -38.82 15.53 13.64
C VAL D 73 -39.42 14.13 13.58
N PHE D 74 -40.67 14.00 14.01
CA PHE D 74 -41.31 12.70 14.07
C PHE D 74 -41.36 12.11 12.67
N GLY D 75 -41.15 10.80 12.59
CA GLY D 75 -41.16 10.09 11.31
C GLY D 75 -39.77 9.95 10.69
N TYR D 76 -38.83 10.79 11.11
CA TYR D 76 -37.49 10.82 10.49
C TYR D 76 -36.43 10.49 11.54
N GLY D 77 -35.46 9.67 11.17
CA GLY D 77 -34.37 9.31 12.09
C GLY D 77 -33.16 10.23 12.04
N GLY D 78 -33.10 11.09 11.04
CA GLY D 78 -32.04 12.09 10.92
C GLY D 78 -32.52 13.32 10.16
N GLY D 79 -31.60 14.24 9.89
CA GLY D 79 -31.96 15.49 9.27
C GLY D 79 -31.55 16.73 10.06
N VAL D 80 -31.42 16.59 11.37
CA VAL D 80 -31.09 17.72 12.21
C VAL D 80 -29.91 17.33 13.08
N ILE D 81 -28.90 18.19 13.13
CA ILE D 81 -27.74 17.98 14.00
C ILE D 81 -28.00 18.83 15.24
N GLY D 82 -28.35 18.21 16.36
CA GLY D 82 -28.60 18.96 17.58
C GLY D 82 -27.31 19.49 18.16
N ARG D 83 -27.38 20.61 18.88
CA ARG D 83 -26.21 21.18 19.54
C ARG D 83 -26.59 22.08 20.70
N TYR D 84 -25.77 22.01 21.75
CA TYR D 84 -25.95 22.79 22.98
C TYR D 84 -24.64 23.40 23.39
N CYS D 85 -24.63 24.72 23.59
CA CYS D 85 -23.43 25.37 24.05
C CYS D 85 -23.10 24.84 25.47
N ASP D 86 -21.81 24.86 25.82
CA ASP D 86 -21.36 24.37 27.12
C ASP D 86 -21.21 25.46 28.17
N GLN D 87 -21.69 26.65 27.85
CA GLN D 87 -21.78 27.73 28.81
C GLN D 87 -23.13 28.46 28.61
N PRO D 88 -24.24 27.76 28.94
CA PRO D 88 -25.60 28.29 28.68
C PRO D 88 -25.97 29.55 29.49
N GLN D 89 -25.38 29.72 30.68
CA GLN D 89 -25.62 30.94 31.47
C GLN D 89 -24.95 32.16 30.86
N MET D 90 -23.72 32.01 30.38
CA MET D 90 -23.02 33.11 29.73
C MET D 90 -23.67 33.45 28.37
N PHE D 91 -24.17 32.43 27.68
CA PHE D 91 -24.63 32.66 26.31
C PHE D 91 -26.00 32.04 26.08
N PRO D 92 -27.02 32.54 26.81
CA PRO D 92 -28.33 31.88 26.79
C PRO D 92 -28.90 31.75 25.36
N GLY D 93 -28.41 32.57 24.42
CA GLY D 93 -28.99 32.68 23.07
C GLY D 93 -28.63 31.52 22.13
N VAL D 94 -27.55 30.83 22.49
CA VAL D 94 -27.16 29.64 21.78
C VAL D 94 -27.22 28.39 22.69
N ALA D 95 -28.01 28.45 23.77
CA ALA D 95 -28.19 27.29 24.67
C ALA D 95 -28.65 26.06 23.87
N HIS D 96 -29.57 26.33 22.92
CA HIS D 96 -30.00 25.39 21.89
C HIS D 96 -29.48 26.00 20.59
N PHE D 97 -28.82 25.23 19.72
CA PHE D 97 -28.30 25.83 18.50
C PHE D 97 -28.24 24.81 17.34
N HIS D 98 -29.37 24.15 17.08
CA HIS D 98 -29.44 23.03 16.16
C HIS D 98 -29.33 23.46 14.69
N THR D 99 -28.70 22.62 13.87
CA THR D 99 -28.64 22.80 12.42
C THR D 99 -29.67 21.93 11.72
N VAL D 100 -30.44 22.52 10.80
CA VAL D 100 -31.37 21.76 10.00
C VAL D 100 -30.77 21.62 8.60
N ARG D 101 -30.78 20.39 8.07
CA ARG D 101 -30.24 20.09 6.77
C ARG D 101 -31.41 20.02 5.80
N VAL D 102 -31.45 20.96 4.85
CA VAL D 102 -32.58 21.08 3.94
C VAL D 102 -32.15 20.65 2.53
N ALA D 103 -32.96 19.78 1.92
CA ALA D 103 -32.64 19.19 0.63
C ALA D 103 -32.60 20.24 -0.48
N GLN D 104 -31.50 20.22 -1.22
CA GLN D 104 -31.24 21.19 -2.28
C GLN D 104 -31.58 20.68 -3.67
N PRO D 105 -31.93 21.58 -4.59
CA PRO D 105 -32.06 21.20 -5.99
C PRO D 105 -30.70 20.83 -6.57
N ALA D 106 -30.68 19.86 -7.50
CA ALA D 106 -29.46 19.37 -8.06
C ALA D 106 -28.82 20.44 -8.95
N GLY D 107 -27.57 20.81 -8.65
CA GLY D 107 -26.90 21.84 -9.43
C GLY D 107 -27.06 23.18 -8.74
N MET D 108 -27.81 23.18 -7.63
CA MET D 108 -27.99 24.36 -6.78
C MET D 108 -28.44 25.61 -7.56
N TYR D 109 -29.41 25.41 -8.47
CA TYR D 109 -30.09 26.52 -9.14
C TYR D 109 -31.28 26.98 -8.29
N TYR D 110 -31.44 28.28 -8.13
CA TYR D 110 -32.58 28.81 -7.40
C TYR D 110 -33.25 29.96 -8.13
N THR D 111 -34.51 30.20 -7.76
CA THR D 111 -35.17 31.47 -8.04
C THR D 111 -35.16 32.30 -6.76
N THR D 112 -35.21 33.61 -6.90
CA THR D 112 -35.29 34.50 -5.73
C THR D 112 -36.61 34.34 -4.94
N ASP D 113 -37.69 34.11 -5.66
CA ASP D 113 -38.96 33.60 -5.10
C ASP D 113 -38.83 32.56 -3.97
N PHE D 114 -38.11 31.48 -4.28
CA PHE D 114 -37.93 30.37 -3.38
C PHE D 114 -36.99 30.73 -2.22
N LEU D 115 -35.85 31.37 -2.53
CA LEU D 115 -34.89 31.77 -1.48
C LEU D 115 -35.46 32.79 -0.51
N LYS D 116 -36.22 33.77 -1.01
CA LYS D 116 -36.94 34.72 -0.13
C LYS D 116 -37.95 34.00 0.76
N GLN D 117 -38.69 33.05 0.20
CA GLN D 117 -39.58 32.26 1.04
C GLN D 117 -38.83 31.62 2.19
N LEU D 118 -37.70 30.98 1.87
CA LEU D 118 -36.92 30.24 2.84
C LEU D 118 -36.33 31.17 3.91
N CYS D 119 -35.82 32.32 3.47
CA CYS D 119 -35.38 33.38 4.36
C CYS D 119 -36.44 33.88 5.33
N ASP D 120 -37.66 34.15 4.83
CA ASP D 120 -38.78 34.58 5.70
C ASP D 120 -39.02 33.54 6.81
N LEU D 121 -38.99 32.27 6.42
CA LEU D 121 -39.19 31.16 7.32
C LEU D 121 -38.10 31.06 8.35
N TRP D 122 -36.85 31.17 7.90
CA TRP D 122 -35.74 30.95 8.80
C TRP D 122 -35.49 32.17 9.72
N ASP D 123 -35.62 33.36 9.17
CA ASP D 123 -35.70 34.63 9.94
C ASP D 123 -36.59 34.48 11.16
N MET D 124 -37.82 34.03 10.92
CA MET D 124 -38.73 33.89 12.02
C MET D 124 -38.36 32.78 12.98
N ARG D 125 -38.05 31.59 12.44
CA ARG D 125 -38.03 30.38 13.28
C ARG D 125 -36.64 29.86 13.66
N GLY D 126 -35.62 30.50 13.10
CA GLY D 126 -34.24 30.13 13.40
C GLY D 126 -33.42 31.38 13.68
N SER D 127 -32.13 31.28 13.39
CA SER D 127 -31.20 32.31 13.79
C SER D 127 -31.01 33.37 12.70
N GLY D 128 -31.51 33.09 11.51
CA GLY D 128 -31.18 33.90 10.34
C GLY D 128 -29.76 33.71 9.84
N LEU D 129 -29.14 32.59 10.20
CA LEU D 129 -27.80 32.21 9.68
C LEU D 129 -27.85 30.86 8.97
N THR D 130 -27.10 30.76 7.89
CA THR D 130 -27.11 29.57 7.06
C THR D 130 -25.69 29.17 6.69
N ASN D 131 -25.57 28.01 6.04
CA ASN D 131 -24.42 27.66 5.21
C ASN D 131 -24.99 27.36 3.84
N MET D 132 -24.47 28.02 2.80
CA MET D 132 -24.80 27.69 1.42
C MET D 132 -23.50 27.32 0.70
N HIS D 133 -23.18 26.03 0.54
CA HIS D 133 -23.99 24.90 1.01
C HIS D 133 -23.14 23.99 1.92
N GLY D 134 -23.79 23.04 2.59
CA GLY D 134 -23.07 21.97 3.27
C GLY D 134 -22.25 21.13 2.29
N ALA D 135 -21.17 20.52 2.81
CA ALA D 135 -20.22 19.83 1.97
C ALA D 135 -20.88 18.71 1.15
N THR D 136 -21.83 18.01 1.76
CA THR D 136 -22.59 16.97 1.08
C THR D 136 -23.56 17.59 0.09
N GLY D 137 -23.93 18.86 0.29
CA GLY D 137 -24.79 19.61 -0.66
C GLY D 137 -26.08 20.20 -0.08
N ASP D 138 -26.40 19.88 1.16
CA ASP D 138 -27.61 20.43 1.77
C ASP D 138 -27.63 21.97 1.90
N ILE D 139 -28.83 22.52 1.89
CA ILE D 139 -29.03 23.84 2.41
C ILE D 139 -28.89 23.69 3.90
N VAL D 140 -28.00 24.43 4.50
CA VAL D 140 -27.80 24.30 5.92
C VAL D 140 -28.39 25.52 6.61
N LEU D 141 -29.30 25.26 7.53
CA LEU D 141 -29.83 26.32 8.38
C LEU D 141 -29.26 26.17 9.78
N LEU D 142 -28.49 27.17 10.17
CA LEU D 142 -27.59 27.10 11.32
C LEU D 142 -28.17 27.75 12.58
N GLY D 143 -28.78 26.94 13.44
CA GLY D 143 -29.18 27.44 14.73
C GLY D 143 -30.66 27.68 14.93
N THR D 144 -31.27 26.76 15.69
CA THR D 144 -32.62 26.92 16.20
C THR D 144 -32.83 26.12 17.50
N THR D 145 -34.06 26.14 18.01
CA THR D 145 -34.35 25.49 19.29
C THR D 145 -35.17 24.27 19.00
N THR D 146 -35.15 23.32 19.94
CA THR D 146 -35.94 22.10 19.88
C THR D 146 -37.45 22.33 19.61
N PRO D 147 -38.14 23.21 20.41
CA PRO D 147 -39.59 23.38 20.13
C PRO D 147 -39.90 23.84 18.72
N GLN D 148 -38.95 24.53 18.08
CA GLN D 148 -39.17 25.08 16.74
C GLN D 148 -38.90 24.09 15.59
N LEU D 149 -38.30 22.94 15.89
CA LEU D 149 -38.00 21.96 14.85
C LEU D 149 -39.28 21.54 14.11
N GLU D 150 -40.31 21.09 14.83
CA GLU D 150 -41.56 20.67 14.16
C GLU D 150 -42.29 21.83 13.45
N GLU D 151 -42.19 23.05 13.97
CA GLU D 151 -42.90 24.19 13.38
C GLU D 151 -42.27 24.58 12.05
N PHE D 152 -40.94 24.59 12.04
CA PHE D 152 -40.21 24.87 10.84
C PHE D 152 -40.48 23.79 9.78
N TYR D 153 -40.36 22.54 10.19
CA TYR D 153 -40.65 21.41 9.29
C TYR D 153 -42.04 21.50 8.64
N PHE D 154 -43.04 21.79 9.48
CA PHE D 154 -44.42 21.97 9.04
C PHE D 154 -44.56 23.06 7.97
N GLU D 155 -43.89 24.19 8.15
CA GLU D 155 -43.94 25.23 7.14
C GLU D 155 -43.14 24.86 5.89
N LEU D 156 -41.99 24.24 6.10
CA LEU D 156 -41.11 23.86 4.99
C LEU D 156 -41.87 22.90 4.05
N THR D 157 -42.52 21.88 4.61
CA THR D 157 -43.28 20.94 3.78
C THR D 157 -44.59 21.54 3.23
N HIS D 158 -45.34 22.27 4.04
CA HIS D 158 -46.69 22.75 3.61
C HIS D 158 -46.67 23.98 2.69
N LYS D 159 -45.93 25.02 3.08
CA LYS D 159 -45.87 26.22 2.29
C LYS D 159 -44.84 26.11 1.18
N MET D 160 -43.77 25.33 1.40
CA MET D 160 -42.62 25.33 0.47
C MET D 160 -42.40 24.09 -0.37
N ASN D 161 -43.06 22.99 -0.01
CA ASN D 161 -42.95 21.73 -0.75
C ASN D 161 -41.50 21.21 -0.82
N ASN D 162 -40.82 21.26 0.30
CA ASN D 162 -39.42 20.90 0.34
C ASN D 162 -39.21 19.99 1.52
N ASP D 163 -38.24 19.09 1.41
CA ASP D 163 -37.95 18.11 2.46
C ASP D 163 -36.63 18.39 3.19
N LEU D 164 -36.42 17.72 4.31
CA LEU D 164 -35.13 17.68 4.96
C LEU D 164 -34.19 16.74 4.20
N GLY D 165 -32.89 16.98 4.39
CA GLY D 165 -31.85 16.12 3.85
C GLY D 165 -31.45 15.12 4.90
N GLY D 166 -30.33 14.42 4.70
CA GLY D 166 -30.03 13.27 5.51
C GLY D 166 -28.88 13.43 6.50
N SER D 167 -28.96 12.67 7.59
CA SER D 167 -27.84 12.54 8.53
C SER D 167 -28.00 11.19 9.23
N GLY D 168 -26.93 10.72 9.87
CA GLY D 168 -26.95 9.41 10.55
C GLY D 168 -26.42 8.27 9.70
N SER D 169 -26.88 7.05 9.99
CA SER D 169 -26.39 5.85 9.27
C SER D 169 -27.39 5.54 8.19
N ASN D 170 -27.40 6.38 7.17
CA ASN D 170 -28.43 6.32 6.17
C ASN D 170 -27.88 6.70 4.82
N LEU D 171 -28.75 6.72 3.83
CA LEU D 171 -28.44 7.38 2.60
C LEU D 171 -28.45 8.92 2.84
N ARG D 172 -27.30 9.53 2.67
CA ARG D 172 -27.18 10.96 2.79
C ARG D 172 -27.68 11.67 1.52
N THR D 173 -27.77 12.99 1.58
CA THR D 173 -28.21 13.82 0.46
C THR D 173 -27.28 13.64 -0.75
N PRO D 174 -27.83 13.15 -1.85
CA PRO D 174 -27.03 13.02 -3.08
C PRO D 174 -26.79 14.38 -3.76
N ALA D 175 -25.59 14.58 -4.32
CA ALA D 175 -25.27 15.79 -5.05
C ALA D 175 -24.75 15.47 -6.46
N SER D 176 -24.94 16.42 -7.39
CA SER D 176 -24.41 16.27 -8.73
C SER D 176 -23.61 17.52 -9.09
N CYS D 177 -22.74 17.42 -10.12
CA CYS D 177 -22.26 18.63 -10.81
C CYS D 177 -23.47 19.22 -11.54
N LEU D 178 -23.31 20.35 -12.20
CA LEU D 178 -24.44 21.00 -12.85
C LEU D 178 -24.86 20.29 -14.15
N GLY D 179 -24.06 19.31 -14.58
CA GLY D 179 -24.41 18.43 -15.69
C GLY D 179 -24.69 19.13 -16.99
N ASP D 180 -25.72 18.70 -17.70
CA ASP D 180 -25.98 19.29 -18.99
C ASP D 180 -26.78 20.60 -18.93
N SER D 181 -27.01 21.13 -17.72
CA SER D 181 -27.68 22.41 -17.61
C SER D 181 -26.85 23.49 -18.26
N ARG D 182 -25.51 23.37 -18.13
CA ARG D 182 -24.57 24.41 -18.57
C ARG D 182 -23.12 23.90 -18.79
N CYS D 183 -22.98 22.75 -19.44
CA CYS D 183 -21.65 22.19 -19.72
C CYS D 183 -21.75 21.34 -20.97
N GLU D 184 -20.78 21.50 -21.88
CA GLU D 184 -20.73 20.72 -23.12
C GLU D 184 -20.21 19.29 -22.94
N TRP D 185 -19.75 18.93 -21.75
CA TRP D 185 -19.14 17.60 -21.55
C TRP D 185 -19.97 16.59 -20.76
N ALA D 186 -21.10 17.01 -20.23
CA ALA D 186 -21.98 16.12 -19.48
C ALA D 186 -22.40 14.91 -20.34
N CYS D 187 -22.06 13.71 -19.88
CA CYS D 187 -22.26 12.50 -20.65
C CYS D 187 -23.62 11.90 -20.35
N TYR D 188 -24.26 12.40 -19.30
CA TYR D 188 -25.63 12.04 -18.99
C TYR D 188 -26.24 13.16 -18.16
N ASP D 189 -27.56 13.21 -18.12
CA ASP D 189 -28.27 14.19 -17.30
C ASP D 189 -28.03 13.95 -15.82
N ALA D 190 -26.94 14.50 -15.29
CA ALA D 190 -26.50 14.20 -13.94
C ALA D 190 -27.46 14.72 -12.89
N GLN D 191 -28.06 15.88 -13.14
CA GLN D 191 -29.01 16.44 -12.18
C GLN D 191 -30.21 15.52 -12.10
N GLU D 192 -30.67 15.03 -13.26
CA GLU D 192 -31.85 14.12 -13.32
C GLU D 192 -31.62 12.80 -12.60
N LEU D 193 -30.48 12.16 -12.87
CA LEU D 193 -30.19 10.92 -12.21
C LEU D 193 -30.06 11.13 -10.71
N CYS D 194 -29.44 12.24 -10.31
CA CYS D 194 -29.35 12.61 -8.89
C CYS D 194 -30.71 12.78 -8.22
N TYR D 195 -31.58 13.57 -8.83
CA TYR D 195 -32.95 13.78 -8.37
C TYR D 195 -33.69 12.47 -8.22
N GLN D 196 -33.65 11.68 -9.29
CA GLN D 196 -34.45 10.47 -9.39
C GLN D 196 -33.99 9.44 -8.35
N MET D 197 -32.67 9.37 -8.10
CA MET D 197 -32.12 8.44 -7.10
C MET D 197 -32.48 8.90 -5.69
N THR D 198 -32.44 10.22 -5.47
CA THR D 198 -32.88 10.82 -4.21
C THR D 198 -34.36 10.48 -3.94
N GLN D 199 -35.20 10.59 -4.97
CA GLN D 199 -36.63 10.28 -4.82
C GLN D 199 -36.86 8.77 -4.59
N GLU D 200 -36.20 7.94 -5.37
CA GLU D 200 -36.35 6.49 -5.25
C GLU D 200 -36.04 5.98 -3.83
N TYR D 201 -35.08 6.59 -3.16
CA TYR D 201 -34.62 6.07 -1.89
C TYR D 201 -34.90 6.97 -0.68
N GLN D 202 -35.98 7.75 -0.77
CA GLN D 202 -36.38 8.64 0.32
C GLN D 202 -36.42 7.91 1.67
N ASP D 203 -36.87 6.64 1.69
CA ASP D 203 -37.00 5.88 2.96
C ASP D 203 -35.61 5.60 3.55
N GLU D 204 -34.67 5.17 2.72
CA GLU D 204 -33.30 4.92 3.18
C GLU D 204 -32.54 6.20 3.62
N LEU D 205 -33.03 7.37 3.23
CA LEU D 205 -32.41 8.63 3.63
C LEU D 205 -33.06 9.16 4.90
N HIS D 206 -34.39 9.01 5.04
CA HIS D 206 -35.03 9.60 6.21
C HIS D 206 -34.97 8.70 7.45
N ARG D 207 -34.78 7.40 7.22
CA ARG D 207 -34.85 6.44 8.32
C ARG D 207 -33.65 5.52 8.29
N PRO D 208 -32.63 5.83 9.10
CA PRO D 208 -31.38 5.09 9.11
C PRO D 208 -31.59 3.57 9.27
N ALA D 209 -31.21 2.83 8.23
CA ALA D 209 -31.36 1.38 8.18
C ALA D 209 -30.01 0.66 8.05
N PHE D 210 -28.91 1.40 7.87
CA PHE D 210 -27.65 0.80 7.42
C PHE D 210 -26.66 0.60 8.57
N PRO D 211 -25.59 -0.21 8.35
CA PRO D 211 -24.47 -0.26 9.31
C PRO D 211 -23.79 1.08 9.56
N TYR D 212 -23.86 1.99 8.61
CA TYR D 212 -23.15 3.28 8.72
C TYR D 212 -23.70 4.22 7.66
N LYS D 213 -23.07 5.37 7.47
CA LYS D 213 -23.52 6.33 6.47
C LYS D 213 -23.17 5.83 5.05
N PHE D 214 -23.85 6.36 4.04
CA PHE D 214 -23.61 6.04 2.65
C PHE D 214 -23.91 7.30 1.87
N LYS D 215 -23.05 7.63 0.90
CA LYS D 215 -23.31 8.79 -0.01
C LYS D 215 -23.26 8.45 -1.52
N PHE D 216 -24.09 9.15 -2.31
CA PHE D 216 -24.04 9.13 -3.79
C PHE D 216 -23.56 10.48 -4.24
N LYS D 217 -22.76 10.52 -5.29
CA LYS D 217 -22.44 11.75 -6.00
C LYS D 217 -22.34 11.46 -7.49
N PHE D 218 -22.71 12.46 -8.31
CA PHE D 218 -22.91 12.26 -9.72
C PHE D 218 -22.11 13.27 -10.57
N ASP D 219 -21.03 12.81 -11.19
CA ASP D 219 -20.21 13.65 -12.06
C ASP D 219 -20.57 13.34 -13.51
N GLY D 220 -20.84 14.37 -14.31
CA GLY D 220 -21.19 14.16 -15.73
C GLY D 220 -20.03 13.69 -16.63
N CYS D 221 -18.78 13.92 -16.18
CA CYS D 221 -17.59 13.45 -16.92
C CYS D 221 -16.43 13.31 -15.93
N PRO D 222 -15.27 12.84 -16.41
CA PRO D 222 -14.15 12.54 -15.50
C PRO D 222 -13.47 13.74 -14.82
N ASN D 223 -13.82 14.99 -15.20
CA ASN D 223 -13.30 16.17 -14.51
C ASN D 223 -13.69 16.19 -13.03
N GLY D 224 -14.87 15.67 -12.70
CA GLY D 224 -15.16 15.37 -11.28
C GLY D 224 -15.52 16.60 -10.47
N CYS D 225 -16.29 17.50 -11.08
CA CYS D 225 -16.66 18.76 -10.48
C CYS D 225 -17.53 18.67 -9.18
N VAL D 226 -18.08 17.50 -8.86
CA VAL D 226 -18.71 17.36 -7.57
C VAL D 226 -17.83 16.49 -6.68
N ALA D 227 -16.70 16.05 -7.25
CA ALA D 227 -15.70 15.22 -6.56
C ALA D 227 -16.25 13.90 -6.03
N SER D 228 -17.16 13.27 -6.77
CA SER D 228 -17.70 11.96 -6.34
C SER D 228 -16.64 10.88 -6.05
N ILE D 229 -15.52 10.88 -6.77
CA ILE D 229 -14.49 9.84 -6.59
C ILE D 229 -13.84 9.88 -5.20
N ALA D 230 -13.97 11.01 -4.51
CA ALA D 230 -13.34 11.17 -3.18
C ALA D 230 -14.33 11.28 -2.03
N ARG D 231 -15.59 11.54 -2.33
CA ARG D 231 -16.53 11.98 -1.31
C ARG D 231 -17.90 11.30 -1.44
N SER D 232 -17.94 10.13 -2.09
CA SER D 232 -19.15 9.30 -2.08
C SER D 232 -18.79 7.81 -2.04
N ASP D 233 -19.57 7.03 -1.30
CA ASP D 233 -19.42 5.58 -1.24
C ASP D 233 -19.71 4.96 -2.58
N MET D 234 -20.71 5.49 -3.27
CA MET D 234 -20.99 5.12 -4.64
C MET D 234 -20.86 6.35 -5.51
N SER D 235 -19.92 6.29 -6.44
CA SER D 235 -19.57 7.42 -7.28
C SER D 235 -19.91 7.08 -8.71
N PHE D 236 -20.51 8.01 -9.43
CA PHE D 236 -21.03 7.78 -10.77
C PHE D 236 -20.42 8.80 -11.73
N ILE D 237 -19.59 8.36 -12.67
CA ILE D 237 -18.83 9.32 -13.46
C ILE D 237 -19.01 9.08 -14.93
N GLY D 238 -19.44 10.10 -15.67
CA GLY D 238 -19.76 9.96 -17.09
C GLY D 238 -18.55 9.63 -17.95
N THR D 239 -18.77 8.86 -19.02
CA THR D 239 -17.84 8.81 -20.17
C THR D 239 -18.66 8.51 -21.41
N TRP D 240 -17.89 8.25 -22.47
CA TRP D 240 -18.39 7.78 -23.74
C TRP D 240 -17.47 6.62 -24.12
N ARG D 241 -17.88 5.79 -25.07
CA ARG D 241 -17.04 4.65 -25.42
C ARG D 241 -16.76 4.56 -26.90
N ASP D 242 -17.17 5.57 -27.67
CA ASP D 242 -16.85 5.66 -29.09
C ASP D 242 -15.78 6.77 -29.29
N ASP D 243 -15.70 7.37 -30.48
CA ASP D 243 -14.61 8.32 -30.80
C ASP D 243 -14.85 9.75 -30.34
N ILE D 244 -13.77 10.44 -29.98
CA ILE D 244 -13.82 11.87 -29.79
C ILE D 244 -14.21 12.49 -31.14
N ARG D 245 -15.17 13.40 -31.14
CA ARG D 245 -15.51 14.10 -32.38
C ARG D 245 -14.55 15.32 -32.63
N ILE D 246 -13.88 15.32 -33.78
CA ILE D 246 -12.89 16.34 -34.11
C ILE D 246 -13.37 17.25 -35.23
N ASP D 247 -13.37 18.55 -34.92
CA ASP D 247 -13.60 19.57 -35.92
C ASP D 247 -12.24 20.09 -36.42
N GLN D 248 -11.78 19.59 -37.56
CA GLN D 248 -10.43 19.93 -38.05
C GLN D 248 -10.21 21.42 -38.33
N GLU D 249 -11.24 22.11 -38.82
CA GLU D 249 -11.12 23.55 -39.06
C GLU D 249 -10.87 24.28 -37.76
N ALA D 250 -11.59 23.89 -36.72
CA ALA D 250 -11.36 24.45 -35.38
C ALA D 250 -9.95 24.14 -34.87
N VAL D 251 -9.46 22.91 -35.12
CA VAL D 251 -8.05 22.57 -34.80
C VAL D 251 -7.11 23.60 -35.43
N ALA D 252 -7.36 23.93 -36.71
CA ALA D 252 -6.47 24.78 -37.48
C ALA D 252 -6.51 26.22 -36.95
N ALA D 253 -7.67 26.62 -36.44
CA ALA D 253 -7.83 27.90 -35.78
C ALA D 253 -7.05 28.01 -34.44
N TYR D 254 -7.07 26.96 -33.60
CA TYR D 254 -6.17 26.89 -32.43
C TYR D 254 -4.71 27.02 -32.84
N VAL D 255 -4.27 26.14 -33.74
CA VAL D 255 -2.90 26.20 -34.27
C VAL D 255 -2.51 27.59 -34.79
N GLY D 256 -3.48 28.31 -35.34
CA GLY D 256 -3.20 29.60 -35.97
C GLY D 256 -3.34 30.78 -35.04
N GLY D 257 -3.59 30.54 -33.76
CA GLY D 257 -3.72 31.62 -32.78
C GLY D 257 -5.09 32.28 -32.71
N GLU D 258 -6.07 31.72 -33.42
CA GLU D 258 -7.40 32.36 -33.50
C GLU D 258 -8.32 32.05 -32.31
N ILE D 259 -7.99 31.00 -31.54
CA ILE D 259 -8.74 30.69 -30.31
C ILE D 259 -7.74 30.40 -29.19
N GLN D 260 -7.98 31.00 -28.03
CA GLN D 260 -7.15 30.79 -26.85
C GLN D 260 -7.37 29.37 -26.34
N PRO D 261 -6.30 28.67 -25.95
CA PRO D 261 -6.44 27.29 -25.47
C PRO D 261 -7.12 27.26 -24.13
N ASN D 262 -7.86 26.18 -23.83
CA ASN D 262 -8.46 25.97 -22.51
C ASN D 262 -9.49 27.06 -22.19
N GLY D 263 -10.11 27.57 -23.25
CA GLY D 263 -11.12 28.62 -23.13
C GLY D 263 -10.65 29.91 -22.46
N GLY D 264 -9.34 30.16 -22.47
CA GLY D 264 -8.77 31.38 -21.91
C GLY D 264 -8.37 31.27 -20.44
N ALA D 265 -8.32 30.04 -19.92
CA ALA D 265 -8.06 29.78 -18.49
C ALA D 265 -6.71 30.29 -18.04
N HIS D 266 -5.79 30.41 -18.97
CA HIS D 266 -4.45 30.82 -18.58
C HIS D 266 -4.09 32.24 -19.04
N SER D 267 -5.09 33.06 -19.34
CA SER D 267 -4.83 34.34 -20.02
C SER D 267 -4.10 35.35 -19.14
N GLY D 268 -4.05 35.09 -17.85
CA GLY D 268 -3.42 36.01 -16.90
C GLY D 268 -1.90 35.95 -16.89
N LYS D 269 -1.32 34.99 -17.60
CA LYS D 269 0.12 34.85 -17.64
C LYS D 269 0.61 34.64 -19.06
N ASP D 270 1.85 35.05 -19.32
CA ASP D 270 2.42 34.79 -20.62
C ASP D 270 3.05 33.40 -20.69
N TRP D 271 2.37 32.49 -21.38
CA TRP D 271 2.89 31.16 -21.63
C TRP D 271 3.27 30.92 -23.09
N GLY D 272 3.38 31.99 -23.87
CA GLY D 272 3.74 31.85 -25.29
C GLY D 272 2.53 31.52 -26.12
N ALA D 273 2.69 31.46 -27.44
CA ALA D 273 1.58 31.11 -28.32
C ALA D 273 1.28 29.62 -28.17
N PHE D 274 0.01 29.27 -28.34
CA PHE D 274 -0.44 27.92 -28.21
C PHE D 274 0.38 27.03 -29.09
N ASP D 275 0.85 25.91 -28.55
CA ASP D 275 1.59 24.94 -29.35
C ASP D 275 0.95 23.57 -29.15
N ILE D 276 0.18 23.11 -30.13
CA ILE D 276 -0.63 21.90 -29.97
C ILE D 276 0.21 20.66 -29.62
N GLN D 277 1.44 20.63 -30.11
CA GLN D 277 2.34 19.51 -29.93
C GLN D 277 2.77 19.44 -28.47
N LYS D 278 3.19 20.57 -27.94
CA LYS D 278 3.57 20.67 -26.53
C LYS D 278 2.40 20.61 -25.53
N GLU D 279 1.24 21.13 -25.92
CA GLU D 279 0.16 21.34 -24.94
C GLU D 279 -0.87 20.23 -24.92
N VAL D 280 -0.88 19.45 -25.99
CA VAL D 280 -1.90 18.42 -26.19
C VAL D 280 -1.21 17.11 -26.54
N ILE D 281 -0.57 17.02 -27.71
CA ILE D 281 0.04 15.75 -28.17
C ILE D 281 1.04 15.14 -27.18
N ASP D 282 1.96 15.96 -26.66
CA ASP D 282 2.96 15.50 -25.68
C ASP D 282 2.46 15.28 -24.25
N LEU D 283 1.23 15.71 -23.95
CA LEU D 283 0.71 15.57 -22.58
C LEU D 283 -0.33 14.45 -22.44
N CYS D 284 -0.89 14.01 -23.57
CA CYS D 284 -1.84 12.89 -23.60
C CYS D 284 -1.24 11.69 -22.90
N PRO D 285 -1.86 11.23 -21.81
CA PRO D 285 -1.21 10.20 -20.98
C PRO D 285 -0.94 8.85 -21.66
N THR D 286 -1.58 8.55 -22.79
CA THR D 286 -1.39 7.28 -23.48
C THR D 286 -0.72 7.45 -24.82
N GLU D 287 -0.31 8.70 -25.13
CA GLU D 287 0.43 9.02 -26.35
C GLU D 287 -0.34 8.59 -27.59
N CYS D 288 -1.66 8.79 -27.58
CA CYS D 288 -2.50 8.20 -28.61
C CYS D 288 -2.93 9.19 -29.71
N MET D 289 -2.36 10.38 -29.69
CA MET D 289 -2.73 11.48 -30.59
C MET D 289 -1.50 11.84 -31.42
N TRP D 290 -1.71 12.31 -32.64
CA TRP D 290 -0.61 12.81 -33.46
C TRP D 290 -1.15 13.80 -34.48
N MET D 291 -0.30 14.68 -34.99
CA MET D 291 -0.67 15.58 -36.10
C MET D 291 -0.20 14.97 -37.42
N GLU D 292 -1.05 15.02 -38.43
CA GLU D 292 -0.70 14.49 -39.74
C GLU D 292 -1.27 15.42 -40.83
N ASP D 293 -0.38 16.10 -41.56
CA ASP D 293 -0.78 17.07 -42.58
C ASP D 293 -1.74 18.12 -42.03
N GLY D 294 -1.38 18.70 -40.89
CA GLY D 294 -2.18 19.73 -40.23
C GLY D 294 -3.51 19.29 -39.61
N LYS D 295 -3.77 17.97 -39.59
CA LYS D 295 -4.99 17.44 -38.98
C LYS D 295 -4.73 16.59 -37.74
N LEU D 296 -5.49 16.81 -36.68
CA LEU D 296 -5.35 16.00 -35.49
C LEU D 296 -5.90 14.58 -35.69
N GLN D 297 -5.14 13.55 -35.29
CA GLN D 297 -5.62 12.18 -35.32
C GLN D 297 -5.60 11.61 -33.92
N ILE D 298 -6.57 10.78 -33.60
CA ILE D 298 -6.64 10.18 -32.28
C ILE D 298 -6.90 8.69 -32.41
N ASN D 299 -6.05 7.87 -31.78
CA ASN D 299 -6.31 6.44 -31.73
C ASN D 299 -7.18 6.18 -30.49
N ASN D 300 -8.49 6.29 -30.69
CA ASN D 300 -9.48 6.22 -29.58
C ASN D 300 -9.48 4.92 -28.73
N ARG D 301 -9.09 3.81 -29.34
CA ARG D 301 -8.96 2.54 -28.62
C ARG D 301 -8.02 2.70 -27.44
N GLU D 302 -7.02 3.55 -27.62
CA GLU D 302 -5.97 3.73 -26.63
C GLU D 302 -6.22 4.96 -25.73
N CYS D 303 -7.32 5.67 -26.00
CA CYS D 303 -7.72 6.83 -25.20
C CYS D 303 -8.35 6.35 -23.89
N THR D 304 -7.90 6.88 -22.74
CA THR D 304 -8.53 6.51 -21.47
C THR D 304 -9.56 7.56 -21.01
N ARG D 305 -9.92 8.47 -21.93
CA ARG D 305 -10.91 9.52 -21.66
C ARG D 305 -10.59 10.40 -20.48
N CYS D 306 -9.32 10.83 -20.40
CA CYS D 306 -8.85 11.57 -19.22
C CYS D 306 -9.35 13.00 -19.21
N MET D 307 -9.82 13.45 -20.38
CA MET D 307 -10.39 14.82 -20.63
C MET D 307 -9.43 15.89 -21.06
N HIS D 308 -8.12 15.65 -20.88
CA HIS D 308 -7.13 16.71 -21.14
C HIS D 308 -7.35 17.47 -22.46
N CYS D 309 -7.38 16.74 -23.56
CA CYS D 309 -7.37 17.36 -24.85
C CYS D 309 -8.67 18.11 -25.07
N LEU D 310 -9.77 17.56 -24.56
CA LEU D 310 -11.03 18.28 -24.64
C LEU D 310 -10.97 19.58 -23.83
N ASN D 311 -10.39 19.50 -22.63
CA ASN D 311 -10.27 20.70 -21.80
C ASN D 311 -9.42 21.81 -22.44
N VAL D 312 -8.38 21.41 -23.19
CA VAL D 312 -7.52 22.40 -23.82
C VAL D 312 -8.18 22.97 -25.05
N MET D 313 -8.98 22.14 -25.73
CA MET D 313 -9.54 22.50 -26.99
C MET D 313 -11.06 22.31 -27.09
N PRO D 314 -11.82 22.97 -26.19
CA PRO D 314 -13.29 22.76 -26.14
C PRO D 314 -14.03 23.10 -27.44
N ARG D 315 -13.44 23.94 -28.27
CA ARG D 315 -14.11 24.35 -29.52
C ARG D 315 -13.83 23.43 -30.70
N ALA D 316 -12.96 22.44 -30.51
CA ALA D 316 -12.57 21.52 -31.58
C ALA D 316 -12.79 20.04 -31.25
N LEU D 317 -12.85 19.73 -29.97
CA LEU D 317 -12.98 18.34 -29.55
C LEU D 317 -14.24 18.14 -28.70
N ARG D 318 -14.98 17.06 -28.97
CA ARG D 318 -16.22 16.85 -28.27
C ARG D 318 -16.30 15.42 -27.80
N ILE D 319 -17.13 15.19 -26.80
CA ILE D 319 -17.30 13.84 -26.26
C ILE D 319 -17.93 12.98 -27.33
N GLY D 320 -17.84 11.66 -27.19
CA GLY D 320 -18.44 10.75 -28.17
C GLY D 320 -19.95 10.67 -28.06
N ASN D 321 -20.56 9.95 -28.99
CA ASN D 321 -22.03 9.84 -29.03
C ASN D 321 -22.60 8.67 -28.26
N ASP D 322 -21.73 7.73 -27.90
CA ASP D 322 -22.11 6.51 -27.23
C ASP D 322 -21.74 6.67 -25.74
N ARG D 323 -22.72 7.14 -24.97
CA ARG D 323 -22.48 7.67 -23.65
C ARG D 323 -23.10 6.85 -22.55
N GLY D 324 -22.52 6.97 -21.36
CA GLY D 324 -23.03 6.28 -20.17
C GLY D 324 -22.26 6.82 -18.99
N LEU D 325 -22.00 5.96 -18.00
CA LEU D 325 -21.17 6.33 -16.85
C LEU D 325 -20.46 5.08 -16.28
N SER D 326 -19.42 5.30 -15.50
CA SER D 326 -18.79 4.23 -14.72
C SER D 326 -19.19 4.40 -13.30
N ILE D 327 -19.18 3.31 -12.56
CA ILE D 327 -19.56 3.34 -11.14
C ILE D 327 -18.37 2.87 -10.30
N LEU D 328 -18.02 3.66 -9.29
CA LEU D 328 -16.85 3.38 -8.45
C LEU D 328 -17.30 3.36 -7.00
N VAL D 329 -16.72 2.47 -6.22
CA VAL D 329 -17.23 2.25 -4.87
C VAL D 329 -16.13 2.38 -3.84
N GLY D 330 -16.52 2.87 -2.66
CA GLY D 330 -15.67 2.79 -1.49
C GLY D 330 -15.01 4.05 -0.95
N ALA D 331 -15.18 5.18 -1.60
CA ALA D 331 -14.48 6.39 -1.16
C ALA D 331 -14.93 6.70 0.24
N LYS D 332 -14.04 7.31 1.03
CA LYS D 332 -14.32 7.74 2.40
C LYS D 332 -13.11 8.44 3.01
N ALA D 333 -13.38 9.31 4.00
CA ALA D 333 -12.32 9.92 4.84
C ALA D 333 -11.59 8.84 5.65
N PRO D 334 -10.43 9.18 6.26
CA PRO D 334 -9.52 8.20 6.91
C PRO D 334 -10.11 7.22 7.95
N ILE D 335 -10.76 7.74 9.00
CA ILE D 335 -11.24 6.87 10.07
C ILE D 335 -12.19 5.85 9.48
N LEU D 336 -12.02 4.55 9.74
CA LEU D 336 -11.02 3.98 10.64
C LEU D 336 -9.71 3.55 9.94
N ASP D 337 -9.83 2.88 8.80
CA ASP D 337 -8.74 2.10 8.25
C ASP D 337 -7.89 2.78 7.21
N GLY D 338 -8.12 4.08 7.00
CA GLY D 338 -7.47 4.81 5.90
C GLY D 338 -8.46 5.47 4.95
N ALA D 339 -8.09 6.65 4.44
CA ALA D 339 -8.78 7.28 3.32
C ALA D 339 -8.85 6.38 2.07
N GLN D 340 -9.99 6.43 1.39
CA GLN D 340 -10.15 5.74 0.12
C GLN D 340 -10.77 6.64 -0.92
N MET D 341 -10.37 6.47 -2.16
CA MET D 341 -11.18 6.95 -3.29
C MET D 341 -11.91 5.77 -3.89
N GLY D 342 -12.90 6.09 -4.73
CA GLY D 342 -13.70 5.07 -5.40
C GLY D 342 -12.85 4.10 -6.21
N SER D 343 -13.16 2.82 -6.13
CA SER D 343 -12.47 1.82 -6.94
C SER D 343 -13.43 1.37 -7.99
N LEU D 344 -13.00 1.40 -9.26
CA LEU D 344 -13.82 0.94 -10.36
C LEU D 344 -14.53 -0.40 -10.08
N LEU D 345 -15.86 -0.39 -10.29
CA LEU D 345 -16.70 -1.56 -10.17
C LEU D 345 -17.40 -1.85 -11.47
N VAL D 346 -18.04 -0.83 -12.05
CA VAL D 346 -18.77 -1.04 -13.28
C VAL D 346 -18.15 -0.15 -14.30
N PRO D 347 -17.42 -0.73 -15.27
CA PRO D 347 -16.72 0.19 -16.20
C PRO D 347 -17.66 1.05 -17.07
N PHE D 348 -18.77 0.50 -17.52
CA PHE D 348 -19.67 1.26 -18.40
C PHE D 348 -21.09 0.75 -18.32
N ILE D 349 -22.01 1.66 -18.07
CA ILE D 349 -23.42 1.33 -18.04
C ILE D 349 -24.23 2.47 -18.65
N LYS D 350 -25.24 2.11 -19.42
CA LYS D 350 -26.10 3.03 -20.12
C LYS D 350 -26.98 3.76 -19.07
N VAL D 351 -27.31 5.01 -19.33
CA VAL D 351 -28.15 5.78 -18.41
C VAL D 351 -29.51 6.10 -19.07
N GLU D 352 -30.58 5.52 -18.54
CA GLU D 352 -31.85 5.55 -19.24
C GLU D 352 -33.05 5.38 -18.29
N ASP D 353 -33.87 6.41 -18.14
CA ASP D 353 -34.99 6.36 -17.23
C ASP D 353 -35.80 5.12 -17.57
N PRO D 354 -36.17 4.32 -16.56
CA PRO D 354 -36.16 4.59 -15.11
C PRO D 354 -34.91 4.07 -14.36
N TYR D 355 -33.84 3.79 -15.10
CA TYR D 355 -32.52 3.52 -14.53
C TYR D 355 -32.49 2.24 -13.73
N ASP D 356 -33.30 1.27 -14.14
CA ASP D 356 -33.37 -0.03 -13.46
C ASP D 356 -31.98 -0.66 -13.23
N GLU D 357 -31.13 -0.59 -14.25
CA GLU D 357 -29.86 -1.27 -14.18
C GLU D 357 -28.92 -0.62 -13.16
N ILE D 358 -29.00 0.70 -13.03
CA ILE D 358 -28.27 1.42 -11.99
C ILE D 358 -28.85 1.07 -10.62
N LYS D 359 -30.17 1.01 -10.51
CA LYS D 359 -30.80 0.62 -9.25
C LYS D 359 -30.44 -0.81 -8.81
N GLU D 360 -30.11 -1.68 -9.78
CA GLU D 360 -29.71 -3.05 -9.47
C GLU D 360 -28.33 -3.08 -8.84
N ILE D 361 -27.44 -2.22 -9.33
CA ILE D 361 -26.10 -2.11 -8.77
C ILE D 361 -26.21 -1.60 -7.34
N ILE D 362 -27.02 -0.54 -7.14
CA ILE D 362 -27.11 0.14 -5.86
C ILE D 362 -27.62 -0.85 -4.84
N GLU D 363 -28.70 -1.54 -5.18
CA GLU D 363 -29.38 -2.43 -4.25
C GLU D 363 -28.60 -3.74 -4.00
N GLY D 364 -27.90 -4.22 -5.00
CA GLY D 364 -26.99 -5.35 -4.82
C GLY D 364 -25.88 -5.03 -3.82
N ILE D 365 -25.23 -3.87 -4.00
CA ILE D 365 -24.25 -3.37 -3.02
C ILE D 365 -24.88 -3.25 -1.63
N TRP D 366 -26.06 -2.63 -1.53
CA TRP D 366 -26.67 -2.43 -0.20
C TRP D 366 -27.07 -3.75 0.42
N GLU D 367 -27.63 -4.67 -0.38
CA GLU D 367 -28.02 -5.96 0.17
C GLU D 367 -26.79 -6.65 0.79
N TRP D 368 -25.65 -6.61 0.09
CA TRP D 368 -24.41 -7.19 0.61
C TRP D 368 -23.94 -6.49 1.90
N TRP D 369 -23.76 -5.19 1.82
CA TRP D 369 -23.23 -4.40 2.92
C TRP D 369 -24.15 -4.38 4.14
N MET D 370 -25.46 -4.42 3.92
CA MET D 370 -26.42 -4.43 5.05
C MET D 370 -26.38 -5.73 5.87
N GLU D 371 -26.06 -6.85 5.21
CA GLU D 371 -25.92 -8.12 5.92
C GLU D 371 -24.53 -8.28 6.61
N GLU D 372 -23.47 -7.95 5.88
CA GLU D 372 -22.13 -8.29 6.28
C GLU D 372 -21.40 -7.15 7.00
N GLY D 373 -21.82 -5.91 6.76
CA GLY D 373 -21.13 -4.77 7.35
C GLY D 373 -21.22 -4.76 8.87
N LYS D 374 -20.10 -4.51 9.53
CA LYS D 374 -20.07 -4.36 10.97
C LYS D 374 -20.57 -2.98 11.36
N ASN D 375 -20.80 -2.76 12.66
CA ASN D 375 -21.24 -1.45 13.13
C ASN D 375 -20.20 -0.43 12.78
N ARG D 376 -20.63 0.69 12.19
CA ARG D 376 -19.75 1.79 11.79
C ARG D 376 -18.64 1.38 10.80
N GLU D 377 -18.93 0.38 9.97
CA GLU D 377 -18.01 0.00 8.90
C GLU D 377 -18.55 0.57 7.59
N ARG D 378 -17.79 1.47 6.97
CA ARG D 378 -18.13 1.96 5.64
C ARG D 378 -17.98 0.85 4.61
N LEU D 379 -18.70 1.02 3.49
CA LEU D 379 -18.57 0.14 2.34
C LEU D 379 -17.10 -0.10 1.96
N GLY D 380 -16.30 0.98 1.96
CA GLY D 380 -14.91 0.89 1.54
C GLY D 380 -14.17 -0.07 2.45
N GLU D 381 -14.50 -0.02 3.71
CA GLU D 381 -13.86 -0.86 4.69
C GLU D 381 -14.29 -2.31 4.54
N LEU D 382 -15.56 -2.53 4.22
CA LEU D 382 -16.07 -3.87 3.92
C LEU D 382 -15.46 -4.46 2.63
N ILE D 383 -15.24 -3.62 1.64
CA ILE D 383 -14.56 -4.03 0.44
C ILE D 383 -13.12 -4.49 0.80
N LYS D 384 -12.44 -3.73 1.64
CA LYS D 384 -11.12 -4.16 2.09
C LYS D 384 -11.22 -5.41 2.94
N ARG D 385 -12.24 -5.49 3.80
CA ARG D 385 -12.35 -6.68 4.65
C ARG D 385 -12.62 -7.95 3.83
N GLN D 386 -13.70 -7.95 3.06
CA GLN D 386 -14.12 -9.16 2.34
C GLN D 386 -13.61 -9.24 0.90
N GLY D 387 -13.08 -8.13 0.38
CA GLY D 387 -12.37 -8.10 -0.90
C GLY D 387 -13.17 -7.57 -2.06
N LEU D 388 -12.47 -6.95 -3.03
CA LEU D 388 -13.09 -6.43 -4.25
C LEU D 388 -13.86 -7.48 -5.02
N ALA D 389 -13.32 -8.68 -5.13
CA ALA D 389 -14.04 -9.75 -5.79
C ALA D 389 -15.44 -9.98 -5.22
N LYS D 390 -15.62 -9.75 -3.92
CA LYS D 390 -16.94 -9.96 -3.34
C LYS D 390 -17.91 -8.89 -3.83
N ALA D 391 -17.42 -7.65 -3.94
CA ALA D 391 -18.20 -6.53 -4.50
C ALA D 391 -18.60 -6.78 -5.94
N ILE D 392 -17.67 -7.29 -6.73
CA ILE D 392 -17.96 -7.66 -8.11
C ILE D 392 -19.04 -8.73 -8.15
N ALA D 393 -18.93 -9.73 -7.31
CA ALA D 393 -19.95 -10.79 -7.25
C ALA D 393 -21.34 -10.26 -6.89
N ALA D 394 -21.38 -9.27 -5.99
CA ALA D 394 -22.62 -8.79 -5.41
C ALA D 394 -23.47 -8.01 -6.39
N VAL D 395 -22.84 -7.46 -7.42
CA VAL D 395 -23.58 -6.70 -8.44
C VAL D 395 -23.71 -7.57 -9.69
N GLY D 396 -23.37 -8.86 -9.52
CA GLY D 396 -23.49 -9.86 -10.58
C GLY D 396 -22.57 -9.71 -11.79
N LEU D 397 -21.34 -9.19 -11.57
CA LEU D 397 -20.34 -9.10 -12.63
C LEU D 397 -19.27 -10.18 -12.52
N THR D 398 -18.45 -10.31 -13.57
CA THR D 398 -17.26 -11.16 -13.42
C THR D 398 -16.02 -10.26 -13.45
N PRO D 399 -14.94 -10.65 -12.72
CA PRO D 399 -13.75 -9.79 -12.71
C PRO D 399 -13.17 -9.61 -14.11
N VAL D 400 -12.79 -8.38 -14.43
CA VAL D 400 -12.12 -8.07 -15.69
C VAL D 400 -10.84 -7.30 -15.33
N PRO D 401 -9.83 -7.28 -16.24
CA PRO D 401 -8.59 -6.55 -15.93
C PRO D 401 -8.83 -5.09 -15.55
N GLN D 402 -9.86 -4.46 -16.08
CA GLN D 402 -10.18 -3.07 -15.71
C GLN D 402 -10.49 -2.86 -14.22
N HIS D 403 -10.89 -3.92 -13.51
CA HIS D 403 -11.12 -3.91 -12.07
C HIS D 403 -9.88 -3.66 -11.22
N VAL D 404 -8.68 -3.77 -11.81
CA VAL D 404 -7.46 -3.43 -11.09
C VAL D 404 -6.57 -2.42 -11.84
N MET D 405 -5.75 -1.69 -11.08
CA MET D 405 -4.68 -0.94 -11.72
C MET D 405 -3.57 -1.93 -12.02
N GLU D 406 -3.40 -2.87 -11.10
CA GLU D 406 -2.38 -3.87 -11.27
C GLU D 406 -2.79 -5.16 -10.57
N PRO D 407 -2.36 -6.30 -11.13
CA PRO D 407 -2.58 -7.56 -10.43
C PRO D 407 -1.73 -7.58 -9.21
N ARG D 408 -2.14 -8.35 -8.22
CA ARG D 408 -1.37 -8.51 -7.03
C ARG D 408 0.07 -8.99 -7.26
N HIS D 409 0.94 -8.66 -6.31
CA HIS D 409 2.29 -9.17 -6.31
C HIS D 409 2.54 -10.16 -5.20
N ASN D 410 1.90 -10.01 -4.05
CA ASN D 410 2.08 -11.09 -3.06
C ASN D 410 1.26 -12.32 -3.42
N PRO D 411 1.85 -13.50 -3.29
CA PRO D 411 1.16 -14.65 -3.85
C PRO D 411 0.33 -15.41 -2.82
N TYR D 412 -0.37 -14.68 -1.96
CA TYR D 412 -1.24 -15.33 -0.96
C TYR D 412 -2.64 -15.49 -1.51
N ILE D 413 -2.81 -16.48 -2.38
CA ILE D 413 -4.00 -16.59 -3.22
C ILE D 413 -4.99 -17.66 -2.73
N PHE D 414 -6.22 -17.24 -2.44
CA PHE D 414 -7.25 -18.16 -2.04
C PHE D 414 -7.88 -18.92 -3.21
N TRP D 415 -8.18 -20.18 -2.98
CA TRP D 415 -8.94 -20.96 -3.94
C TRP D 415 -10.20 -21.45 -3.25
N LYS D 416 -11.29 -21.48 -4.00
CA LYS D 416 -12.46 -22.20 -3.59
C LYS D 416 -12.23 -23.70 -3.80
N GLU D 417 -12.63 -24.52 -2.81
CA GLU D 417 -12.54 -25.96 -2.90
C GLU D 417 -13.09 -26.57 -4.19
N LYS D 418 -14.26 -26.11 -4.67
CA LYS D 418 -14.85 -26.70 -5.90
C LYS D 418 -13.95 -26.53 -7.10
N ASP D 419 -13.01 -25.59 -7.05
CA ASP D 419 -12.10 -25.36 -8.18
C ASP D 419 -10.83 -26.20 -8.15
N VAL D 420 -10.58 -26.92 -7.05
CA VAL D 420 -9.36 -27.69 -6.94
C VAL D 420 -9.63 -29.19 -7.07
N GLU D 421 -8.99 -29.82 -8.06
CA GLU D 421 -9.14 -31.25 -8.30
C GLU D 421 -8.94 -32.07 -7.02
N GLY D 422 -9.96 -32.87 -6.68
CA GLY D 422 -9.92 -33.77 -5.52
C GLY D 422 -10.39 -33.16 -4.22
N GLY D 423 -10.58 -31.84 -4.20
CA GLY D 423 -10.97 -31.11 -3.00
C GLY D 423 -9.97 -31.17 -1.87
N TRP D 424 -10.44 -30.93 -0.64
CA TRP D 424 -9.57 -30.72 0.50
C TRP D 424 -9.64 -31.81 1.59
N ASP D 425 -10.44 -32.83 1.34
CA ASP D 425 -10.67 -33.89 2.34
C ASP D 425 -9.55 -34.94 2.24
N ARG D 426 -8.45 -34.72 2.96
CA ARG D 426 -7.27 -35.57 2.81
C ARG D 426 -6.90 -36.28 4.10
N ASP D 427 -6.47 -37.53 4.00
CA ASP D 427 -6.17 -38.38 5.16
C ASP D 427 -4.64 -38.53 5.29
N ILE D 428 -4.14 -38.38 6.50
CA ILE D 428 -2.69 -38.42 6.75
C ILE D 428 -2.12 -39.81 6.43
N ALA D 429 -2.97 -40.83 6.58
CA ALA D 429 -2.63 -42.21 6.22
C ALA D 429 -2.35 -42.36 4.73
N ASP D 430 -3.06 -41.60 3.89
CA ASP D 430 -2.86 -41.64 2.44
C ASP D 430 -1.52 -41.07 2.06
N TYR D 431 -1.19 -39.93 2.67
CA TYR D 431 0.10 -39.30 2.56
C TYR D 431 1.22 -40.21 3.12
N ARG D 432 1.06 -40.78 4.32
CA ARG D 432 2.12 -41.61 4.94
C ARG D 432 2.42 -42.89 4.18
N LYS D 433 1.49 -43.32 3.36
CA LYS D 433 1.70 -44.46 2.50
C LYS D 433 2.88 -44.16 1.57
N HIS D 434 3.03 -42.91 1.14
CA HIS D 434 4.04 -42.58 0.13
C HIS D 434 5.29 -41.89 0.67
N HIS D 435 5.25 -41.47 1.94
CA HIS D 435 6.33 -40.66 2.53
C HIS D 435 6.59 -41.07 3.98
N GLN D 436 7.72 -41.75 4.21
CA GLN D 436 8.07 -42.16 5.55
C GLN D 436 8.27 -40.94 6.47
N ARG D 437 7.77 -41.05 7.70
CA ARG D 437 8.02 -40.08 8.78
C ARG D 437 9.52 -39.80 8.96
N ALA E 2 -45.47 35.02 22.61
CA ALA E 2 -44.61 35.26 21.40
C ALA E 2 -44.41 33.99 20.55
N PHE E 3 -44.51 32.81 21.17
CA PHE E 3 -44.65 31.56 20.39
C PHE E 3 -45.79 31.63 19.37
N VAL E 4 -45.50 31.42 18.08
CA VAL E 4 -46.53 31.40 17.03
C VAL E 4 -46.57 30.02 16.35
N SER E 5 -47.69 29.32 16.47
CA SER E 5 -47.86 28.01 15.86
C SER E 5 -47.87 28.06 14.33
N SER E 6 -47.40 26.99 13.71
CA SER E 6 -47.33 26.90 12.26
C SER E 6 -48.58 26.26 11.69
N GLY E 7 -49.36 25.60 12.56
CA GLY E 7 -50.44 24.75 12.14
C GLY E 7 -50.23 23.36 12.69
N TYR E 8 -48.96 22.99 12.89
CA TYR E 8 -48.60 21.72 13.56
C TYR E 8 -49.29 21.56 14.92
N ASN E 9 -49.72 20.34 15.23
CA ASN E 9 -50.39 20.08 16.50
C ASN E 9 -49.68 19.04 17.35
N PRO E 10 -48.99 19.48 18.41
CA PRO E 10 -48.22 18.58 19.28
C PRO E 10 -49.02 17.39 19.87
N GLU E 11 -50.34 17.52 19.95
CA GLU E 11 -51.20 16.44 20.49
C GLU E 11 -51.68 15.46 19.40
N LYS E 12 -51.61 15.91 18.16
CA LYS E 12 -51.83 15.06 17.00
C LYS E 12 -50.61 15.16 16.05
N PRO E 13 -49.45 14.61 16.44
CA PRO E 13 -48.22 14.91 15.71
C PRO E 13 -48.16 14.35 14.28
N MET E 14 -48.87 13.25 14.00
CA MET E 14 -48.76 12.54 12.71
C MET E 14 -49.90 12.85 11.74
N GLU E 15 -50.68 13.88 12.07
CA GLU E 15 -51.82 14.30 11.29
C GLU E 15 -51.45 15.50 10.41
N ASN E 16 -51.82 15.46 9.13
CA ASN E 16 -51.29 16.41 8.14
C ASN E 16 -49.75 16.43 8.10
N ARG E 17 -49.09 15.31 8.40
CA ARG E 17 -47.64 15.28 8.29
C ARG E 17 -47.28 14.95 6.84
N ILE E 18 -46.72 15.92 6.11
CA ILE E 18 -46.17 15.66 4.79
C ILE E 18 -44.74 15.16 4.94
N SER E 19 -44.37 14.08 4.25
CA SER E 19 -43.00 13.57 4.36
C SER E 19 -42.54 12.87 3.09
N ASP E 20 -41.22 12.66 2.94
CA ASP E 20 -40.68 11.81 1.85
C ASP E 20 -40.94 12.41 0.49
N ILE E 21 -40.87 13.75 0.41
CA ILE E 21 -41.17 14.48 -0.81
C ILE E 21 -39.88 14.91 -1.52
N GLY E 22 -38.75 14.85 -0.81
CA GLY E 22 -37.46 15.08 -1.44
C GLY E 22 -37.17 16.52 -1.81
N PRO E 23 -36.06 16.76 -2.55
CA PRO E 23 -35.74 18.11 -2.95
C PRO E 23 -36.68 18.55 -4.05
N ARG E 24 -36.67 19.82 -4.38
CA ARG E 24 -37.31 20.32 -5.59
C ARG E 24 -36.57 19.85 -6.86
N HIS E 25 -37.29 19.75 -7.97
CA HIS E 25 -36.66 19.49 -9.26
C HIS E 25 -36.01 20.82 -9.75
N ALA E 26 -34.76 20.72 -10.24
CA ALA E 26 -33.97 21.89 -10.64
C ALA E 26 -34.62 22.71 -11.73
N SER E 27 -35.45 22.06 -12.54
CA SER E 27 -36.16 22.75 -13.61
C SER E 27 -37.20 23.75 -13.09
N ASP E 28 -37.57 23.64 -11.80
CA ASP E 28 -38.36 24.70 -11.14
C ASP E 28 -37.66 26.06 -11.23
N PHE E 29 -36.33 26.05 -11.41
CA PHE E 29 -35.52 27.23 -11.15
C PHE E 29 -34.59 27.70 -12.29
N PHE E 30 -34.47 26.93 -13.37
CA PHE E 30 -33.55 27.30 -14.43
C PHE E 30 -33.88 28.68 -15.01
N PRO E 31 -32.86 29.49 -15.29
CA PRO E 31 -33.09 30.64 -16.21
C PRO E 31 -33.64 30.12 -17.57
N PRO E 32 -34.49 30.92 -18.26
CA PRO E 32 -35.05 30.44 -19.55
C PRO E 32 -33.98 29.95 -20.56
N VAL E 33 -32.84 30.64 -20.67
CA VAL E 33 -31.80 30.23 -21.61
C VAL E 33 -31.23 28.83 -21.29
N ILE E 34 -31.22 28.49 -19.99
CA ILE E 34 -30.75 27.19 -19.51
C ILE E 34 -31.76 26.09 -19.78
N ALA E 35 -33.00 26.31 -19.37
CA ALA E 35 -34.10 25.42 -19.73
C ALA E 35 -34.14 25.09 -21.24
N LYS E 36 -34.00 26.12 -22.09
CA LYS E 36 -34.12 25.92 -23.52
C LYS E 36 -32.96 25.12 -24.10
N ASN E 37 -31.73 25.41 -23.64
CA ASN E 37 -30.55 24.84 -24.27
C ASN E 37 -29.95 23.64 -23.53
N LYS E 38 -30.53 23.29 -22.39
CA LYS E 38 -30.04 22.15 -21.61
C LYS E 38 -29.75 20.93 -22.50
N GLY E 39 -28.60 20.29 -22.31
CA GLY E 39 -28.22 19.12 -23.12
C GLY E 39 -27.69 19.45 -24.54
N GLN E 40 -27.68 20.72 -24.91
CA GLN E 40 -27.30 21.09 -26.28
C GLN E 40 -26.10 22.02 -26.34
N TRP E 41 -25.32 22.04 -25.26
CA TRP E 41 -24.15 22.93 -25.16
C TRP E 41 -23.00 22.45 -26.01
N LEU E 42 -22.38 23.37 -26.73
CA LEU E 42 -21.34 23.08 -27.74
C LEU E 42 -19.92 23.36 -27.21
N TRP E 43 -19.73 24.53 -26.59
CA TRP E 43 -18.42 24.94 -26.11
C TRP E 43 -18.50 26.11 -25.16
N HIS E 44 -17.38 26.41 -24.52
CA HIS E 44 -17.34 27.48 -23.54
C HIS E 44 -16.04 28.26 -23.68
N GLU E 45 -15.99 29.43 -23.02
CA GLU E 45 -14.80 30.26 -22.91
C GLU E 45 -14.86 31.10 -21.63
N ILE E 46 -13.71 31.50 -21.11
CA ILE E 46 -13.67 32.47 -20.03
C ILE E 46 -13.42 33.83 -20.66
N CYS E 47 -14.38 34.72 -20.56
CA CYS E 47 -14.26 36.01 -21.23
C CYS E 47 -13.20 36.86 -20.54
N GLU E 48 -13.11 36.70 -19.22
CA GLU E 48 -12.17 37.41 -18.37
C GLU E 48 -12.41 36.92 -16.93
N PRO E 49 -11.50 37.22 -15.99
CA PRO E 49 -11.69 36.62 -14.66
C PRO E 49 -13.11 36.78 -14.08
N GLY E 50 -13.77 35.66 -13.82
CA GLY E 50 -15.09 35.69 -13.19
C GLY E 50 -16.26 35.68 -14.16
N ILE E 51 -15.95 35.61 -15.46
CA ILE E 51 -16.96 35.62 -16.51
C ILE E 51 -16.74 34.49 -17.51
N LEU E 52 -17.69 33.54 -17.53
CA LEU E 52 -17.73 32.44 -18.50
C LEU E 52 -18.82 32.64 -19.52
N MET E 53 -18.60 32.12 -20.71
CA MET E 53 -19.64 32.07 -21.72
C MET E 53 -19.83 30.62 -22.22
N HIS E 54 -21.08 30.24 -22.45
CA HIS E 54 -21.37 28.98 -23.13
C HIS E 54 -22.14 29.22 -24.45
N LYS E 55 -21.72 28.53 -25.52
CA LYS E 55 -22.42 28.50 -26.79
C LYS E 55 -23.21 27.23 -26.92
N ALA E 56 -24.48 27.37 -27.30
CA ALA E 56 -25.34 26.23 -27.55
C ALA E 56 -25.42 25.91 -29.03
N GLU E 57 -25.86 24.70 -29.32
CA GLU E 57 -26.14 24.30 -30.68
C GLU E 57 -27.08 25.28 -31.42
N SER E 58 -28.02 25.89 -30.71
CA SER E 58 -28.98 26.81 -31.31
C SER E 58 -28.32 28.11 -31.76
N GLY E 59 -27.12 28.35 -31.24
CA GLY E 59 -26.45 29.62 -31.37
C GLY E 59 -26.61 30.48 -30.13
N ASP E 60 -27.57 30.13 -29.26
CA ASP E 60 -27.78 30.89 -28.00
C ASP E 60 -26.49 30.98 -27.23
N GLU E 61 -26.33 32.06 -26.46
CA GLU E 61 -25.20 32.21 -25.53
C GLU E 61 -25.70 32.47 -24.10
N VAL E 62 -24.94 32.00 -23.11
CA VAL E 62 -25.18 32.38 -21.72
C VAL E 62 -23.89 32.86 -21.06
N TYR E 63 -23.99 33.94 -20.30
CA TYR E 63 -22.86 34.51 -19.61
C TYR E 63 -23.04 34.36 -18.15
N THR E 64 -22.09 33.67 -17.53
CA THR E 64 -22.09 33.41 -16.08
C THR E 64 -21.04 34.27 -15.36
N VAL E 65 -21.47 35.00 -14.34
CA VAL E 65 -20.55 35.81 -13.59
C VAL E 65 -20.39 35.21 -12.23
N ARG E 66 -19.16 34.86 -11.87
CA ARG E 66 -18.95 34.14 -10.60
C ARG E 66 -18.34 35.03 -9.56
N CYS E 67 -18.83 34.96 -8.34
CA CYS E 67 -18.23 35.77 -7.28
C CYS E 67 -18.05 34.95 -6.02
N GLY E 68 -17.22 35.44 -5.10
CA GLY E 68 -16.90 34.68 -3.89
C GLY E 68 -18.04 34.68 -2.93
N GLY E 69 -18.06 33.69 -2.05
CA GLY E 69 -19.03 33.65 -0.95
C GLY E 69 -18.38 33.10 0.31
N ALA E 70 -18.83 33.59 1.46
CA ALA E 70 -18.28 33.12 2.73
C ALA E 70 -18.83 31.75 3.17
N ARG E 71 -19.74 31.17 2.37
CA ARG E 71 -20.40 29.90 2.73
C ARG E 71 -21.31 30.14 3.94
N LEU E 72 -20.73 30.33 5.14
CA LEU E 72 -21.49 30.85 6.29
C LEU E 72 -22.07 32.24 5.95
N MET E 73 -23.37 32.40 6.09
CA MET E 73 -24.09 33.48 5.40
C MET E 73 -25.41 33.84 6.12
N SER E 74 -25.67 35.11 6.38
CA SER E 74 -26.97 35.52 6.98
C SER E 74 -28.11 35.50 5.96
N VAL E 75 -29.36 35.53 6.44
CA VAL E 75 -30.50 35.66 5.53
C VAL E 75 -30.45 37.03 4.83
N GLY E 76 -29.99 38.05 5.58
CA GLY E 76 -29.83 39.41 5.06
C GLY E 76 -28.88 39.44 3.87
N HIS E 77 -27.84 38.60 3.92
CA HIS E 77 -26.94 38.43 2.78
C HIS E 77 -27.61 37.70 1.63
N ILE E 78 -28.37 36.64 1.93
CA ILE E 78 -29.09 35.94 0.88
C ILE E 78 -30.09 36.90 0.22
N ARG E 79 -30.84 37.63 1.05
CA ARG E 79 -31.82 38.57 0.51
C ARG E 79 -31.12 39.58 -0.42
N GLU E 80 -29.90 39.98 -0.10
CA GLU E 80 -29.17 40.89 -0.97
C GLU E 80 -28.70 40.24 -2.28
N ILE E 81 -28.33 38.95 -2.22
CA ILE E 81 -28.04 38.14 -3.41
C ILE E 81 -29.26 38.08 -4.35
N CYS E 82 -30.45 37.85 -3.78
CA CYS E 82 -31.72 37.94 -4.55
C CYS E 82 -32.01 39.33 -5.17
N ALA E 83 -31.91 40.38 -4.35
CA ALA E 83 -32.02 41.72 -4.88
C ALA E 83 -31.13 41.84 -6.14
N ILE E 84 -29.85 41.45 -6.03
CA ILE E 84 -28.97 41.56 -7.20
C ILE E 84 -29.58 40.78 -8.38
N ALA E 85 -29.97 39.53 -8.11
CA ALA E 85 -30.50 38.66 -9.14
C ALA E 85 -31.84 39.14 -9.73
N ASP E 86 -32.67 39.77 -8.91
CA ASP E 86 -33.95 40.36 -9.38
C ASP E 86 -33.69 41.52 -10.34
N LYS E 87 -32.64 42.27 -10.09
CA LYS E 87 -32.38 43.47 -10.86
C LYS E 87 -31.69 43.16 -12.20
N PHE E 88 -30.81 42.16 -12.21
CA PHE E 88 -29.94 41.85 -13.34
C PHE E 88 -30.23 40.52 -14.06
N CYS E 89 -30.83 39.55 -13.37
CA CYS E 89 -30.86 38.17 -13.87
C CYS E 89 -32.25 37.52 -13.89
N GLY E 90 -33.28 38.36 -13.93
CA GLY E 90 -34.65 37.89 -13.96
C GLY E 90 -35.05 37.02 -12.78
N GLY E 91 -34.35 37.17 -11.66
CA GLY E 91 -34.69 36.40 -10.46
C GLY E 91 -34.12 35.00 -10.33
N HIS E 92 -33.16 34.66 -11.20
CA HIS E 92 -32.46 33.37 -11.19
C HIS E 92 -31.00 33.51 -10.72
N LEU E 93 -30.49 32.43 -10.12
CA LEU E 93 -29.08 32.36 -9.71
C LEU E 93 -28.75 30.94 -9.29
N ARG E 94 -27.45 30.66 -9.18
CA ARG E 94 -26.98 29.39 -8.66
C ARG E 94 -25.75 29.55 -7.75
N PHE E 95 -25.45 28.48 -7.00
CA PHE E 95 -24.24 28.36 -6.19
C PHE E 95 -23.41 27.21 -6.74
N THR E 96 -22.09 27.26 -6.56
CA THR E 96 -21.25 26.21 -7.13
C THR E 96 -20.91 25.13 -6.11
N THR E 97 -20.29 24.05 -6.57
CA THR E 97 -19.82 22.99 -5.67
C THR E 97 -18.71 23.46 -4.72
N ARG E 98 -18.15 24.65 -4.96
CA ARG E 98 -17.16 25.23 -4.04
C ARG E 98 -17.75 26.43 -3.31
N ASN E 99 -19.06 26.59 -3.46
CA ASN E 99 -19.79 27.65 -2.78
C ASN E 99 -19.42 29.05 -3.24
N ASN E 100 -19.06 29.20 -4.50
CA ASN E 100 -19.13 30.51 -5.07
C ASN E 100 -20.58 30.75 -5.53
N ILE E 101 -20.89 31.97 -5.91
CA ILE E 101 -22.19 32.33 -6.35
C ILE E 101 -22.12 32.67 -7.85
N GLU E 102 -23.13 32.23 -8.61
CA GLU E 102 -23.18 32.48 -10.05
C GLU E 102 -24.48 33.14 -10.53
N PHE E 103 -24.33 34.19 -11.31
CA PHE E 103 -25.42 34.96 -11.87
C PHE E 103 -25.31 34.86 -13.37
N MET E 104 -26.42 34.52 -14.01
CA MET E 104 -26.43 34.31 -15.45
C MET E 104 -27.18 35.39 -16.22
N VAL E 105 -26.54 35.88 -17.27
CA VAL E 105 -27.16 36.88 -18.16
C VAL E 105 -26.92 36.51 -19.61
N THR E 106 -27.46 37.36 -20.47
CA THR E 106 -27.72 37.03 -21.85
C THR E 106 -26.61 37.58 -22.77
N THR E 107 -25.99 38.70 -22.40
CA THR E 107 -24.92 39.27 -23.22
C THR E 107 -23.63 39.57 -22.44
N LEU E 108 -22.52 39.66 -23.16
CA LEU E 108 -21.25 40.06 -22.58
C LEU E 108 -21.32 41.46 -21.91
N ASP E 109 -21.98 42.41 -22.56
CA ASP E 109 -22.08 43.74 -21.98
C ASP E 109 -22.76 43.76 -20.61
N GLU E 110 -23.84 42.99 -20.47
CA GLU E 110 -24.56 42.85 -19.21
C GLU E 110 -23.65 42.20 -18.17
N ALA E 111 -22.88 41.22 -18.61
CA ALA E 111 -22.03 40.50 -17.67
C ALA E 111 -20.97 41.44 -17.15
N LYS E 112 -20.43 42.27 -18.02
CA LYS E 112 -19.37 43.21 -17.62
C LYS E 112 -19.89 44.24 -16.65
N LYS E 113 -21.10 44.74 -16.89
CA LYS E 113 -21.77 45.65 -15.97
C LYS E 113 -22.04 45.01 -14.64
N LEU E 114 -22.44 43.74 -14.65
CA LEU E 114 -22.73 43.03 -13.40
C LEU E 114 -21.45 42.82 -12.56
N LYS E 115 -20.35 42.52 -13.24
CA LYS E 115 -19.07 42.29 -12.56
C LYS E 115 -18.65 43.59 -11.86
N GLU E 116 -18.69 44.69 -12.62
CA GLU E 116 -18.33 46.02 -12.10
C GLU E 116 -19.21 46.40 -10.89
N TYR E 117 -20.49 46.02 -10.91
CA TYR E 117 -21.41 46.27 -9.79
C TYR E 117 -21.08 45.42 -8.60
N LEU E 118 -20.94 44.11 -8.83
CA LEU E 118 -20.63 43.17 -7.74
C LEU E 118 -19.32 43.56 -7.06
N ASN E 119 -18.30 43.93 -7.84
CA ASN E 119 -16.99 44.38 -7.28
C ASN E 119 -17.05 45.67 -6.44
N ALA E 120 -18.15 46.42 -6.56
CA ALA E 120 -18.30 47.70 -5.85
C ALA E 120 -18.90 47.55 -4.45
N GLN E 121 -19.49 46.39 -4.18
CA GLN E 121 -20.24 46.16 -2.95
C GLN E 121 -19.30 45.81 -1.79
N LYS E 122 -19.47 46.48 -0.65
CA LYS E 122 -18.50 46.33 0.45
C LYS E 122 -19.25 46.15 1.73
N PHE E 123 -18.77 45.28 2.63
CA PHE E 123 -19.25 45.27 4.04
C PHE E 123 -18.60 46.44 4.78
N GLU E 124 -19.22 46.87 5.87
CA GLU E 124 -18.57 47.76 6.82
C GLU E 124 -17.27 47.09 7.28
N GLY E 125 -16.14 47.77 7.12
CA GLY E 125 -14.87 47.19 7.54
C GLY E 125 -13.98 47.03 6.34
N GLY E 126 -14.62 47.15 5.17
CA GLY E 126 -13.93 47.13 3.89
C GLY E 126 -13.96 45.85 3.07
N SER E 127 -14.42 44.73 3.61
CA SER E 127 -14.37 43.49 2.80
C SER E 127 -15.39 43.52 1.66
N PHE E 128 -14.98 43.01 0.49
CA PHE E 128 -15.86 42.80 -0.64
C PHE E 128 -17.01 41.89 -0.27
N LYS E 129 -18.24 42.24 -0.67
CA LYS E 129 -19.37 41.37 -0.40
C LYS E 129 -19.43 40.25 -1.41
N PHE E 130 -18.95 40.55 -2.62
CA PHE E 130 -19.18 39.72 -3.80
C PHE E 130 -18.01 39.88 -4.74
N PRO E 131 -16.79 39.50 -4.30
CA PRO E 131 -15.64 39.70 -5.19
C PRO E 131 -15.71 38.75 -6.37
N VAL E 132 -15.39 39.23 -7.56
CA VAL E 132 -15.61 38.46 -8.77
C VAL E 132 -14.36 37.69 -9.17
N GLY E 133 -14.54 36.43 -9.54
CA GLY E 133 -13.45 35.59 -9.98
C GLY E 133 -13.75 34.13 -9.72
N GLY E 134 -12.70 33.36 -9.41
CA GLY E 134 -12.83 31.92 -9.19
C GLY E 134 -12.81 31.07 -10.46
N THR E 135 -12.49 31.66 -11.61
CA THR E 135 -12.47 30.92 -12.89
C THR E 135 -11.06 30.71 -13.41
N GLY E 136 -10.86 29.66 -14.22
CA GLY E 136 -9.61 29.47 -14.92
C GLY E 136 -8.47 29.18 -13.99
N ALA E 137 -7.24 29.45 -14.42
CA ALA E 137 -6.09 29.00 -13.63
C ALA E 137 -5.68 30.01 -12.57
N GLY E 138 -6.43 30.01 -11.47
CA GLY E 138 -6.24 30.98 -10.40
C GLY E 138 -6.33 30.24 -9.09
N ILE E 139 -6.90 30.88 -8.10
CA ILE E 139 -7.18 30.21 -6.84
C ILE E 139 -8.64 30.48 -6.52
N THR E 140 -9.39 29.44 -6.25
CA THR E 140 -10.79 29.63 -6.08
C THR E 140 -11.16 29.57 -4.61
N ASN E 141 -12.44 29.37 -4.33
CA ASN E 141 -12.91 29.34 -2.97
C ASN E 141 -12.35 28.14 -2.21
N ILE E 142 -12.31 28.25 -0.89
CA ILE E 142 -11.83 27.22 -0.01
C ILE E 142 -13.00 26.47 0.61
N VAL E 143 -13.13 25.20 0.27
CA VAL E 143 -14.12 24.31 0.85
C VAL E 143 -13.70 24.00 2.29
N HIS E 144 -14.64 24.14 3.23
CA HIS E 144 -14.31 24.10 4.67
C HIS E 144 -15.46 23.63 5.55
N THR E 145 -15.21 23.58 6.86
CA THR E 145 -16.10 22.83 7.77
C THR E 145 -16.71 23.71 8.91
N GLN E 146 -17.12 23.13 10.02
CA GLN E 146 -17.89 23.89 11.00
C GLN E 146 -17.03 24.65 12.03
N GLY E 147 -15.93 24.03 12.46
CA GLY E 147 -15.06 24.63 13.44
C GLY E 147 -15.79 25.01 14.71
N TRP E 148 -15.33 26.09 15.34
CA TRP E 148 -15.92 26.53 16.60
C TRP E 148 -17.28 27.20 16.48
N VAL E 149 -17.77 27.41 15.27
CA VAL E 149 -19.10 27.93 15.06
C VAL E 149 -20.21 26.92 15.45
N HIS E 150 -19.94 25.61 15.31
CA HIS E 150 -21.00 24.63 15.56
C HIS E 150 -20.62 23.20 15.98
N CYS E 151 -19.44 22.73 15.62
CA CYS E 151 -19.07 21.34 15.89
C CYS E 151 -18.39 21.16 17.24
N HIS E 152 -18.50 19.97 17.80
CA HIS E 152 -17.87 19.68 19.07
C HIS E 152 -16.53 18.91 18.95
N THR E 153 -16.18 18.40 17.77
CA THR E 153 -14.87 17.75 17.60
C THR E 153 -13.74 18.52 16.94
N PRO E 154 -13.92 19.85 16.70
CA PRO E 154 -12.85 20.60 16.01
C PRO E 154 -11.57 20.81 16.83
N ALA E 155 -10.46 21.04 16.13
CA ALA E 155 -9.17 21.39 16.75
C ALA E 155 -8.71 22.76 16.28
N THR E 156 -9.63 23.53 15.72
CA THR E 156 -9.31 24.80 15.08
C THR E 156 -10.62 25.37 14.53
N ASP E 157 -10.55 26.54 13.91
CA ASP E 157 -11.75 27.17 13.40
C ASP E 157 -11.72 27.20 11.90
N ALA E 158 -12.83 26.83 11.27
CA ALA E 158 -12.89 26.80 9.82
C ALA E 158 -13.03 28.22 9.23
N SER E 159 -14.05 28.95 9.67
CA SER E 159 -14.39 30.22 9.07
C SER E 159 -13.24 31.22 9.20
N GLY E 160 -12.61 31.22 10.38
CA GLY E 160 -11.42 32.05 10.65
C GLY E 160 -10.21 31.72 9.80
N THR E 161 -9.76 30.47 9.82
CA THR E 161 -8.56 30.10 9.02
C THR E 161 -8.75 30.41 7.55
N VAL E 162 -9.96 30.14 7.03
CA VAL E 162 -10.29 30.41 5.63
C VAL E 162 -10.28 31.92 5.33
N LYS E 163 -10.89 32.71 6.20
CA LYS E 163 -10.89 34.16 6.05
C LYS E 163 -9.43 34.64 5.96
N VAL E 164 -8.58 34.08 6.82
CA VAL E 164 -7.18 34.45 6.88
C VAL E 164 -6.43 34.12 5.58
N VAL E 165 -6.64 32.92 5.06
CA VAL E 165 -5.93 32.46 3.87
C VAL E 165 -6.40 33.18 2.60
N LEU E 166 -7.71 33.35 2.47
CA LEU E 166 -8.26 34.08 1.30
C LEU E 166 -7.92 35.60 1.31
N ASP E 167 -7.81 36.23 2.48
CA ASP E 167 -7.23 37.58 2.51
C ASP E 167 -5.83 37.54 1.94
N GLU E 168 -5.01 36.64 2.49
CA GLU E 168 -3.63 36.50 2.11
C GLU E 168 -3.45 36.30 0.59
N LEU E 169 -4.31 35.45 -0.01
CA LEU E 169 -4.18 35.06 -1.43
C LEU E 169 -5.11 35.84 -2.35
N PHE E 170 -5.84 36.79 -1.77
CA PHE E 170 -6.95 37.45 -2.45
C PHE E 170 -6.71 37.84 -3.88
N GLU E 171 -5.55 38.42 -4.17
CA GLU E 171 -5.26 38.92 -5.52
C GLU E 171 -5.27 37.82 -6.60
N GLU E 172 -5.18 36.55 -6.18
CA GLU E 172 -5.13 35.41 -7.13
C GLU E 172 -6.52 34.86 -7.50
N PHE E 173 -7.52 35.19 -6.69
CA PHE E 173 -8.90 34.85 -6.94
C PHE E 173 -9.47 35.50 -8.22
N GLY E 174 -9.13 36.77 -8.45
CA GLY E 174 -9.65 37.53 -9.58
C GLY E 174 -8.64 37.63 -10.71
N GLN E 175 -7.74 36.64 -10.78
CA GLN E 175 -6.74 36.55 -11.86
C GLN E 175 -6.45 35.11 -12.19
N MET E 176 -5.88 34.90 -13.38
CA MET E 176 -5.60 33.56 -13.87
C MET E 176 -4.13 33.43 -14.28
N ARG E 177 -3.26 33.38 -13.27
CA ARG E 177 -1.82 33.34 -13.45
C ARG E 177 -1.20 32.04 -12.92
N MET E 178 -2.01 31.08 -12.52
CA MET E 178 -1.48 29.83 -11.97
C MET E 178 -1.22 28.83 -13.09
N PRO E 179 -0.35 27.85 -12.83
CA PRO E 179 -0.15 26.83 -13.89
C PRO E 179 -1.43 26.03 -14.15
N ALA E 180 -2.25 25.90 -13.11
CA ALA E 180 -3.58 25.30 -13.19
C ALA E 180 -4.36 25.81 -11.99
N GLN E 181 -5.69 25.73 -12.02
CA GLN E 181 -6.48 26.20 -10.89
C GLN E 181 -6.08 25.47 -9.62
N VAL E 182 -5.79 26.21 -8.54
CA VAL E 182 -5.44 25.63 -7.24
C VAL E 182 -6.63 25.48 -6.30
N ARG E 183 -6.91 24.25 -5.86
CA ARG E 183 -7.97 24.02 -4.90
C ARG E 183 -7.36 23.90 -3.53
N ILE E 184 -7.66 24.87 -2.68
CA ILE E 184 -7.31 24.80 -1.26
C ILE E 184 -8.56 24.40 -0.48
N SER E 185 -8.41 23.43 0.43
CA SER E 185 -9.50 23.00 1.33
C SER E 185 -9.13 22.99 2.82
N MET E 186 -10.14 22.88 3.68
CA MET E 186 -9.90 22.95 5.09
C MET E 186 -10.86 22.06 5.82
N ALA E 187 -10.35 21.34 6.81
CA ALA E 187 -11.16 20.56 7.74
C ALA E 187 -10.60 20.78 9.14
N CYS E 188 -11.50 20.86 10.11
CA CYS E 188 -11.11 21.22 11.47
C CYS E 188 -10.77 20.06 12.39
N CYS E 189 -11.03 18.81 11.96
CA CYS E 189 -10.45 17.60 12.58
C CYS E 189 -10.31 16.57 11.49
N LEU E 190 -9.73 15.42 11.83
CA LEU E 190 -9.39 14.45 10.76
C LEU E 190 -10.53 13.58 10.22
N ASN E 191 -11.71 13.71 10.79
CA ASN E 191 -12.90 13.31 10.05
C ASN E 191 -12.95 13.83 8.62
N MET E 192 -12.38 15.01 8.39
CA MET E 192 -12.23 15.60 7.06
C MET E 192 -13.57 15.65 6.36
N CYS E 193 -14.36 16.65 6.67
CA CYS E 193 -15.73 16.68 6.20
C CYS E 193 -15.79 17.52 4.93
N GLY E 194 -15.03 17.09 3.94
CA GLY E 194 -15.02 17.76 2.66
C GLY E 194 -13.90 17.15 1.85
N ALA E 195 -12.91 17.97 1.53
CA ALA E 195 -12.00 17.70 0.42
C ALA E 195 -10.52 17.67 0.82
N VAL E 196 -10.22 17.73 2.12
CA VAL E 196 -8.83 17.81 2.53
C VAL E 196 -7.99 16.68 1.98
N HIS E 197 -8.55 15.46 1.94
CA HIS E 197 -7.73 14.33 1.59
C HIS E 197 -7.39 14.33 0.12
N CYS E 198 -8.06 15.20 -0.64
CA CYS E 198 -7.93 15.22 -2.10
C CYS E 198 -7.78 16.65 -2.75
N SER E 199 -7.14 17.59 -2.05
CA SER E 199 -6.92 18.96 -2.58
C SER E 199 -5.45 19.27 -2.85
N ASP E 200 -5.20 20.33 -3.65
CA ASP E 200 -3.86 20.79 -4.04
C ASP E 200 -3.06 21.23 -2.82
N ILE E 201 -3.76 21.93 -1.93
CA ILE E 201 -3.22 22.33 -0.62
C ILE E 201 -4.37 22.18 0.36
N ALA E 202 -4.10 21.63 1.53
CA ALA E 202 -5.15 21.32 2.51
C ALA E 202 -4.68 21.69 3.88
N ILE E 203 -5.62 22.20 4.69
CA ILE E 203 -5.36 22.68 6.04
C ILE E 203 -6.22 21.80 6.95
N LEU E 204 -5.58 21.22 7.97
CA LEU E 204 -6.22 20.19 8.78
C LEU E 204 -5.99 20.43 10.27
N GLY E 205 -7.10 20.50 11.00
CA GLY E 205 -7.04 20.65 12.45
C GLY E 205 -6.49 19.40 13.10
N TYR E 206 -5.46 19.57 13.93
CA TYR E 206 -4.73 18.44 14.50
C TYR E 206 -4.60 18.49 16.05
N HIS E 207 -4.80 17.36 16.75
CA HIS E 207 -4.53 17.29 18.21
C HIS E 207 -3.18 16.67 18.44
N ARG E 208 -2.58 16.96 19.61
CA ARG E 208 -1.26 16.36 19.96
C ARG E 208 -1.22 15.86 21.38
N LYS E 209 -2.40 15.57 21.92
CA LYS E 209 -2.52 15.11 23.27
C LYS E 209 -3.61 14.07 23.35
N PRO E 210 -3.36 13.00 24.10
CA PRO E 210 -4.36 11.95 24.32
C PRO E 210 -5.56 12.46 25.12
N PRO E 211 -6.71 11.78 25.01
CA PRO E 211 -7.95 12.17 25.68
C PRO E 211 -7.76 12.28 27.19
N VAL E 212 -8.53 13.17 27.80
CA VAL E 212 -8.58 13.32 29.25
C VAL E 212 -9.82 12.54 29.66
N ILE E 213 -9.65 11.51 30.47
CA ILE E 213 -10.74 10.59 30.78
C ILE E 213 -11.62 11.00 31.97
N ASP E 214 -12.89 11.25 31.68
CA ASP E 214 -13.89 11.59 32.71
C ASP E 214 -14.48 10.31 33.32
N HIS E 215 -13.70 9.61 34.14
CA HIS E 215 -14.05 8.27 34.69
C HIS E 215 -15.41 8.16 35.39
N GLU E 216 -15.76 9.20 36.15
CA GLU E 216 -17.01 9.20 36.92
C GLU E 216 -18.22 9.01 35.98
N TRP E 217 -18.14 9.55 34.76
CA TRP E 217 -19.27 9.54 33.82
C TRP E 217 -19.20 8.56 32.65
N LEU E 218 -18.03 7.97 32.40
CA LEU E 218 -17.79 7.23 31.16
C LEU E 218 -18.79 6.10 30.93
N ASP E 219 -18.93 5.18 31.89
CA ASP E 219 -19.89 4.09 31.75
C ASP E 219 -21.34 4.57 31.67
N ASN E 220 -21.68 5.62 32.40
CA ASN E 220 -23.00 6.22 32.32
C ASN E 220 -23.31 6.87 30.97
N LEU E 221 -22.31 7.43 30.30
CA LEU E 221 -22.58 8.20 29.09
C LEU E 221 -22.14 7.51 27.79
N CYS E 222 -21.35 6.44 27.93
CA CYS E 222 -20.72 5.77 26.79
C CYS E 222 -21.02 4.30 26.71
N GLU E 223 -21.13 3.81 25.48
CA GLU E 223 -21.12 2.41 25.23
C GLU E 223 -19.66 2.00 25.14
N ILE E 224 -19.13 1.43 26.22
CA ILE E 224 -17.69 1.22 26.35
C ILE E 224 -17.05 0.46 25.19
N PRO E 225 -17.66 -0.66 24.74
CA PRO E 225 -17.10 -1.40 23.59
C PRO E 225 -17.01 -0.60 22.28
N LEU E 226 -17.91 0.38 22.07
CA LEU E 226 -17.81 1.27 20.90
C LEU E 226 -16.56 2.18 20.97
N ALA E 227 -16.23 2.64 22.18
CA ALA E 227 -15.08 3.49 22.40
C ALA E 227 -13.82 2.66 22.16
N VAL E 228 -13.75 1.47 22.76
CA VAL E 228 -12.67 0.55 22.46
C VAL E 228 -12.49 0.34 20.94
N ALA E 229 -13.57 0.01 20.22
CA ALA E 229 -13.53 -0.27 18.77
C ALA E 229 -13.27 0.99 17.91
N ALA E 230 -13.35 2.17 18.54
CA ALA E 230 -13.22 3.40 17.79
C ALA E 230 -11.77 3.65 17.42
N CYS E 231 -10.84 2.97 18.10
CA CYS E 231 -9.43 3.30 17.99
C CYS E 231 -8.75 2.58 16.84
N PRO E 232 -8.24 3.34 15.85
CA PRO E 232 -7.55 2.62 14.77
C PRO E 232 -6.26 1.93 15.23
N VAL E 233 -5.75 2.23 16.42
CA VAL E 233 -4.45 1.65 16.79
C VAL E 233 -4.45 0.79 18.08
N GLY E 234 -5.64 0.41 18.57
CA GLY E 234 -5.77 -0.51 19.74
C GLY E 234 -5.18 0.03 21.06
N ALA E 235 -5.15 1.37 21.14
CA ALA E 235 -4.69 2.08 22.35
C ALA E 235 -5.72 2.03 23.50
N ILE E 236 -6.97 1.69 23.18
CA ILE E 236 -8.01 1.69 24.21
C ILE E 236 -8.39 0.28 24.62
N ARG E 237 -8.50 0.06 25.93
CA ARG E 237 -8.98 -1.22 26.43
C ARG E 237 -9.90 -1.05 27.63
N PRO E 238 -10.85 -1.97 27.81
CA PRO E 238 -11.75 -1.90 28.97
C PRO E 238 -11.03 -2.21 30.27
N THR E 239 -11.52 -1.65 31.36
CA THR E 239 -10.97 -1.91 32.69
C THR E 239 -11.93 -1.43 33.77
N LYS E 240 -11.72 -1.91 35.00
CA LYS E 240 -12.41 -1.39 36.19
C LYS E 240 -11.43 -0.49 36.90
N LYS E 241 -11.94 0.43 37.70
CA LYS E 241 -11.11 1.44 38.38
C LYS E 241 -11.80 2.05 39.61
N GLU E 242 -11.03 2.21 40.67
CA GLU E 242 -11.54 2.83 41.89
C GLU E 242 -11.31 4.34 41.84
N ILE E 243 -12.38 5.08 42.03
CA ILE E 243 -12.32 6.52 41.91
C ILE E 243 -13.03 7.22 43.07
N VAL E 244 -12.78 8.50 43.22
CA VAL E 244 -13.53 9.33 44.15
C VAL E 244 -14.35 10.34 43.35
N THR E 245 -15.68 10.26 43.48
CA THR E 245 -16.59 11.11 42.71
C THR E 245 -16.50 12.57 43.18
N GLU E 246 -17.02 13.50 42.37
CA GLU E 246 -17.03 14.93 42.71
C GLU E 246 -17.61 15.21 44.11
N LYS E 247 -18.54 14.35 44.55
CA LYS E 247 -19.23 14.47 45.85
C LYS E 247 -18.38 13.94 47.00
N GLY E 248 -17.26 13.29 46.65
CA GLY E 248 -16.30 12.70 47.60
C GLY E 248 -16.64 11.26 48.06
N GLU E 249 -17.54 10.60 47.33
CA GLU E 249 -17.83 9.19 47.59
C GLU E 249 -16.85 8.31 46.82
N THR E 250 -16.46 7.20 47.42
CA THR E 250 -15.46 6.31 46.82
C THR E 250 -16.12 5.06 46.21
N LYS E 251 -16.08 4.93 44.88
CA LYS E 251 -16.61 3.72 44.23
C LYS E 251 -15.78 3.14 43.08
N THR E 252 -16.07 1.91 42.69
CA THR E 252 -15.40 1.36 41.53
C THR E 252 -16.30 1.24 40.29
N VAL E 253 -15.83 1.79 39.18
CA VAL E 253 -16.63 1.88 37.95
C VAL E 253 -16.00 1.06 36.85
N ASN E 254 -16.81 0.66 35.87
CA ASN E 254 -16.29 0.26 34.56
C ASN E 254 -15.84 1.51 33.82
N THR E 255 -14.66 1.44 33.22
CA THR E 255 -14.13 2.59 32.48
C THR E 255 -13.19 2.14 31.36
N VAL E 256 -12.36 3.05 30.83
CA VAL E 256 -11.31 2.62 29.91
C VAL E 256 -9.95 3.04 30.41
N ALA E 257 -8.92 2.35 29.93
CA ALA E 257 -7.53 2.81 30.07
C ALA E 257 -6.89 3.01 28.68
N ILE E 258 -6.18 4.12 28.54
CA ILE E 258 -5.57 4.45 27.26
C ILE E 258 -4.06 4.49 27.46
N LYS E 259 -3.32 3.69 26.68
CA LYS E 259 -1.84 3.75 26.73
C LYS E 259 -1.38 4.97 25.90
N ASN E 260 -0.94 6.02 26.60
CA ASN E 260 -0.60 7.32 25.98
C ASN E 260 0.39 7.21 24.84
N GLU E 261 1.32 6.27 24.93
CA GLU E 261 2.39 6.13 23.94
C GLU E 261 1.84 5.46 22.69
N ARG E 262 0.63 4.92 22.80
CA ARG E 262 -0.03 4.25 21.68
C ARG E 262 -1.10 5.10 20.99
N CYS E 263 -1.32 6.31 21.49
CA CYS E 263 -2.38 7.20 21.00
C CYS E 263 -1.82 8.22 20.00
N MET E 264 -2.54 8.47 18.92
CA MET E 264 -2.08 9.48 17.96
C MET E 264 -3.11 10.57 17.72
N PHE E 265 -4.05 10.71 18.66
CA PHE E 265 -4.83 11.94 18.82
C PHE E 265 -5.88 12.16 17.72
N CYS E 266 -6.43 11.07 17.17
CA CYS E 266 -7.34 11.19 16.06
C CYS E 266 -8.70 11.77 16.52
N GLY E 267 -9.05 11.55 17.78
CA GLY E 267 -10.27 12.10 18.33
C GLY E 267 -11.51 11.22 18.17
N ASN E 268 -11.33 10.07 17.54
CA ASN E 268 -12.47 9.21 17.21
C ASN E 268 -13.15 8.59 18.42
N CYS E 269 -12.39 8.29 19.47
CA CYS E 269 -12.99 7.81 20.71
C CYS E 269 -13.89 8.88 21.32
N TYR E 270 -13.54 10.15 21.17
CA TYR E 270 -14.41 11.20 21.67
C TYR E 270 -15.71 11.30 20.87
N THR E 271 -15.64 11.16 19.55
CA THR E 271 -16.86 11.09 18.74
C THR E 271 -17.86 10.06 19.30
N MET E 272 -17.31 8.92 19.73
CA MET E 272 -18.11 7.81 20.27
C MET E 272 -18.46 8.01 21.74
N CYS E 273 -17.67 8.82 22.45
CA CYS E 273 -17.78 8.83 23.90
C CYS E 273 -17.51 10.21 24.52
N PRO E 274 -18.57 10.88 25.01
CA PRO E 274 -18.49 12.21 25.67
C PRO E 274 -17.48 12.32 26.81
N SER E 275 -17.06 11.20 27.40
CA SER E 275 -16.13 11.29 28.52
C SER E 275 -14.67 11.22 28.11
N LEU E 276 -14.41 11.34 26.82
CA LEU E 276 -13.03 11.31 26.31
C LEU E 276 -12.62 12.56 25.54
N PRO E 277 -12.92 13.76 26.10
CA PRO E 277 -12.61 14.96 25.29
C PRO E 277 -11.11 15.12 25.16
N LEU E 278 -10.66 15.78 24.09
CA LEU E 278 -9.23 15.97 23.96
C LEU E 278 -8.72 17.36 23.61
N SER E 279 -9.63 18.29 23.31
CA SER E 279 -9.23 19.58 22.79
C SER E 279 -8.37 20.26 23.81
N ASP E 280 -7.39 21.00 23.32
CA ASP E 280 -6.37 21.64 24.15
C ASP E 280 -5.84 22.85 23.42
N GLN E 281 -5.77 23.98 24.12
CA GLN E 281 -5.34 25.23 23.48
C GLN E 281 -3.98 25.17 22.82
N THR E 282 -2.95 24.68 23.53
CA THR E 282 -1.56 24.69 23.00
C THR E 282 -1.17 23.43 22.20
N GLY E 283 -1.80 22.30 22.53
CA GLY E 283 -1.64 21.09 21.75
C GLY E 283 -2.23 21.19 20.35
N ASP E 284 -3.44 21.72 20.24
CA ASP E 284 -4.15 21.78 18.96
C ASP E 284 -3.55 22.78 17.98
N GLY E 285 -3.57 22.42 16.70
CA GLY E 285 -3.09 23.33 15.67
C GLY E 285 -3.40 22.79 14.32
N LEU E 286 -2.50 23.01 13.38
CA LEU E 286 -2.78 22.73 11.99
C LEU E 286 -1.70 21.88 11.38
N VAL E 287 -2.12 20.94 10.53
CA VAL E 287 -1.25 20.19 9.61
C VAL E 287 -1.54 20.72 8.21
N ILE E 288 -0.51 20.82 7.37
CA ILE E 288 -0.69 21.17 5.96
C ILE E 288 -0.41 19.98 5.04
N MET E 289 -1.28 19.80 4.06
CA MET E 289 -1.12 18.73 3.12
C MET E 289 -1.12 19.34 1.74
N ALA E 290 -0.66 18.60 0.73
CA ALA E 290 -0.53 19.15 -0.61
C ALA E 290 -0.46 18.00 -1.59
N GLY E 291 -0.78 18.30 -2.85
CA GLY E 291 -0.59 17.38 -3.94
C GLY E 291 -1.73 16.44 -4.29
N GLY E 292 -2.91 16.62 -3.70
CA GLY E 292 -4.04 15.79 -4.04
C GLY E 292 -4.86 16.40 -5.17
N LYS E 293 -5.74 15.60 -5.77
CA LYS E 293 -6.70 16.09 -6.78
C LYS E 293 -7.72 15.03 -7.14
N VAL E 294 -8.90 15.43 -7.58
CA VAL E 294 -9.94 14.48 -7.96
C VAL E 294 -10.09 14.28 -9.48
N SER E 295 -9.68 15.25 -10.29
CA SER E 295 -9.82 15.06 -11.75
C SER E 295 -9.04 13.84 -12.28
N ASN E 296 -9.42 13.35 -13.45
CA ASN E 296 -8.62 12.29 -14.09
C ASN E 296 -7.75 12.85 -15.22
N ARG E 297 -7.64 14.18 -15.29
CA ARG E 297 -6.94 14.86 -16.38
C ARG E 297 -5.45 14.50 -16.35
N ILE E 298 -4.96 13.89 -17.42
CA ILE E 298 -3.56 13.39 -17.53
C ILE E 298 -3.23 12.33 -16.47
N SER E 299 -3.07 12.76 -15.23
CA SER E 299 -2.76 11.87 -14.12
C SER E 299 -4.02 11.45 -13.41
N ASN E 300 -3.91 10.38 -12.62
CA ASN E 300 -5.01 9.81 -11.88
C ASN E 300 -5.26 10.58 -10.56
N PRO E 301 -6.50 10.54 -10.03
CA PRO E 301 -6.70 11.26 -8.77
C PRO E 301 -5.60 10.91 -7.77
N LYS E 302 -5.23 11.86 -6.91
CA LYS E 302 -4.19 11.72 -5.91
C LYS E 302 -4.71 12.12 -4.54
N PHE E 303 -4.19 11.43 -3.53
CA PHE E 303 -4.33 11.88 -2.15
C PHE E 303 -3.35 12.99 -1.85
N SER E 304 -3.72 13.87 -0.93
CA SER E 304 -2.80 14.93 -0.55
C SER E 304 -1.87 14.34 0.49
N LYS E 305 -0.64 14.85 0.56
CA LYS E 305 0.39 14.28 1.42
C LYS E 305 0.79 15.29 2.51
N VAL E 306 1.26 14.81 3.67
CA VAL E 306 1.69 15.73 4.75
C VAL E 306 2.97 16.56 4.39
N VAL E 307 2.89 17.89 4.45
CA VAL E 307 4.05 18.72 4.13
C VAL E 307 4.46 19.69 5.25
N VAL E 308 3.56 19.88 6.22
CA VAL E 308 3.89 20.62 7.43
C VAL E 308 3.25 19.90 8.60
N ALA E 309 4.05 19.56 9.60
CA ALA E 309 3.61 18.71 10.69
C ALA E 309 2.79 19.46 11.74
N PHE E 310 3.15 20.71 11.99
CA PHE E 310 2.43 21.53 12.96
C PHE E 310 2.61 23.03 12.68
N ILE E 311 1.50 23.75 12.55
CA ILE E 311 1.50 25.20 12.69
C ILE E 311 0.60 25.43 13.90
N PRO E 312 1.04 26.26 14.87
CA PRO E 312 0.15 26.54 16.00
C PRO E 312 -1.08 27.32 15.57
N ASN E 313 -2.17 27.12 16.30
CA ASN E 313 -3.32 27.96 16.21
C ASN E 313 -2.96 29.36 16.74
N GLU E 314 -3.27 30.38 15.96
CA GLU E 314 -3.04 31.74 16.41
C GLU E 314 -4.25 32.61 16.13
N PRO E 315 -5.40 32.32 16.78
CA PRO E 315 -6.60 33.13 16.51
C PRO E 315 -6.27 34.54 16.96
N PRO E 316 -6.78 35.58 16.29
CA PRO E 316 -7.73 35.58 15.17
C PRO E 316 -7.10 35.62 13.78
N ARG E 317 -5.79 35.84 13.67
CA ARG E 317 -5.19 36.07 12.34
C ARG E 317 -4.26 35.00 11.80
N TRP E 318 -3.95 33.96 12.59
CA TRP E 318 -3.13 32.85 12.10
C TRP E 318 -2.02 33.28 11.07
N PRO E 319 -1.11 34.19 11.45
CA PRO E 319 -0.10 34.69 10.49
C PRO E 319 0.83 33.61 9.93
N ARG E 320 1.20 32.65 10.78
CA ARG E 320 2.11 31.60 10.35
C ARG E 320 1.46 30.71 9.30
N LEU E 321 0.18 30.42 9.47
CA LEU E 321 -0.62 29.76 8.44
C LEU E 321 -0.63 30.52 7.10
N ALA E 322 -1.03 31.80 7.15
CA ALA E 322 -1.09 32.66 5.97
C ALA E 322 0.22 32.66 5.24
N SER E 323 1.29 32.63 6.02
CA SER E 323 2.61 32.74 5.51
C SER E 323 3.06 31.49 4.81
N VAL E 324 2.77 30.36 5.44
CA VAL E 324 3.10 29.06 4.91
C VAL E 324 2.37 28.73 3.59
N ILE E 325 1.04 28.89 3.56
CA ILE E 325 0.30 28.74 2.33
C ILE E 325 0.88 29.62 1.18
N ARG E 326 1.08 30.92 1.44
CA ARG E 326 1.55 31.79 0.39
C ARG E 326 2.88 31.25 -0.10
N GLN E 327 3.69 30.79 0.83
CA GLN E 327 5.00 30.31 0.48
C GLN E 327 4.91 29.06 -0.44
N ILE E 328 4.01 28.12 -0.11
CA ILE E 328 3.79 26.99 -1.03
C ILE E 328 3.28 27.42 -2.44
N VAL E 329 2.21 28.22 -2.44
CA VAL E 329 1.63 28.73 -3.66
C VAL E 329 2.66 29.47 -4.54
N GLU E 330 3.51 30.29 -3.92
CA GLU E 330 4.52 31.04 -4.72
C GLU E 330 5.58 30.14 -5.40
N ALA E 331 6.06 29.11 -4.69
CA ALA E 331 7.03 28.21 -5.26
C ALA E 331 6.43 27.41 -6.41
N TYR E 332 5.20 26.93 -6.20
CA TYR E 332 4.47 26.21 -7.22
C TYR E 332 4.20 27.10 -8.45
N ALA E 333 3.60 28.27 -8.26
CA ALA E 333 3.35 29.18 -9.40
C ALA E 333 4.59 29.57 -10.22
N ALA E 334 5.75 29.61 -9.57
CA ALA E 334 6.97 30.05 -10.24
C ALA E 334 7.68 28.92 -10.98
N ASP E 335 7.52 27.69 -10.50
CA ASP E 335 8.27 26.59 -11.05
C ASP E 335 7.47 25.62 -11.91
N ALA E 336 6.21 25.38 -11.59
CA ALA E 336 5.47 24.31 -12.24
C ALA E 336 5.17 24.64 -13.70
N ARG E 337 4.99 23.59 -14.48
CA ARG E 337 4.74 23.69 -15.90
C ARG E 337 3.26 23.92 -16.14
N LYS E 338 2.90 24.52 -17.28
CA LYS E 338 1.50 24.69 -17.62
C LYS E 338 0.71 23.41 -17.45
N TYR E 339 -0.48 23.55 -16.87
CA TYR E 339 -1.46 22.46 -16.64
C TYR E 339 -1.13 21.56 -15.45
N GLU E 340 0.08 21.65 -14.91
CA GLU E 340 0.43 20.83 -13.76
C GLU E 340 -0.35 21.26 -12.53
N ARG E 341 -1.02 20.32 -11.88
CA ARG E 341 -1.54 20.56 -10.52
C ARG E 341 -0.37 20.48 -9.54
N VAL E 342 -0.58 21.00 -8.34
CA VAL E 342 0.45 20.98 -7.36
C VAL E 342 1.02 19.55 -7.25
N GLY E 343 0.16 18.54 -7.13
CA GLY E 343 0.64 17.16 -7.03
C GLY E 343 1.42 16.65 -8.24
N ASP E 344 1.05 17.10 -9.43
CA ASP E 344 1.76 16.74 -10.65
C ASP E 344 3.18 17.29 -10.57
N TRP E 345 3.28 18.52 -10.08
CA TRP E 345 4.51 19.24 -9.94
C TRP E 345 5.40 18.50 -8.94
N ALA E 346 4.90 18.33 -7.72
CA ALA E 346 5.62 17.65 -6.65
C ALA E 346 6.13 16.28 -7.11
N GLU E 347 5.28 15.49 -7.72
CA GLU E 347 5.72 14.18 -8.14
C GLU E 347 6.79 14.18 -9.27
N ARG E 348 6.72 15.16 -10.18
CA ARG E 348 7.64 15.19 -11.29
C ARG E 348 9.04 15.63 -10.82
N ILE E 349 9.12 16.73 -10.09
CA ILE E 349 10.41 17.19 -9.60
C ILE E 349 10.94 16.27 -8.49
N GLY E 350 10.03 15.56 -7.82
CA GLY E 350 10.35 14.70 -6.67
C GLY E 350 10.07 15.44 -5.39
N TRP E 351 9.55 14.76 -4.36
CA TRP E 351 9.23 15.43 -3.08
C TRP E 351 10.46 16.02 -2.40
N GLU E 352 11.64 15.44 -2.67
CA GLU E 352 12.85 15.99 -2.10
C GLU E 352 13.06 17.42 -2.63
N ARG E 353 12.67 17.67 -3.89
CA ARG E 353 12.75 19.00 -4.46
C ARG E 353 11.56 19.88 -4.10
N PHE E 354 10.43 19.28 -3.78
CA PHE E 354 9.28 20.06 -3.34
C PHE E 354 9.63 20.74 -2.01
N PHE E 355 10.19 19.97 -1.09
CA PHE E 355 10.52 20.51 0.23
C PHE E 355 11.56 21.62 0.17
N GLU E 356 12.49 21.50 -0.79
CA GLU E 356 13.51 22.51 -0.96
C GLU E 356 12.98 23.76 -1.69
N LYS E 357 12.17 23.57 -2.74
CA LYS E 357 11.62 24.74 -3.43
C LYS E 357 10.65 25.53 -2.56
N CYS E 358 9.92 24.85 -1.68
CA CYS E 358 8.92 25.52 -0.84
C CYS E 358 9.51 25.92 0.50
N GLU E 359 10.79 25.61 0.68
CA GLU E 359 11.54 25.91 1.91
C GLU E 359 10.84 25.36 3.15
N LEU E 360 10.43 24.10 3.08
CA LEU E 360 9.74 23.48 4.19
C LEU E 360 10.65 22.51 4.91
N ASP E 361 10.49 22.41 6.23
CA ASP E 361 11.21 21.45 7.03
C ASP E 361 10.59 20.07 6.85
N PHE E 362 11.40 19.06 7.14
CA PHE E 362 10.99 17.68 7.01
C PHE E 362 11.39 16.93 8.26
N SER E 363 10.51 16.06 8.75
CA SER E 363 10.78 15.29 9.97
C SER E 363 10.10 13.92 10.00
N ILE E 364 10.54 13.10 10.96
CA ILE E 364 9.84 11.91 11.50
C ILE E 364 8.35 11.89 11.06
N HIS E 365 7.65 13.00 11.32
CA HIS E 365 6.19 13.17 11.10
C HIS E 365 5.65 12.95 9.69
N MET E 366 6.49 13.20 8.69
CA MET E 366 6.14 13.01 7.29
C MET E 366 6.20 11.55 6.86
N ILE E 367 6.94 10.72 7.62
CA ILE E 367 7.19 9.32 7.23
C ILE E 367 6.04 8.42 7.67
N ASP E 368 5.34 7.85 6.71
CA ASP E 368 4.21 6.96 7.02
C ASP E 368 4.65 5.84 7.93
N ASP E 369 3.87 5.58 8.99
CA ASP E 369 4.13 4.39 9.81
C ASP E 369 2.83 3.65 10.09
N PHE E 370 1.84 3.85 9.22
CA PHE E 370 0.52 3.25 9.46
C PHE E 370 0.32 1.91 8.73
N ARG E 371 0.39 0.81 9.49
CA ARG E 371 0.16 -0.57 9.02
C ARG E 371 1.03 -0.97 7.84
N ASP E 372 0.72 -2.07 7.17
CA ASP E 372 1.61 -2.55 6.09
C ASP E 372 1.77 -1.58 4.89
N PRO E 373 0.75 -0.73 4.59
CA PRO E 373 0.90 0.17 3.42
C PRO E 373 1.96 1.25 3.59
N ALA E 374 2.33 1.56 4.81
CA ALA E 374 3.38 2.52 5.07
C ALA E 374 4.62 2.18 4.25
N TYR E 375 4.94 0.88 4.20
CA TYR E 375 6.14 0.42 3.54
C TYR E 375 6.27 1.04 2.13
N TYR E 376 5.17 1.06 1.37
CA TYR E 376 5.17 1.47 -0.05
C TYR E 376 5.55 2.93 -0.31
N THR E 377 5.33 3.77 0.70
CA THR E 377 5.56 5.20 0.61
C THR E 377 7.05 5.52 0.72
N TRP E 378 7.84 4.60 1.29
CA TRP E 378 9.28 4.81 1.38
C TRP E 378 9.99 4.65 0.01
N ARG E 379 11.32 4.82 -0.03
CA ARG E 379 12.02 4.91 -1.31
C ARG E 379 12.76 3.59 -1.62
N GLN E 380 12.21 2.80 -2.52
CA GLN E 380 12.83 1.52 -2.89
C GLN E 380 13.51 1.67 -4.23
N THR E 381 14.47 2.57 -4.27
CA THR E 381 15.17 2.90 -5.49
C THR E 381 16.34 3.78 -5.12
N THR E 382 17.32 3.86 -6.01
CA THR E 382 18.43 4.76 -5.79
C THR E 382 18.18 6.02 -6.62
N ASN E 383 17.01 6.07 -7.28
CA ASN E 383 16.62 7.28 -7.99
C ASN E 383 16.13 8.33 -6.99
N PHE E 384 17.06 9.15 -6.54
CA PHE E 384 16.73 10.33 -5.74
C PHE E 384 17.67 11.43 -6.17
N LYS E 385 17.31 12.68 -5.89
CA LYS E 385 18.21 13.82 -6.16
C LYS E 385 18.89 14.23 -4.86
N PHE E 386 20.11 14.76 -4.97
CA PHE E 386 20.83 15.31 -3.78
C PHE E 386 20.33 16.71 -3.39
N ALA F 2 -30.05 18.50 34.45
CA ALA F 2 -31.32 18.83 35.15
C ALA F 2 -31.88 17.63 35.90
N MET F 3 -32.51 17.89 37.04
CA MET F 3 -33.24 16.86 37.79
C MET F 3 -34.73 17.04 37.53
N ILE F 4 -35.44 15.93 37.33
CA ILE F 4 -36.89 15.98 37.17
C ILE F 4 -37.68 15.06 38.12
N GLU F 5 -38.94 15.43 38.34
CA GLU F 5 -39.88 14.71 39.20
C GLU F 5 -41.06 14.19 38.38
N PHE F 6 -41.39 12.90 38.56
CA PHE F 6 -42.54 12.27 37.89
C PHE F 6 -43.16 11.18 38.77
N LYS F 7 -44.41 11.40 39.18
CA LYS F 7 -45.14 10.50 40.09
C LYS F 7 -44.27 10.11 41.28
N GLY F 8 -43.79 11.15 41.98
CA GLY F 8 -42.94 11.01 43.17
C GLY F 8 -41.60 10.33 42.99
N LYS F 9 -41.14 10.24 41.75
CA LYS F 9 -39.85 9.61 41.44
C LYS F 9 -38.89 10.66 40.84
N SER F 10 -37.61 10.53 41.15
CA SER F 10 -36.60 11.49 40.69
C SER F 10 -35.64 10.88 39.66
N PHE F 11 -35.49 11.54 38.51
CA PHE F 11 -34.53 11.10 37.48
C PHE F 11 -33.60 12.22 37.05
N GLU F 12 -32.31 11.92 36.89
CA GLU F 12 -31.36 12.89 36.27
C GLU F 12 -31.33 12.73 34.73
N ILE F 13 -31.49 13.84 34.03
CA ILE F 13 -31.63 13.84 32.58
C ILE F 13 -30.77 14.92 31.91
N ASP F 14 -30.45 14.71 30.63
CA ASP F 14 -29.71 15.70 29.85
C ASP F 14 -30.67 16.60 29.06
N GLU F 15 -30.13 17.49 28.23
CA GLU F 15 -30.96 18.39 27.41
C GLU F 15 -31.89 17.64 26.43
N ASP F 16 -31.56 16.39 26.11
CA ASP F 16 -32.31 15.63 25.11
C ASP F 16 -33.31 14.67 25.74
N GLY F 17 -33.24 14.57 27.07
CA GLY F 17 -34.23 13.86 27.84
C GLY F 17 -33.86 12.42 28.04
N PHE F 18 -32.57 12.10 27.76
CA PHE F 18 -32.04 10.76 28.00
C PHE F 18 -31.69 10.62 29.45
N LEU F 19 -31.85 9.42 29.97
CA LEU F 19 -31.51 9.13 31.35
C LEU F 19 -29.97 9.10 31.51
N LEU F 20 -29.46 9.86 32.47
CA LEU F 20 -28.00 9.98 32.67
C LEU F 20 -27.40 8.72 33.26
N LYS F 21 -28.09 8.12 34.21
CA LYS F 21 -27.53 6.95 34.89
C LYS F 21 -28.48 5.77 34.79
N PHE F 22 -28.00 4.70 34.17
CA PHE F 22 -28.84 3.56 33.85
C PHE F 22 -29.28 2.84 35.12
N GLU F 23 -28.40 2.82 36.12
CA GLU F 23 -28.72 2.25 37.44
C GLU F 23 -29.86 3.00 38.12
N ASP F 24 -30.16 4.22 37.65
CA ASP F 24 -31.25 5.03 38.21
C ASP F 24 -32.62 4.76 37.55
N TRP F 25 -32.68 3.75 36.68
CA TRP F 25 -33.91 3.42 35.96
C TRP F 25 -35.03 2.97 36.88
N GLY F 26 -36.25 3.42 36.58
CA GLY F 26 -37.46 2.96 37.25
C GLY F 26 -38.55 2.62 36.24
N PRO F 27 -39.58 1.85 36.65
CA PRO F 27 -40.64 1.51 35.68
C PRO F 27 -41.46 2.74 35.28
N GLU F 28 -41.21 3.86 35.97
CA GLU F 28 -41.85 5.16 35.70
C GLU F 28 -41.17 5.91 34.54
N TRP F 29 -39.89 5.62 34.31
CA TRP F 29 -39.11 6.31 33.29
C TRP F 29 -39.78 6.36 31.92
N ALA F 30 -40.18 5.19 31.40
CA ALA F 30 -40.87 5.11 30.13
C ALA F 30 -42.17 5.96 30.12
N GLU F 31 -42.91 5.94 31.21
CA GLU F 31 -44.19 6.67 31.29
C GLU F 31 -43.94 8.18 31.27
N TYR F 32 -42.83 8.61 31.87
CA TYR F 32 -42.42 10.01 31.83
C TYR F 32 -42.02 10.44 30.41
N VAL F 33 -41.49 9.52 29.63
CA VAL F 33 -40.91 9.85 28.33
C VAL F 33 -41.95 9.90 27.21
N LYS F 34 -42.92 9.00 27.24
CA LYS F 34 -43.80 8.80 26.09
C LYS F 34 -44.41 10.05 25.44
N GLU F 35 -44.72 11.08 26.22
CA GLU F 35 -45.36 12.27 25.66
C GLU F 35 -44.44 12.99 24.67
N SER F 36 -43.19 13.22 25.09
CA SER F 36 -42.17 13.84 24.23
C SER F 36 -41.87 12.98 22.99
N GLU F 37 -42.11 11.68 23.09
CA GLU F 37 -41.85 10.80 21.98
C GLU F 37 -43.06 10.38 21.18
N GLY F 38 -44.13 11.17 21.26
CA GLY F 38 -45.39 10.95 20.51
C GLY F 38 -46.19 9.66 20.76
N ILE F 39 -46.02 9.06 21.94
CA ILE F 39 -46.67 7.79 22.28
C ILE F 39 -47.76 8.03 23.36
N SER F 40 -49.01 7.69 23.03
CA SER F 40 -50.12 7.83 23.98
C SER F 40 -49.91 6.90 25.14
N GLU F 41 -49.72 5.62 24.81
CA GLU F 41 -49.62 4.57 25.80
C GLU F 41 -48.66 3.50 25.33
N ILE F 42 -47.95 2.92 26.28
CA ILE F 42 -47.02 1.84 26.02
C ILE F 42 -47.79 0.55 25.80
N THR F 43 -47.77 0.05 24.58
CA THR F 43 -48.41 -1.23 24.22
C THR F 43 -47.45 -2.40 24.49
N GLU F 44 -47.96 -3.63 24.43
CA GLU F 44 -47.12 -4.84 24.50
C GLU F 44 -45.94 -4.82 23.49
N ALA F 45 -46.22 -4.35 22.27
CA ALA F 45 -45.20 -4.24 21.22
C ALA F 45 -44.07 -3.29 21.63
N HIS F 46 -44.44 -2.10 22.10
CA HIS F 46 -43.48 -1.17 22.68
C HIS F 46 -42.65 -1.87 23.72
N GLN F 47 -43.31 -2.56 24.65
CA GLN F 47 -42.64 -3.20 25.79
C GLN F 47 -41.64 -4.28 25.37
N GLN F 48 -41.98 -5.07 24.36
CA GLN F 48 -41.07 -6.09 23.88
C GLN F 48 -39.77 -5.45 23.40
N ILE F 49 -39.90 -4.32 22.72
CA ILE F 49 -38.75 -3.58 22.19
C ILE F 49 -37.93 -2.97 23.32
N LEU F 50 -38.63 -2.31 24.24
CA LEU F 50 -37.98 -1.77 25.43
C LEU F 50 -37.22 -2.88 26.16
N ASP F 51 -37.88 -3.99 26.45
CA ASP F 51 -37.26 -5.08 27.19
C ASP F 51 -36.00 -5.61 26.49
N PHE F 52 -36.07 -5.76 25.17
CA PHE F 52 -34.93 -6.28 24.42
C PHE F 52 -33.70 -5.37 24.45
N LEU F 53 -33.94 -4.06 24.37
CA LEU F 53 -32.89 -3.06 24.38
C LEU F 53 -32.17 -3.04 25.74
N GLN F 54 -32.93 -3.08 26.84
CA GLN F 54 -32.37 -3.11 28.21
C GLN F 54 -31.54 -4.33 28.41
N ASP F 55 -32.08 -5.44 27.95
CA ASP F 55 -31.44 -6.73 28.08
C ASP F 55 -30.17 -6.79 27.23
N TYR F 56 -30.23 -6.25 26.03
CA TYR F 56 -29.07 -6.20 25.15
C TYR F 56 -27.96 -5.25 25.64
N TYR F 57 -28.35 -4.11 26.23
CA TYR F 57 -27.40 -3.22 26.88
C TYR F 57 -26.77 -3.87 28.13
N LYS F 58 -27.61 -4.50 28.98
CA LYS F 58 -27.10 -5.25 30.14
C LYS F 58 -26.09 -6.33 29.77
N LYS F 59 -26.35 -7.07 28.69
CA LYS F 59 -25.45 -8.15 28.31
C LYS F 59 -24.16 -7.65 27.64
N ASN F 60 -24.29 -6.70 26.72
CA ASN F 60 -23.21 -6.40 25.77
C ASN F 60 -22.52 -5.06 25.95
N GLY F 61 -23.15 -4.18 26.72
CA GLY F 61 -22.61 -2.83 26.99
C GLY F 61 -22.74 -1.85 25.83
N ILE F 62 -23.52 -2.25 24.83
CA ILE F 62 -23.85 -1.40 23.70
C ILE F 62 -25.36 -1.47 23.40
N ALA F 63 -25.85 -0.53 22.60
CA ALA F 63 -27.14 -0.69 21.95
C ALA F 63 -26.96 -1.66 20.75
N PRO F 64 -28.04 -2.37 20.36
CA PRO F 64 -27.94 -3.26 19.20
C PRO F 64 -28.01 -2.50 17.89
N MET F 65 -27.39 -3.03 16.83
CA MET F 65 -27.56 -2.48 15.47
C MET F 65 -29.02 -2.63 15.09
N VAL F 66 -29.48 -1.75 14.18
CA VAL F 66 -30.89 -1.79 13.76
C VAL F 66 -31.29 -3.14 13.14
N ARG F 67 -30.41 -3.72 12.33
CA ARG F 67 -30.70 -5.05 11.77
C ARG F 67 -30.79 -6.17 12.84
N ILE F 68 -30.05 -6.02 13.94
CA ILE F 68 -30.12 -6.97 15.06
C ILE F 68 -31.44 -6.81 15.82
N LEU F 69 -31.86 -5.57 15.99
CA LEU F 69 -33.12 -5.24 16.70
C LEU F 69 -34.35 -5.74 15.94
N SER F 70 -34.36 -5.53 14.63
CA SER F 70 -35.40 -6.06 13.75
C SER F 70 -35.49 -7.58 13.81
N LYS F 71 -34.37 -8.25 13.59
CA LYS F 71 -34.36 -9.68 13.46
C LYS F 71 -34.62 -10.33 14.80
N SER F 72 -34.17 -9.72 15.90
CA SER F 72 -34.37 -10.35 17.20
C SER F 72 -35.78 -10.17 17.76
N THR F 73 -36.45 -9.07 17.40
CA THR F 73 -37.79 -8.79 17.93
C THR F 73 -38.90 -9.17 16.97
N GLY F 74 -38.53 -9.36 15.70
CA GLY F 74 -39.51 -9.55 14.61
C GLY F 74 -40.19 -8.29 14.09
N TYR F 75 -39.86 -7.12 14.63
CA TYR F 75 -40.40 -5.87 14.09
C TYR F 75 -39.52 -5.33 12.97
N LYS F 76 -40.08 -5.18 11.78
CA LYS F 76 -39.38 -4.49 10.67
C LYS F 76 -39.21 -3.00 11.03
N LEU F 77 -38.25 -2.36 10.37
CA LEU F 77 -37.99 -0.95 10.59
C LEU F 77 -39.26 -0.10 10.49
N LYS F 78 -40.10 -0.36 9.48
CA LYS F 78 -41.33 0.38 9.29
C LYS F 78 -42.22 0.28 10.53
N GLN F 79 -42.24 -0.89 11.18
CA GLN F 79 -43.13 -1.09 12.34
C GLN F 79 -42.58 -0.38 13.59
N ILE F 80 -41.26 -0.40 13.77
CA ILE F 80 -40.59 0.35 14.84
C ILE F 80 -40.96 1.84 14.81
N TYR F 81 -40.99 2.43 13.60
CA TYR F 81 -41.39 3.84 13.41
C TYR F 81 -42.87 4.09 13.69
N GLU F 82 -43.70 3.09 13.45
CA GLU F 82 -45.13 3.18 13.77
C GLU F 82 -45.31 3.24 15.28
N LEU F 83 -44.54 2.36 15.96
CA LEU F 83 -44.51 2.28 17.39
C LEU F 83 -43.78 3.50 18.01
N PHE F 84 -42.61 3.80 17.46
CA PHE F 84 -41.76 4.87 17.95
C PHE F 84 -41.50 5.88 16.85
N PRO F 85 -42.33 6.93 16.77
CA PRO F 85 -42.21 7.85 15.63
C PRO F 85 -40.84 8.56 15.44
N SER F 86 -39.97 8.57 16.44
CA SER F 86 -38.62 9.18 16.33
C SER F 86 -37.51 8.19 15.91
N GLY F 87 -37.94 6.93 15.83
CA GLY F 87 -37.10 5.84 15.43
C GLY F 87 -36.54 5.08 16.61
N PRO F 88 -35.72 4.06 16.32
CA PRO F 88 -35.15 3.20 17.35
C PRO F 88 -34.15 3.91 18.29
N GLY F 89 -33.47 4.96 17.82
CA GLY F 89 -32.55 5.71 18.64
C GLY F 89 -33.23 6.70 19.59
N LYS F 90 -33.71 7.81 19.04
CA LYS F 90 -34.34 8.88 19.84
C LYS F 90 -35.63 8.46 20.55
N GLY F 91 -36.36 7.51 19.97
CA GLY F 91 -37.58 7.01 20.60
C GLY F 91 -37.28 5.85 21.55
N ALA F 92 -37.03 4.68 20.96
CA ALA F 92 -36.94 3.44 21.71
C ALA F 92 -35.80 3.45 22.72
N CYS F 93 -34.56 3.76 22.29
CA CYS F 93 -33.41 3.73 23.19
C CYS F 93 -33.58 4.71 24.35
N LYS F 94 -34.15 5.88 24.06
CA LYS F 94 -34.47 6.85 25.09
C LYS F 94 -35.45 6.23 26.10
N MET F 95 -36.56 5.69 25.58
CA MET F 95 -37.55 5.10 26.46
C MET F 95 -37.03 3.92 27.28
N ALA F 96 -36.02 3.21 26.78
CA ALA F 96 -35.54 2.01 27.45
C ALA F 96 -34.60 2.39 28.58
N GLY F 97 -34.21 3.65 28.62
CA GLY F 97 -33.22 4.10 29.59
C GLY F 97 -31.78 3.88 29.16
N LEU F 98 -31.53 3.63 27.89
CA LEU F 98 -30.14 3.54 27.39
C LEU F 98 -29.47 4.90 27.15
N PRO F 99 -28.12 4.91 27.01
CA PRO F 99 -27.40 6.15 26.69
C PRO F 99 -27.72 6.68 25.30
N LYS F 100 -27.72 8.00 25.17
CA LYS F 100 -27.77 8.70 23.87
C LYS F 100 -26.88 7.98 22.87
N PRO F 101 -27.40 7.69 21.67
CA PRO F 101 -26.48 7.31 20.58
C PRO F 101 -25.50 8.45 20.23
N THR F 102 -24.28 8.08 19.86
CA THR F 102 -23.22 9.02 19.51
C THR F 102 -22.69 8.78 18.08
N GLY F 103 -21.61 9.45 17.70
CA GLY F 103 -21.13 9.38 16.33
C GLY F 103 -21.82 10.44 15.51
N CYS F 104 -21.64 10.41 14.19
CA CYS F 104 -22.18 11.48 13.34
C CYS F 104 -23.62 11.21 13.01
N VAL F 105 -24.50 11.61 13.93
CA VAL F 105 -25.91 11.26 13.90
C VAL F 105 -26.66 12.14 12.91
FE1 SF4 G . 20.78 10.86 -15.17
FE2 SF4 G . 21.25 9.81 -17.55
FE3 SF4 G . 18.88 11.11 -16.97
FE4 SF4 G . 19.35 8.68 -15.93
S1 SF4 G . 19.14 9.14 -18.16
S2 SF4 G . 18.56 10.48 -14.76
S3 SF4 G . 21.61 8.75 -15.58
S4 SF4 G . 20.94 12.02 -17.13
FE1 SF4 H . 28.38 -4.08 -11.01
FE2 SF4 H . 28.98 -3.12 -13.48
FE3 SF4 H . 27.05 -1.94 -12.00
FE4 SF4 H . 26.61 -4.39 -12.98
S1 SF4 H . 26.90 -2.52 -14.23
S2 SF4 H . 26.16 -3.66 -10.85
S3 SF4 H . 28.70 -5.29 -12.90
S4 SF4 H . 29.29 -2.05 -11.49
FE SRM I . 24.34 -6.81 -15.83
CHA SRM I . 24.90 -4.31 -18.03
CHB SRM I . 27.35 -8.08 -16.62
CHC SRM I . 23.76 -9.58 -13.95
CHD SRM I . 21.29 -5.47 -14.97
NA SRM I . 25.91 -6.23 -17.06
C1A SRM I . 25.96 -5.11 -17.78
C2A SRM I . 27.33 -4.93 -18.43
CMA SRM I . 27.29 -4.26 -19.81
CDA SRM I . 28.17 -4.08 -17.49
CEA SRM I . 29.52 -3.73 -18.10
O3A SRM I . 29.74 -2.53 -18.45
O4A SRM I . 30.35 -4.67 -18.18
C3A SRM I . 27.77 -6.42 -18.45
CAA SRM I . 27.38 -7.15 -19.73
CBA SRM I . 25.86 -7.32 -19.94
CCA SRM I . 25.50 -8.16 -21.17
O1A SRM I . 26.06 -9.27 -21.28
O2A SRM I . 24.69 -7.70 -22.02
C4A SRM I . 26.98 -6.99 -17.30
NB SRM I . 25.38 -8.54 -15.35
C1B SRM I . 26.63 -8.80 -15.74
C2B SRM I . 27.16 -10.05 -15.04
CMB SRM I . 28.18 -10.79 -15.91
CDB SRM I . 27.80 -9.59 -13.72
CEB SRM I . 28.33 -10.59 -12.72
O3B SRM I . 28.82 -10.09 -11.68
O4B SRM I . 28.27 -11.85 -12.92
C3B SRM I . 25.81 -10.76 -14.85
CAB SRM I . 25.43 -11.56 -16.09
CBB SRM I . 24.21 -12.47 -15.90
CCB SRM I . 24.05 -13.42 -17.05
O1B SRM I . 24.83 -14.40 -17.10
O2B SRM I . 23.17 -13.22 -17.92
C4B SRM I . 24.87 -9.57 -14.71
NC SRM I . 22.75 -7.43 -14.63
C1C SRM I . 22.66 -8.58 -13.94
C2C SRM I . 21.43 -8.70 -13.12
CDC SRM I . 21.05 -9.80 -12.14
CEC SRM I . 20.04 -10.76 -12.63
O3C SRM I . 19.56 -10.56 -13.79
O4C SRM I . 19.77 -11.72 -11.87
C3C SRM I . 20.70 -7.46 -13.43
CAC SRM I . 19.36 -6.97 -12.91
CBC SRM I . 18.20 -7.52 -13.72
CCC SRM I . 17.02 -6.60 -13.46
O1C SRM I . 17.10 -5.42 -13.87
O2C SRM I . 16.01 -7.07 -12.86
C4C SRM I . 21.61 -6.77 -14.37
ND SRM I . 23.28 -5.11 -16.37
C1D SRM I . 22.03 -4.74 -16.02
C2D SRM I . 21.52 -3.51 -16.68
CAD SRM I . 20.21 -2.76 -16.49
CBD SRM I . 19.05 -3.67 -16.93
CCD SRM I . 18.59 -3.44 -18.36
O1D SRM I . 18.61 -4.42 -19.17
O2D SRM I . 18.15 -2.33 -18.70
C3D SRM I . 22.62 -3.17 -17.58
CDD SRM I . 22.75 -2.04 -18.54
CED SRM I . 22.63 -2.57 -19.96
O3D SRM I . 22.78 -1.77 -20.90
O4D SRM I . 22.37 -3.78 -20.16
C4D SRM I . 23.61 -4.24 -17.33
FE1 SF4 J . -1.60 -20.66 7.21
FE2 SF4 J . -2.46 -22.31 5.33
FE3 SF4 J . -0.32 -23.07 6.90
FE4 SF4 J . -0.07 -21.00 5.08
S1 SF4 J . -0.41 -23.22 4.65
S2 SF4 J . -2.48 -22.74 7.55
S3 SF4 J . -2.18 -20.09 5.05
S4 SF4 J . 0.65 -21.02 7.25
FE1 SF4 K . 10.91 -23.19 -1.60
FE2 SF4 K . 13.54 -22.42 -1.62
FE3 SF4 K . 12.36 -24.11 -3.49
FE4 SF4 K . 12.86 -25.04 -1.17
S1 SF4 K . 11.91 -21.84 -3.12
S2 SF4 K . 10.88 -25.34 -2.32
S3 SF4 K . 12.38 -23.25 0.17
S4 SF4 K . 14.50 -24.28 -2.56
FE SRM L . 16.23 -19.89 0.64
CHA SRM L . 14.64 -21.34 3.23
CHB SRM L . 17.12 -22.79 -0.54
CHC SRM L . 18.54 -18.40 -1.38
CHD SRM L . 14.29 -17.13 0.75
NA SRM L . 16.02 -21.81 1.38
C1A SRM L . 15.38 -22.18 2.48
C2A SRM L . 15.59 -23.69 2.72
CMA SRM L . 16.75 -23.81 3.72
CDA SRM L . 14.33 -24.47 3.11
CEA SRM L . 14.47 -25.28 4.39
O3A SRM L . 13.69 -25.00 5.34
O4A SRM L . 15.30 -26.21 4.48
C3A SRM L . 16.02 -24.19 1.32
CAA SRM L . 17.07 -25.30 1.42
CBA SRM L . 17.14 -26.07 0.13
CCA SRM L . 18.01 -27.32 0.21
O1A SRM L . 17.42 -28.42 0.28
O2A SRM L . 19.27 -27.21 0.18
C4A SRM L . 16.45 -22.88 0.65
NB SRM L . 17.76 -20.49 -0.63
C1B SRM L . 17.88 -21.77 -1.02
C2B SRM L . 18.97 -21.89 -2.08
CMB SRM L . 19.76 -23.19 -1.88
CDB SRM L . 18.30 -21.81 -3.45
CEB SRM L . 19.16 -22.25 -4.62
O3B SRM L . 18.76 -23.20 -5.33
O4B SRM L . 20.21 -21.62 -4.89
C3B SRM L . 19.75 -20.59 -1.80
CAB SRM L . 20.90 -20.74 -0.80
CBB SRM L . 22.15 -21.33 -1.44
CCB SRM L . 23.42 -20.57 -1.09
O1B SRM L . 23.98 -20.87 -0.03
O2B SRM L . 23.83 -19.69 -1.87
C4B SRM L . 18.66 -19.73 -1.22
NC SRM L . 16.40 -17.97 -0.13
C1C SRM L . 17.36 -17.55 -0.99
C2C SRM L . 17.14 -16.13 -1.47
CDC SRM L . 17.93 -15.27 -2.41
CEC SRM L . 19.31 -14.86 -2.02
O3C SRM L . 19.92 -14.20 -2.89
O4C SRM L . 19.76 -15.14 -0.90
C3C SRM L . 15.85 -15.76 -0.81
CAC SRM L . 15.04 -14.49 -0.95
CBC SRM L . 15.57 -13.28 -0.22
CCC SRM L . 15.32 -13.49 1.24
O1C SRM L . 14.13 -13.37 1.69
O2C SRM L . 16.33 -13.76 1.93
C4C SRM L . 15.50 -16.99 -0.03
ND SRM L . 14.67 -19.29 1.88
C1D SRM L . 13.97 -18.17 1.75
C2D SRM L . 12.87 -18.05 2.72
CAD SRM L . 11.92 -16.90 2.87
CBD SRM L . 12.50 -16.01 3.96
CCD SRM L . 11.52 -14.88 4.17
O1D SRM L . 10.34 -14.98 3.67
O2D SRM L . 11.93 -13.88 4.82
C3D SRM L . 12.96 -19.29 3.49
CDD SRM L . 12.03 -19.72 4.60
CED SRM L . 12.57 -19.39 5.95
O3D SRM L . 11.96 -19.90 6.91
O4D SRM L . 13.58 -18.64 6.03
C4D SRM L . 14.11 -20.00 2.86
S SO3 M . 17.74 -19.54 2.32
O1 SO3 M . 18.39 -18.28 1.97
O2 SO3 M . 17.19 -19.34 3.64
O3 SO3 M . 18.75 -20.59 2.34
FE1 SF4 N . -7.91 10.64 -24.57
FE2 SF4 N . -7.41 13.20 -25.03
FE3 SF4 N . -5.38 11.37 -24.69
FE4 SF4 N . -6.87 12.10 -22.58
S1 SF4 N . -5.52 13.49 -23.83
S2 SF4 N . -6.30 9.95 -23.09
S3 SF4 N . -8.93 12.41 -23.51
S4 SF4 N . -6.85 11.48 -26.41
FE1 SF4 O . -20.03 18.01 -14.80
FE2 SF4 O . -19.15 19.53 -16.83
FE3 SF4 O . -17.89 17.23 -16.26
FE4 SF4 O . -17.69 19.25 -14.56
S1 SF4 O . -16.88 19.25 -16.65
S2 SF4 O . -18.11 17.07 -14.00
S3 SF4 O . -19.73 20.26 -14.76
S4 SF4 O . -20.06 17.46 -17.00
FE SRM P . -15.03 22.28 -12.88
CHA SRM P . -13.85 22.66 -16.03
CHB SRM P . -17.55 24.44 -13.66
CHC SRM P . -16.11 22.32 -9.70
CHD SRM P . -12.49 20.08 -12.11
NA SRM P . -15.67 23.28 -14.59
C1A SRM P . -15.07 23.22 -15.78
C2A SRM P . -15.90 23.98 -16.80
CMA SRM P . -15.05 24.64 -17.93
CDA SRM P . -16.91 23.02 -17.37
CEA SRM P . -17.65 23.57 -18.55
O3A SRM P . -17.23 23.21 -19.71
O4A SRM P . -18.65 24.33 -18.32
C3A SRM P . -16.61 25.00 -15.90
CAA SRM P . -15.89 26.36 -15.80
CBA SRM P . -14.52 26.26 -15.13
CCA SRM P . -13.90 27.56 -14.67
O1A SRM P . -14.60 28.43 -14.07
O2A SRM P . -12.67 27.72 -14.91
C4A SRM P . -16.64 24.21 -14.61
NB SRM P . -16.60 23.16 -11.85
C1B SRM P . -17.55 23.94 -12.40
C2B SRM P . -18.61 24.27 -11.36
CMB SRM P . -19.28 25.64 -11.57
CDB SRM P . -19.65 23.15 -11.47
CEB SRM P . -20.78 23.16 -10.47
O3B SRM P . -21.57 22.19 -10.52
O4B SRM P . -20.89 24.12 -9.64
C3B SRM P . -17.72 24.20 -10.11
CAB SRM P . -17.01 25.55 -9.87
CBB SRM P . -16.40 25.68 -8.48
CCB SRM P . -15.92 27.08 -8.12
O1B SRM P . -16.75 27.81 -7.55
O2B SRM P . -14.73 27.44 -8.34
C4B SRM P . -16.71 23.17 -10.54
NC SRM P . -14.38 21.33 -11.18
C1C SRM P . -14.92 21.47 -9.95
C2C SRM P . -14.28 20.61 -8.91
CDC SRM P . -14.74 20.47 -7.50
CEC SRM P . -13.86 20.98 -6.44
O3C SRM P . -12.89 21.69 -6.79
O4C SRM P . -14.19 20.68 -5.28
C3C SRM P . -13.21 19.93 -9.65
CAC SRM P . -12.18 18.92 -9.20
CBC SRM P . -10.96 19.54 -8.56
CCC SRM P . -9.85 18.51 -8.67
O1C SRM P . -9.48 18.18 -9.82
O2C SRM P . -9.37 18.01 -7.63
C4C SRM P . -13.37 20.46 -11.02
ND SRM P . -13.41 21.44 -13.93
C1D SRM P . -12.43 20.67 -13.45
C2D SRM P . -11.38 20.33 -14.44
CAD SRM P . -10.18 19.41 -14.24
CBD SRM P . -9.22 20.01 -13.21
CCD SRM P . -8.10 20.80 -13.86
O1D SRM P . -8.04 22.04 -13.66
O2D SRM P . -7.25 20.23 -14.55
C3D SRM P . -11.80 21.08 -15.64
CDD SRM P . -11.12 21.19 -16.97
CED SRM P . -10.51 22.59 -17.11
O3D SRM P . -9.79 22.86 -18.08
O4D SRM P . -10.73 23.46 -16.23
C4D SRM P . -13.03 21.77 -15.18
FE1 SF4 Q . -7.25 5.90 19.87
FE2 SF4 Q . -8.73 7.88 20.97
FE3 SF4 Q . -7.63 8.16 18.46
FE4 SF4 Q . -6.06 8.15 20.65
S1 SF4 Q . -7.71 9.69 20.13
S2 SF4 Q . -5.66 7.04 18.73
S3 SF4 Q . -7.10 6.66 22.03
S4 SF4 Q . -9.26 6.66 19.12
FE1 SF4 R . -14.33 17.35 12.17
FE2 SF4 R . -16.62 18.58 12.98
FE3 SF4 R . -16.40 17.64 10.40
FE4 SF4 R . -14.87 19.72 11.42
S1 SF4 R . -17.19 19.67 11.09
S2 SF4 R . -14.18 18.01 10.00
S3 SF4 R . -14.48 19.16 13.58
S4 SF4 R . -16.42 16.39 12.32
FE SRM S . -19.05 15.09 8.15
CHA SRM S . -19.34 13.50 11.11
CHB SRM S . -20.02 17.91 9.48
CHC SRM S . -19.71 16.34 5.05
CHD SRM S . -16.79 12.95 7.00
NA SRM S . -19.70 15.60 10.05
C1A SRM S . -19.77 14.79 11.12
C2A SRM S . -20.34 15.55 12.32
CMA SRM S . -21.84 15.29 12.32
CDA SRM S . -19.69 15.25 13.68
CEA SRM S . -20.71 14.92 14.78
O3A SRM S . -20.68 13.81 15.35
O4A SRM S . -21.56 15.77 15.12
C3A SRM S . -20.02 17.00 11.90
CAA SRM S . -20.77 18.14 12.63
CBA SRM S . -21.88 18.87 11.91
CCA SRM S . -22.32 20.15 12.61
O1A SRM S . -21.79 20.56 13.67
O2A SRM S . -23.27 20.76 12.06
C4A SRM S . -19.97 16.89 10.37
NB SRM S . -19.90 16.81 7.36
C1B SRM S . -20.16 17.87 8.13
C2B SRM S . -20.62 19.05 7.26
CMB SRM S . -21.70 19.87 7.99
CDB SRM S . -19.38 19.90 6.93
CEB SRM S . -19.70 21.28 6.36
O3B SRM S . -19.38 22.29 7.02
O4B SRM S . -20.28 21.37 5.24
C3B SRM S . -21.07 18.27 5.98
CAB SRM S . -22.55 17.85 5.87
CBB SRM S . -23.49 19.02 5.63
CCB SRM S . -24.55 18.69 4.61
O1B SRM S . -25.63 18.20 5.02
O2B SRM S . -24.29 18.92 3.41
C4B SRM S . -20.19 17.05 6.09
NC SRM S . -18.37 14.62 6.24
C1C SRM S . -18.68 15.27 5.09
C2C SRM S . -17.92 14.73 3.91
CDC SRM S . -17.93 15.13 2.46
CEC SRM S . -19.21 15.05 1.69
O3C SRM S . -19.15 15.53 0.54
O4C SRM S . -20.20 14.50 2.20
C3C SRM S . -17.03 13.72 4.51
CAC SRM S . -15.99 12.85 3.81
CBC SRM S . -16.56 11.73 2.96
CCC SRM S . -17.09 10.65 3.88
O1C SRM S . -16.26 9.92 4.46
O2C SRM S . -18.34 10.54 4.04
C4C SRM S . -17.41 13.75 5.95
ND SRM S . -18.19 13.39 8.95
C1D SRM S . -17.24 12.68 8.36
C2D SRM S . -16.73 11.57 9.17
CAD SRM S . -15.69 10.56 8.77
CBD SRM S . -16.38 9.31 8.26
CCD SRM S . -15.35 8.24 7.90
O1D SRM S . -14.12 8.40 8.21
O2D SRM S . -15.78 7.23 7.31
C3D SRM S . -17.49 11.68 10.43
CDD SRM S . -17.33 10.77 11.63
CED SRM S . -18.38 9.70 11.77
O3D SRM S . -18.47 9.10 12.86
O4D SRM S . -19.14 9.47 10.82
C4D SRM S . -18.35 12.88 10.18
S SO3 T . -21.01 13.91 7.80
O1 SO3 T . -21.26 12.71 8.62
O2 SO3 T . -21.97 14.92 8.16
O3 SO3 T . -21.29 13.54 6.42
#